data_2ZHH
# 
_entry.id   2ZHH 
# 
_audit_conform.dict_name       mmcif_pdbx.dic 
_audit_conform.dict_version    5.380 
_audit_conform.dict_location   http://mmcif.pdb.org/dictionaries/ascii/mmcif_pdbx.dic 
# 
loop_
_database_2.database_id 
_database_2.database_code 
_database_2.pdbx_database_accession 
_database_2.pdbx_DOI 
PDB   2ZHH         pdb_00002zhh 10.2210/pdb2zhh/pdb 
RCSB  RCSB027977   ?            ?                   
WWPDB D_1000027977 ?            ?                   
# 
_pdbx_database_related.db_name        PDB 
_pdbx_database_related.db_id          2ZHG 
_pdbx_database_related.details        'the same protein complexed with DNA' 
_pdbx_database_related.content_type   unspecified 
# 
_pdbx_database_status.status_code                     REL 
_pdbx_database_status.entry_id                        2ZHH 
_pdbx_database_status.recvd_initial_deposition_date   2008-02-05 
_pdbx_database_status.deposit_site                    PDBJ 
_pdbx_database_status.process_site                    PDBJ 
_pdbx_database_status.status_code_sf                  REL 
_pdbx_database_status.status_code_mr                  ? 
_pdbx_database_status.SG_entry                        ? 
_pdbx_database_status.pdb_format_compatible           Y 
_pdbx_database_status.status_code_cs                  ? 
_pdbx_database_status.status_code_nmr_data            ? 
_pdbx_database_status.methods_development_category    ? 
# 
loop_
_audit_author.name 
_audit_author.pdbx_ordinal 
'Watanabe, S.'  1 
'Kita, A.'      2 
'Kobayashi, K.' 3 
'Miki, K.'      4 
# 
_citation.id                        primary 
_citation.title                     'Crystal structure of the [2Fe-2S] oxidative-stress sensor SoxR bound to DNA' 
_citation.journal_abbrev            Proc.Natl.Acad.Sci.Usa 
_citation.journal_volume            105 
_citation.page_first                4121 
_citation.page_last                 4126 
_citation.year                      2008 
_citation.journal_id_ASTM           PNASA6 
_citation.country                   US 
_citation.journal_id_ISSN           0027-8424 
_citation.journal_id_CSD            0040 
_citation.book_publisher            ? 
_citation.pdbx_database_id_PubMed   18334645 
_citation.pdbx_database_id_DOI      10.1073/pnas.0709188105 
# 
loop_
_citation_author.citation_id 
_citation_author.name 
_citation_author.ordinal 
_citation_author.identifier_ORCID 
primary 'Watanabe, S.'  1 ? 
primary 'Kita, A.'      2 ? 
primary 'Kobayashi, K.' 3 ? 
primary 'Miki, K.'      4 ? 
# 
_cell.entry_id           2ZHH 
_cell.length_a           80.006 
_cell.length_b           80.006 
_cell.length_c           88.118 
_cell.angle_alpha        90.00 
_cell.angle_beta         90.00 
_cell.angle_gamma        120.00 
_cell.Z_PDB              6 
_cell.pdbx_unique_axis   ? 
_cell.length_a_esd       ? 
_cell.length_b_esd       ? 
_cell.length_c_esd       ? 
_cell.angle_alpha_esd    ? 
_cell.angle_beta_esd     ? 
_cell.angle_gamma_esd    ? 
# 
_symmetry.entry_id                         2ZHH 
_symmetry.space_group_name_H-M             'P 62' 
_symmetry.pdbx_full_space_group_name_H-M   ? 
_symmetry.cell_setting                     ? 
_symmetry.Int_Tables_number                171 
_symmetry.space_group_name_Hall            ? 
# 
loop_
_entity.id 
_entity.type 
_entity.src_method 
_entity.pdbx_description 
_entity.formula_weight 
_entity.pdbx_number_of_molecules 
_entity.pdbx_ec 
_entity.pdbx_mutation 
_entity.pdbx_fragment 
_entity.details 
1 polymer     man 'Redox-sensitive transcriptional activator soxR' 17177.752 1 ? ? ? ? 
2 non-polymer syn 'FE2/S2 (INORGANIC) CLUSTER'                     175.820   1 ? ? ? ? 
3 non-polymer syn 2,3-DIHYDROXY-1,4-DITHIOBUTANE                   154.251   1 ? ? ? ? 
# 
_entity_poly.entity_id                      1 
_entity_poly.type                           'polypeptide(L)' 
_entity_poly.nstd_linkage                   no 
_entity_poly.nstd_monomer                   no 
_entity_poly.pdbx_seq_one_letter_code       
;MEKKLPRIKALLTPGEVAKRSGVAVSALHFYESKGLITSIRNSGNQRRYKRDVLRYVAIIKIAQRIGIPLATIGEAFGVL
PEGHTLSAKEWKQLSSQWREELDRRIHTLVALRDELDGCIGCGCLSRSDCPLRNPGDRLGEEGTGARLLEDEQN
;
_entity_poly.pdbx_seq_one_letter_code_can   
;MEKKLPRIKALLTPGEVAKRSGVAVSALHFYESKGLITSIRNSGNQRRYKRDVLRYVAIIKIAQRIGIPLATIGEAFGVL
PEGHTLSAKEWKQLSSQWREELDRRIHTLVALRDELDGCIGCGCLSRSDCPLRNPGDRLGEEGTGARLLEDEQN
;
_entity_poly.pdbx_strand_id                 A 
_entity_poly.pdbx_target_identifier         ? 
# 
loop_
_entity_poly_seq.entity_id 
_entity_poly_seq.num 
_entity_poly_seq.mon_id 
_entity_poly_seq.hetero 
1 1   MET n 
1 2   GLU n 
1 3   LYS n 
1 4   LYS n 
1 5   LEU n 
1 6   PRO n 
1 7   ARG n 
1 8   ILE n 
1 9   LYS n 
1 10  ALA n 
1 11  LEU n 
1 12  LEU n 
1 13  THR n 
1 14  PRO n 
1 15  GLY n 
1 16  GLU n 
1 17  VAL n 
1 18  ALA n 
1 19  LYS n 
1 20  ARG n 
1 21  SER n 
1 22  GLY n 
1 23  VAL n 
1 24  ALA n 
1 25  VAL n 
1 26  SER n 
1 27  ALA n 
1 28  LEU n 
1 29  HIS n 
1 30  PHE n 
1 31  TYR n 
1 32  GLU n 
1 33  SER n 
1 34  LYS n 
1 35  GLY n 
1 36  LEU n 
1 37  ILE n 
1 38  THR n 
1 39  SER n 
1 40  ILE n 
1 41  ARG n 
1 42  ASN n 
1 43  SER n 
1 44  GLY n 
1 45  ASN n 
1 46  GLN n 
1 47  ARG n 
1 48  ARG n 
1 49  TYR n 
1 50  LYS n 
1 51  ARG n 
1 52  ASP n 
1 53  VAL n 
1 54  LEU n 
1 55  ARG n 
1 56  TYR n 
1 57  VAL n 
1 58  ALA n 
1 59  ILE n 
1 60  ILE n 
1 61  LYS n 
1 62  ILE n 
1 63  ALA n 
1 64  GLN n 
1 65  ARG n 
1 66  ILE n 
1 67  GLY n 
1 68  ILE n 
1 69  PRO n 
1 70  LEU n 
1 71  ALA n 
1 72  THR n 
1 73  ILE n 
1 74  GLY n 
1 75  GLU n 
1 76  ALA n 
1 77  PHE n 
1 78  GLY n 
1 79  VAL n 
1 80  LEU n 
1 81  PRO n 
1 82  GLU n 
1 83  GLY n 
1 84  HIS n 
1 85  THR n 
1 86  LEU n 
1 87  SER n 
1 88  ALA n 
1 89  LYS n 
1 90  GLU n 
1 91  TRP n 
1 92  LYS n 
1 93  GLN n 
1 94  LEU n 
1 95  SER n 
1 96  SER n 
1 97  GLN n 
1 98  TRP n 
1 99  ARG n 
1 100 GLU n 
1 101 GLU n 
1 102 LEU n 
1 103 ASP n 
1 104 ARG n 
1 105 ARG n 
1 106 ILE n 
1 107 HIS n 
1 108 THR n 
1 109 LEU n 
1 110 VAL n 
1 111 ALA n 
1 112 LEU n 
1 113 ARG n 
1 114 ASP n 
1 115 GLU n 
1 116 LEU n 
1 117 ASP n 
1 118 GLY n 
1 119 CYS n 
1 120 ILE n 
1 121 GLY n 
1 122 CYS n 
1 123 GLY n 
1 124 CYS n 
1 125 LEU n 
1 126 SER n 
1 127 ARG n 
1 128 SER n 
1 129 ASP n 
1 130 CYS n 
1 131 PRO n 
1 132 LEU n 
1 133 ARG n 
1 134 ASN n 
1 135 PRO n 
1 136 GLY n 
1 137 ASP n 
1 138 ARG n 
1 139 LEU n 
1 140 GLY n 
1 141 GLU n 
1 142 GLU n 
1 143 GLY n 
1 144 THR n 
1 145 GLY n 
1 146 ALA n 
1 147 ARG n 
1 148 LEU n 
1 149 LEU n 
1 150 GLU n 
1 151 ASP n 
1 152 GLU n 
1 153 GLN n 
1 154 ASN n 
# 
_entity_src_gen.entity_id                          1 
_entity_src_gen.pdbx_src_id                        1 
_entity_src_gen.pdbx_alt_source_flag               sample 
_entity_src_gen.pdbx_seq_type                      ? 
_entity_src_gen.pdbx_beg_seq_num                   ? 
_entity_src_gen.pdbx_end_seq_num                   ? 
_entity_src_gen.gene_src_common_name               ? 
_entity_src_gen.gene_src_genus                     Escherichia 
_entity_src_gen.pdbx_gene_src_gene                 soxR 
_entity_src_gen.gene_src_species                   'Escherichia coli' 
_entity_src_gen.gene_src_strain                    K12 
_entity_src_gen.gene_src_tissue                    ? 
_entity_src_gen.gene_src_tissue_fraction           ? 
_entity_src_gen.gene_src_details                   ? 
_entity_src_gen.pdbx_gene_src_fragment             ? 
_entity_src_gen.pdbx_gene_src_scientific_name      'Escherichia coli' 
_entity_src_gen.pdbx_gene_src_ncbi_taxonomy_id     83333 
_entity_src_gen.pdbx_gene_src_variant              ? 
_entity_src_gen.pdbx_gene_src_cell_line            ? 
_entity_src_gen.pdbx_gene_src_atcc                 ? 
_entity_src_gen.pdbx_gene_src_organ                ? 
_entity_src_gen.pdbx_gene_src_organelle            ? 
_entity_src_gen.pdbx_gene_src_cell                 ? 
_entity_src_gen.pdbx_gene_src_cellular_location    ? 
_entity_src_gen.host_org_common_name               ? 
_entity_src_gen.pdbx_host_org_scientific_name      'Escherichia coli' 
_entity_src_gen.pdbx_host_org_ncbi_taxonomy_id     562 
_entity_src_gen.host_org_genus                     Escherichia 
_entity_src_gen.pdbx_host_org_gene                 ? 
_entity_src_gen.pdbx_host_org_organ                ? 
_entity_src_gen.host_org_species                   ? 
_entity_src_gen.pdbx_host_org_tissue               ? 
_entity_src_gen.pdbx_host_org_tissue_fraction      ? 
_entity_src_gen.pdbx_host_org_strain               ? 
_entity_src_gen.pdbx_host_org_variant              ? 
_entity_src_gen.pdbx_host_org_cell_line            ? 
_entity_src_gen.pdbx_host_org_atcc                 ? 
_entity_src_gen.pdbx_host_org_culture_collection   ? 
_entity_src_gen.pdbx_host_org_cell                 ? 
_entity_src_gen.pdbx_host_org_organelle            ? 
_entity_src_gen.pdbx_host_org_cellular_location    ? 
_entity_src_gen.pdbx_host_org_vector_type          plasmid 
_entity_src_gen.pdbx_host_org_vector               ? 
_entity_src_gen.host_org_details                   ? 
_entity_src_gen.expression_system_id               ? 
_entity_src_gen.plasmid_name                       pET-3Xa 
_entity_src_gen.plasmid_details                    ? 
_entity_src_gen.pdbx_description                   ? 
# 
_struct_ref.id                         1 
_struct_ref.db_name                    UNP 
_struct_ref.db_code                    SOXR_ECOLI 
_struct_ref.pdbx_db_accession          P0ACS2 
_struct_ref.entity_id                  1 
_struct_ref.pdbx_seq_one_letter_code   
;MEKKLPRIKALLTPGEVAKRSGVAVSALHFYESKGLITSIRNSGNQRRYKRDVLRYVAIIKIAQRIGIPLATIGEAFGVL
PEGHTLSAKEWKQLSSQWREELDRRIHTLVALRDELDGCIGCGCLSRSDCPLRNPGDRLGEEGTGARLLEDEQN
;
_struct_ref.pdbx_align_begin           1 
_struct_ref.pdbx_db_isoform            ? 
# 
_struct_ref_seq.align_id                      1 
_struct_ref_seq.ref_id                        1 
_struct_ref_seq.pdbx_PDB_id_code              2ZHH 
_struct_ref_seq.pdbx_strand_id                A 
_struct_ref_seq.seq_align_beg                 1 
_struct_ref_seq.pdbx_seq_align_beg_ins_code   ? 
_struct_ref_seq.seq_align_end                 154 
_struct_ref_seq.pdbx_seq_align_end_ins_code   ? 
_struct_ref_seq.pdbx_db_accession             P0ACS2 
_struct_ref_seq.db_align_beg                  1 
_struct_ref_seq.pdbx_db_align_beg_ins_code    ? 
_struct_ref_seq.db_align_end                  154 
_struct_ref_seq.pdbx_db_align_end_ins_code    ? 
_struct_ref_seq.pdbx_auth_seq_align_beg       1 
_struct_ref_seq.pdbx_auth_seq_align_end       154 
# 
loop_
_chem_comp.id 
_chem_comp.type 
_chem_comp.mon_nstd_flag 
_chem_comp.name 
_chem_comp.pdbx_synonyms 
_chem_comp.formula 
_chem_comp.formula_weight 
ALA 'L-peptide linking' y ALANINE                        ?                  'C3 H7 N O2'     89.093  
ARG 'L-peptide linking' y ARGININE                       ?                  'C6 H15 N4 O2 1' 175.209 
ASN 'L-peptide linking' y ASPARAGINE                     ?                  'C4 H8 N2 O3'    132.118 
ASP 'L-peptide linking' y 'ASPARTIC ACID'                ?                  'C4 H7 N O4'     133.103 
CYS 'L-peptide linking' y CYSTEINE                       ?                  'C3 H7 N O2 S'   121.158 
DTT non-polymer         . 2,3-DIHYDROXY-1,4-DITHIOBUTANE 1,4-DITHIOTHREITOL 'C4 H10 O2 S2'   154.251 
FES non-polymer         . 'FE2/S2 (INORGANIC) CLUSTER'   ?                  'Fe2 S2'         175.820 
GLN 'L-peptide linking' y GLUTAMINE                      ?                  'C5 H10 N2 O3'   146.144 
GLU 'L-peptide linking' y 'GLUTAMIC ACID'                ?                  'C5 H9 N O4'     147.129 
GLY 'peptide linking'   y GLYCINE                        ?                  'C2 H5 N O2'     75.067  
HIS 'L-peptide linking' y HISTIDINE                      ?                  'C6 H10 N3 O2 1' 156.162 
ILE 'L-peptide linking' y ISOLEUCINE                     ?                  'C6 H13 N O2'    131.173 
LEU 'L-peptide linking' y LEUCINE                        ?                  'C6 H13 N O2'    131.173 
LYS 'L-peptide linking' y LYSINE                         ?                  'C6 H15 N2 O2 1' 147.195 
MET 'L-peptide linking' y METHIONINE                     ?                  'C5 H11 N O2 S'  149.211 
PHE 'L-peptide linking' y PHENYLALANINE                  ?                  'C9 H11 N O2'    165.189 
PRO 'L-peptide linking' y PROLINE                        ?                  'C5 H9 N O2'     115.130 
SER 'L-peptide linking' y SERINE                         ?                  'C3 H7 N O3'     105.093 
THR 'L-peptide linking' y THREONINE                      ?                  'C4 H9 N O3'     119.119 
TRP 'L-peptide linking' y TRYPTOPHAN                     ?                  'C11 H12 N2 O2'  204.225 
TYR 'L-peptide linking' y TYROSINE                       ?                  'C9 H11 N O3'    181.189 
VAL 'L-peptide linking' y VALINE                         ?                  'C5 H11 N O2'    117.146 
# 
_exptl.entry_id          2ZHH 
_exptl.method            'X-RAY DIFFRACTION' 
_exptl.crystals_number   1 
# 
_exptl_crystal.id                    1 
_exptl_crystal.density_meas          ? 
_exptl_crystal.density_Matthews      4.74 
_exptl_crystal.density_percent_sol   74.05 
_exptl_crystal.description           ? 
_exptl_crystal.F_000                 ? 
_exptl_crystal.preparation           ? 
# 
_exptl_crystal_grow.crystal_id      1 
_exptl_crystal_grow.method          'VAPOR DIFFUSION, SITTING DROP' 
_exptl_crystal_grow.temp            277 
_exptl_crystal_grow.temp_details    ? 
_exptl_crystal_grow.pH              8.6 
_exptl_crystal_grow.pdbx_details    
'0.1M Tris-HCl pH 8.6, 2% (w/v) PEG 10000, 30% (v/v) glycerol, VAPOR DIFFUSION, SITTING DROP, temperature 277K' 
_exptl_crystal_grow.pdbx_pH_range   . 
# 
_diffrn.id                     1 
_diffrn.ambient_temp           100 
_diffrn.ambient_temp_details   ? 
_diffrn.crystal_id             1 
# 
_diffrn_detector.diffrn_id              1 
_diffrn_detector.detector               CCD 
_diffrn_detector.type                   'ADSC QUANTUM 210' 
_diffrn_detector.pdbx_collection_date   2005-02-15 
_diffrn_detector.details                ? 
# 
_diffrn_radiation.diffrn_id                        1 
_diffrn_radiation.wavelength_id                    1 
_diffrn_radiation.pdbx_monochromatic_or_laue_m_l   M 
_diffrn_radiation.monochromator                    ? 
_diffrn_radiation.pdbx_diffrn_protocol             'SINGLE WAVELENGTH' 
_diffrn_radiation.pdbx_scattering_type             x-ray 
# 
_diffrn_radiation_wavelength.id           1 
_diffrn_radiation_wavelength.wavelength   1.0000 
_diffrn_radiation_wavelength.wt           1.0 
# 
_diffrn_source.diffrn_id                   1 
_diffrn_source.source                      SYNCHROTRON 
_diffrn_source.type                        'PHOTON FACTORY BEAMLINE AR-NW12A' 
_diffrn_source.pdbx_synchrotron_site       'Photon Factory' 
_diffrn_source.pdbx_synchrotron_beamline   AR-NW12A 
_diffrn_source.pdbx_wavelength             ? 
_diffrn_source.pdbx_wavelength_list        1.0000 
# 
_reflns.entry_id                     2ZHH 
_reflns.observed_criterion_sigma_I   -3 
_reflns.observed_criterion_sigma_F   0 
_reflns.d_resolution_low             50 
_reflns.d_resolution_high            3.2 
_reflns.number_obs                   4881 
_reflns.number_all                   4881 
_reflns.percent_possible_obs         90.8 
_reflns.pdbx_Rmerge_I_obs            ? 
_reflns.pdbx_Rsym_value              0.054 
_reflns.pdbx_netI_over_sigmaI        27.1 
_reflns.B_iso_Wilson_estimate        ? 
_reflns.pdbx_redundancy              ? 
_reflns.R_free_details               ? 
_reflns.limit_h_max                  ? 
_reflns.limit_h_min                  ? 
_reflns.limit_k_max                  ? 
_reflns.limit_k_min                  ? 
_reflns.limit_l_max                  ? 
_reflns.limit_l_min                  ? 
_reflns.observed_criterion_F_max     ? 
_reflns.observed_criterion_F_min     ? 
_reflns.pdbx_chi_squared             ? 
_reflns.pdbx_scaling_rejects         ? 
_reflns.pdbx_ordinal                 1 
_reflns.pdbx_diffrn_id               1 
# 
_reflns_shell.d_res_high             3.20 
_reflns_shell.d_res_low              3.31 
_reflns_shell.percent_possible_all   58.8 
_reflns_shell.Rmerge_I_obs           ? 
_reflns_shell.pdbx_Rsym_value        0.193 
_reflns_shell.meanI_over_sigI_obs    7.2 
_reflns_shell.pdbx_redundancy        5.4 
_reflns_shell.percent_possible_obs   ? 
_reflns_shell.number_unique_all      ? 
_reflns_shell.number_measured_all    ? 
_reflns_shell.number_measured_obs    ? 
_reflns_shell.number_unique_obs      ? 
_reflns_shell.pdbx_chi_squared       ? 
_reflns_shell.pdbx_ordinal           1 
_reflns_shell.pdbx_diffrn_id         1 
# 
_refine.entry_id                                 2ZHH 
_refine.ls_number_reflns_obs                     4833 
_refine.ls_number_reflns_all                     ? 
_refine.pdbx_ls_sigma_I                          ? 
_refine.pdbx_ls_sigma_F                          0.0 
_refine.pdbx_data_cutoff_high_absF               1953849.16 
_refine.pdbx_data_cutoff_low_absF                0.000000 
_refine.pdbx_data_cutoff_high_rms_absF           ? 
_refine.ls_d_res_low                             14.95 
_refine.ls_d_res_high                            3.20 
_refine.ls_percent_reflns_obs                    91.4 
_refine.ls_R_factor_obs                          0.244 
_refine.ls_R_factor_all                          ? 
_refine.ls_R_factor_R_work                       0.244 
_refine.ls_R_factor_R_free                       0.276 
_refine.ls_R_factor_R_free_error                 0.017 
_refine.ls_R_factor_R_free_error_details         ? 
_refine.ls_percent_reflns_R_free                 5.8 
_refine.ls_number_reflns_R_free                  278 
_refine.ls_number_parameters                     ? 
_refine.ls_number_restraints                     ? 
_refine.occupancy_min                            ? 
_refine.occupancy_max                            ? 
_refine.correlation_coeff_Fo_to_Fc               ? 
_refine.correlation_coeff_Fo_to_Fc_free          ? 
_refine.B_iso_mean                               148.2 
_refine.aniso_B[1][1]                            44.97 
_refine.aniso_B[2][2]                            44.97 
_refine.aniso_B[3][3]                            -89.95 
_refine.aniso_B[1][2]                            38.21 
_refine.aniso_B[1][3]                            0.00 
_refine.aniso_B[2][3]                            0.00 
_refine.solvent_model_details                    'FLAT MODEL' 
_refine.solvent_model_param_ksol                 0.207022 
_refine.solvent_model_param_bsol                 58.7244 
_refine.pdbx_solvent_vdw_probe_radii             ? 
_refine.pdbx_solvent_ion_probe_radii             ? 
_refine.pdbx_solvent_shrinkage_radii             ? 
_refine.pdbx_ls_cross_valid_method               THROUGHOUT 
_refine.details                                  ? 
_refine.pdbx_starting_model                      'PDB ENTRY 2ZHG' 
_refine.pdbx_method_to_determine_struct          'MOLECULAR REPLACEMENT' 
_refine.pdbx_isotropic_thermal_model             isotropic 
_refine.pdbx_stereochemistry_target_values       'Engh & Huber' 
_refine.pdbx_stereochem_target_val_spec_case     ? 
_refine.pdbx_R_Free_selection_details            RANDOM 
_refine.pdbx_overall_ESU_R                       ? 
_refine.pdbx_overall_ESU_R_Free                  ? 
_refine.overall_SU_ML                            ? 
_refine.overall_SU_B                             ? 
_refine.ls_redundancy_reflns_obs                 ? 
_refine.B_iso_min                                ? 
_refine.B_iso_max                                ? 
_refine.overall_SU_R_Cruickshank_DPI             ? 
_refine.overall_SU_R_free                        ? 
_refine.ls_wR_factor_R_free                      ? 
_refine.ls_wR_factor_R_work                      ? 
_refine.overall_FOM_free_R_set                   ? 
_refine.overall_FOM_work_R_set                   ? 
_refine.pdbx_overall_phase_error                 ? 
_refine.pdbx_refine_id                           'X-RAY DIFFRACTION' 
_refine.pdbx_diffrn_id                           1 
_refine.pdbx_TLS_residual_ADP_flag               ? 
_refine.pdbx_overall_SU_R_free_Cruickshank_DPI   ? 
_refine.pdbx_overall_SU_R_Blow_DPI               ? 
_refine.pdbx_overall_SU_R_free_Blow_DPI          ? 
# 
_refine_analyze.entry_id                        2ZHH 
_refine_analyze.Luzzati_coordinate_error_obs    0.60 
_refine_analyze.Luzzati_sigma_a_obs             1.23 
_refine_analyze.Luzzati_d_res_low_obs           5.00 
_refine_analyze.Luzzati_coordinate_error_free   0.72 
_refine_analyze.Luzzati_sigma_a_free            1.50 
_refine_analyze.Luzzati_d_res_low_free          ? 
_refine_analyze.number_disordered_residues      ? 
_refine_analyze.occupancy_sum_hydrogen          ? 
_refine_analyze.occupancy_sum_non_hydrogen      ? 
_refine_analyze.pdbx_Luzzati_d_res_high_obs     ? 
_refine_analyze.pdbx_refine_id                  'X-RAY DIFFRACTION' 
# 
_refine_hist.pdbx_refine_id                   'X-RAY DIFFRACTION' 
_refine_hist.cycle_id                         LAST 
_refine_hist.pdbx_number_atoms_protein        908 
_refine_hist.pdbx_number_atoms_nucleic_acid   0 
_refine_hist.pdbx_number_atoms_ligand         12 
_refine_hist.number_atoms_solvent             0 
_refine_hist.number_atoms_total               920 
_refine_hist.d_res_high                       3.20 
_refine_hist.d_res_low                        14.95 
# 
loop_
_refine_ls_restr.type 
_refine_ls_restr.dev_ideal 
_refine_ls_restr.dev_ideal_target 
_refine_ls_restr.weight 
_refine_ls_restr.number 
_refine_ls_restr.pdbx_refine_id 
_refine_ls_restr.pdbx_restraint_function 
c_bond_d                0.009 ? ? ? 'X-RAY DIFFRACTION' ? 
c_bond_d_na             ?     ? ? ? 'X-RAY DIFFRACTION' ? 
c_bond_d_prot           ?     ? ? ? 'X-RAY DIFFRACTION' ? 
c_angle_d               ?     ? ? ? 'X-RAY DIFFRACTION' ? 
c_angle_d_na            ?     ? ? ? 'X-RAY DIFFRACTION' ? 
c_angle_d_prot          ?     ? ? ? 'X-RAY DIFFRACTION' ? 
c_angle_deg             1.5   ? ? ? 'X-RAY DIFFRACTION' ? 
c_angle_deg_na          ?     ? ? ? 'X-RAY DIFFRACTION' ? 
c_angle_deg_prot        ?     ? ? ? 'X-RAY DIFFRACTION' ? 
c_dihedral_angle_d      19.3  ? ? ? 'X-RAY DIFFRACTION' ? 
c_dihedral_angle_d_na   ?     ? ? ? 'X-RAY DIFFRACTION' ? 
c_dihedral_angle_d_prot ?     ? ? ? 'X-RAY DIFFRACTION' ? 
c_improper_angle_d      0.87  ? ? ? 'X-RAY DIFFRACTION' ? 
c_improper_angle_d_na   ?     ? ? ? 'X-RAY DIFFRACTION' ? 
c_improper_angle_d_prot ?     ? ? ? 'X-RAY DIFFRACTION' ? 
c_mcbond_it             ?     ? ? ? 'X-RAY DIFFRACTION' ? 
c_mcangle_it            ?     ? ? ? 'X-RAY DIFFRACTION' ? 
c_scbond_it             ?     ? ? ? 'X-RAY DIFFRACTION' ? 
c_scangle_it            ?     ? ? ? 'X-RAY DIFFRACTION' ? 
# 
_refine_ls_shell.pdbx_total_number_of_bins_used   6 
_refine_ls_shell.d_res_high                       3.20 
_refine_ls_shell.d_res_low                        3.40 
_refine_ls_shell.number_reflns_R_work             555 
_refine_ls_shell.R_factor_R_work                  0.51 
_refine_ls_shell.percent_reflns_obs               67.2 
_refine_ls_shell.R_factor_R_free                  0.526 
_refine_ls_shell.R_factor_R_free_error            0.090 
_refine_ls_shell.percent_reflns_R_free            5.8 
_refine_ls_shell.number_reflns_R_free             34 
_refine_ls_shell.number_reflns_all                ? 
_refine_ls_shell.R_factor_all                     ? 
_refine_ls_shell.number_reflns_obs                ? 
_refine_ls_shell.redundancy_reflns_obs            ? 
_refine_ls_shell.pdbx_refine_id                   'X-RAY DIFFRACTION' 
# 
loop_
_pdbx_xplor_file.serial_no 
_pdbx_xplor_file.param_file 
_pdbx_xplor_file.topol_file 
_pdbx_xplor_file.pdbx_refine_id 
1 protein_rep.param protein.top   'X-RAY DIFFRACTION' 
2 water_rep.param   water_rep.top 'X-RAY DIFFRACTION' 
3 ion.param         ion.top       'X-RAY DIFFRACTION' 
4 fes.param         fes.top       'X-RAY DIFFRACTION' 
5 li6.param         li6.top       'X-RAY DIFFRACTION' 
# 
_struct.entry_id                  2ZHH 
_struct.title                     'Crystal structure of SoxR' 
_struct.pdbx_model_details        ? 
_struct.pdbx_CASP_flag            ? 
_struct.pdbx_model_type_details   ? 
# 
_struct_keywords.entry_id        2ZHH 
_struct_keywords.pdbx_keywords   TRANSCRIPTION 
_struct_keywords.text            
'oxidative stress, MerR family, Activator, DNA-binding, Iron, Iron-sulfur, Metal-binding, Transcription, Transcription regulation' 
# 
loop_
_struct_asym.id 
_struct_asym.pdbx_blank_PDB_chainid_flag 
_struct_asym.pdbx_modified 
_struct_asym.entity_id 
_struct_asym.details 
A N N 1 ? 
B N N 2 ? 
C N N 3 ? 
# 
_struct_biol.id        1 
_struct_biol.details   ? 
# 
loop_
_struct_conf.conf_type_id 
_struct_conf.id 
_struct_conf.pdbx_PDB_helix_id 
_struct_conf.beg_label_comp_id 
_struct_conf.beg_label_asym_id 
_struct_conf.beg_label_seq_id 
_struct_conf.pdbx_beg_PDB_ins_code 
_struct_conf.end_label_comp_id 
_struct_conf.end_label_asym_id 
_struct_conf.end_label_seq_id 
_struct_conf.pdbx_end_PDB_ins_code 
_struct_conf.beg_auth_comp_id 
_struct_conf.beg_auth_asym_id 
_struct_conf.beg_auth_seq_id 
_struct_conf.end_auth_comp_id 
_struct_conf.end_auth_asym_id 
_struct_conf.end_auth_seq_id 
_struct_conf.pdbx_PDB_helix_class 
_struct_conf.details 
_struct_conf.pdbx_PDB_helix_length 
HELX_P HELX_P1 1 THR A 13  ? GLY A 22  ? THR A 13  GLY A 22  1 ? 10 
HELX_P HELX_P2 2 ALA A 24  ? LYS A 34  ? ALA A 24  LYS A 34  1 ? 11 
HELX_P HELX_P3 3 ASP A 52  ? ILE A 66  ? ASP A 52  ILE A 66  1 ? 15 
HELX_P HELX_P4 4 PRO A 69  ? PHE A 77  ? PRO A 69  PHE A 77  1 ? 9  
HELX_P HELX_P5 5 SER A 87  ? GLY A 123 ? SER A 87  GLY A 123 1 ? 37 
HELX_P HELX_P6 6 CYS A 130 ? ASN A 134 ? CYS A 130 ASN A 134 5 ? 5  
# 
_struct_conf_type.id          HELX_P 
_struct_conf_type.criteria    ? 
_struct_conf_type.reference   ? 
# 
loop_
_struct_conn.id 
_struct_conn.conn_type_id 
_struct_conn.pdbx_leaving_atom_flag 
_struct_conn.pdbx_PDB_id 
_struct_conn.ptnr1_label_asym_id 
_struct_conn.ptnr1_label_comp_id 
_struct_conn.ptnr1_label_seq_id 
_struct_conn.ptnr1_label_atom_id 
_struct_conn.pdbx_ptnr1_label_alt_id 
_struct_conn.pdbx_ptnr1_PDB_ins_code 
_struct_conn.pdbx_ptnr1_standard_comp_id 
_struct_conn.ptnr1_symmetry 
_struct_conn.ptnr2_label_asym_id 
_struct_conn.ptnr2_label_comp_id 
_struct_conn.ptnr2_label_seq_id 
_struct_conn.ptnr2_label_atom_id 
_struct_conn.pdbx_ptnr2_label_alt_id 
_struct_conn.pdbx_ptnr2_PDB_ins_code 
_struct_conn.ptnr1_auth_asym_id 
_struct_conn.ptnr1_auth_comp_id 
_struct_conn.ptnr1_auth_seq_id 
_struct_conn.ptnr2_auth_asym_id 
_struct_conn.ptnr2_auth_comp_id 
_struct_conn.ptnr2_auth_seq_id 
_struct_conn.ptnr2_symmetry 
_struct_conn.pdbx_ptnr3_label_atom_id 
_struct_conn.pdbx_ptnr3_label_seq_id 
_struct_conn.pdbx_ptnr3_label_comp_id 
_struct_conn.pdbx_ptnr3_label_asym_id 
_struct_conn.pdbx_ptnr3_label_alt_id 
_struct_conn.pdbx_ptnr3_PDB_ins_code 
_struct_conn.details 
_struct_conn.pdbx_dist_value 
_struct_conn.pdbx_value_order 
_struct_conn.pdbx_role 
metalc1 metalc ? ? A CYS 119 SG ? ? ? 1_555 B FES . FE2 ? ? A CYS 119 A FES 501 1_555 ? ? ? ? ? ? ? 2.275 ? ? 
metalc2 metalc ? ? A CYS 122 SG ? ? ? 1_555 B FES . FE1 ? ? A CYS 122 A FES 501 1_555 ? ? ? ? ? ? ? 2.242 ? ? 
metalc3 metalc ? ? A CYS 124 SG ? ? ? 1_555 B FES . FE1 ? ? A CYS 124 A FES 501 1_555 ? ? ? ? ? ? ? 2.254 ? ? 
metalc4 metalc ? ? A CYS 130 SG ? ? ? 1_555 B FES . FE2 ? ? A CYS 130 A FES 501 1_555 ? ? ? ? ? ? ? 2.188 ? ? 
# 
_struct_conn_type.id          metalc 
_struct_conn_type.criteria    ? 
_struct_conn_type.reference   ? 
# 
_struct_sheet.id               A 
_struct_sheet.type             ? 
_struct_sheet.number_strands   2 
_struct_sheet.details          ? 
# 
_struct_sheet_order.sheet_id     A 
_struct_sheet_order.range_id_1   1 
_struct_sheet_order.range_id_2   2 
_struct_sheet_order.offset       ? 
_struct_sheet_order.sense        anti-parallel 
# 
loop_
_struct_sheet_range.sheet_id 
_struct_sheet_range.id 
_struct_sheet_range.beg_label_comp_id 
_struct_sheet_range.beg_label_asym_id 
_struct_sheet_range.beg_label_seq_id 
_struct_sheet_range.pdbx_beg_PDB_ins_code 
_struct_sheet_range.end_label_comp_id 
_struct_sheet_range.end_label_asym_id 
_struct_sheet_range.end_label_seq_id 
_struct_sheet_range.pdbx_end_PDB_ins_code 
_struct_sheet_range.beg_auth_comp_id 
_struct_sheet_range.beg_auth_asym_id 
_struct_sheet_range.beg_auth_seq_id 
_struct_sheet_range.end_auth_comp_id 
_struct_sheet_range.end_auth_asym_id 
_struct_sheet_range.end_auth_seq_id 
A 1 LEU A 11 ? LEU A 12 ? LEU A 11 LEU A 12 
A 2 TYR A 49 ? LYS A 50 ? TYR A 49 LYS A 50 
# 
_pdbx_struct_sheet_hbond.sheet_id                A 
_pdbx_struct_sheet_hbond.range_id_1              1 
_pdbx_struct_sheet_hbond.range_id_2              2 
_pdbx_struct_sheet_hbond.range_1_label_atom_id   N 
_pdbx_struct_sheet_hbond.range_1_label_comp_id   LEU 
_pdbx_struct_sheet_hbond.range_1_label_asym_id   A 
_pdbx_struct_sheet_hbond.range_1_label_seq_id    12 
_pdbx_struct_sheet_hbond.range_1_PDB_ins_code    ? 
_pdbx_struct_sheet_hbond.range_1_auth_atom_id    N 
_pdbx_struct_sheet_hbond.range_1_auth_comp_id    LEU 
_pdbx_struct_sheet_hbond.range_1_auth_asym_id    A 
_pdbx_struct_sheet_hbond.range_1_auth_seq_id     12 
_pdbx_struct_sheet_hbond.range_2_label_atom_id   O 
_pdbx_struct_sheet_hbond.range_2_label_comp_id   TYR 
_pdbx_struct_sheet_hbond.range_2_label_asym_id   A 
_pdbx_struct_sheet_hbond.range_2_label_seq_id    49 
_pdbx_struct_sheet_hbond.range_2_PDB_ins_code    ? 
_pdbx_struct_sheet_hbond.range_2_auth_atom_id    O 
_pdbx_struct_sheet_hbond.range_2_auth_comp_id    TYR 
_pdbx_struct_sheet_hbond.range_2_auth_asym_id    A 
_pdbx_struct_sheet_hbond.range_2_auth_seq_id     49 
# 
loop_
_struct_site.id 
_struct_site.pdbx_evidence_code 
_struct_site.pdbx_auth_asym_id 
_struct_site.pdbx_auth_comp_id 
_struct_site.pdbx_auth_seq_id 
_struct_site.pdbx_auth_ins_code 
_struct_site.pdbx_num_residues 
_struct_site.details 
AC1 Software A FES 501 ? 6 'BINDING SITE FOR RESIDUE FES A 501' 
AC2 Software A DTT 901 ? 2 'BINDING SITE FOR RESIDUE DTT A 901' 
# 
loop_
_struct_site_gen.id 
_struct_site_gen.site_id 
_struct_site_gen.pdbx_num_res 
_struct_site_gen.label_comp_id 
_struct_site_gen.label_asym_id 
_struct_site_gen.label_seq_id 
_struct_site_gen.pdbx_auth_ins_code 
_struct_site_gen.auth_comp_id 
_struct_site_gen.auth_asym_id 
_struct_site_gen.auth_seq_id 
_struct_site_gen.label_atom_id 
_struct_site_gen.label_alt_id 
_struct_site_gen.symmetry 
_struct_site_gen.details 
1 AC1 6 CYS A 119 ? CYS A 119 . ? 1_555 ? 
2 AC1 6 CYS A 122 ? CYS A 122 . ? 1_555 ? 
3 AC1 6 GLY A 123 ? GLY A 123 . ? 1_555 ? 
4 AC1 6 CYS A 124 ? CYS A 124 . ? 1_555 ? 
5 AC1 6 LEU A 125 ? LEU A 125 . ? 1_555 ? 
6 AC1 6 CYS A 130 ? CYS A 130 . ? 1_555 ? 
7 AC2 2 HIS A 107 ? HIS A 107 . ? 1_555 ? 
8 AC2 2 ARG A 113 ? ARG A 113 . ? 1_555 ? 
# 
_atom_sites.entry_id                    2ZHH 
_atom_sites.fract_transf_matrix[1][1]   0.00188896 
_atom_sites.fract_transf_matrix[1][2]   0.00604003 
_atom_sites.fract_transf_matrix[1][3]   0.01297095 
_atom_sites.fract_transf_matrix[2][1]   0.01291313 
_atom_sites.fract_transf_matrix[2][2]   0.00528937 
_atom_sites.fract_transf_matrix[2][3]   0.00368579 
_atom_sites.fract_transf_matrix[3][1]   -0.00291541 
_atom_sites.fract_transf_matrix[3][2]   0.01009840 
_atom_sites.fract_transf_matrix[3][3]   -0.00427783 
_atom_sites.fract_transf_vector[1]      0.140972 
_atom_sites.fract_transf_vector[2]      -0.350420 
_atom_sites.fract_transf_vector[3]      0.032640 
# 
loop_
_atom_type.symbol 
C  
FE 
N  
O  
S  
# 
loop_
_atom_site.group_PDB 
_atom_site.id 
_atom_site.type_symbol 
_atom_site.label_atom_id 
_atom_site.label_alt_id 
_atom_site.label_comp_id 
_atom_site.label_asym_id 
_atom_site.label_entity_id 
_atom_site.label_seq_id 
_atom_site.pdbx_PDB_ins_code 
_atom_site.Cartn_x 
_atom_site.Cartn_y 
_atom_site.Cartn_z 
_atom_site.occupancy 
_atom_site.B_iso_or_equiv 
_atom_site.pdbx_formal_charge 
_atom_site.auth_seq_id 
_atom_site.auth_comp_id 
_atom_site.auth_asym_id 
_atom_site.auth_atom_id 
_atom_site.pdbx_PDB_model_num 
ATOM   1   N  N   . ALA A 1 10  ? 7.041   5.017   24.652  1.00 186.83 ? 10  ALA A N   1 
ATOM   2   C  CA  . ALA A 1 10  ? 8.415   4.604   24.234  1.00 191.33 ? 10  ALA A CA  1 
ATOM   3   C  C   . ALA A 1 10  ? 8.365   3.302   23.450  1.00 193.88 ? 10  ALA A C   1 
ATOM   4   O  O   . ALA A 1 10  ? 8.417   3.299   22.219  1.00 196.27 ? 10  ALA A O   1 
ATOM   5   C  CB  . ALA A 1 10  ? 9.304   4.435   25.462  1.00 189.58 ? 10  ALA A CB  1 
ATOM   6   N  N   . LEU A 1 11  ? 8.275   2.192   24.176  1.00 195.99 ? 11  LEU A N   1 
ATOM   7   C  CA  . LEU A 1 11  ? 8.206   0.876   23.554  1.00 191.66 ? 11  LEU A CA  1 
ATOM   8   C  C   . LEU A 1 11  ? 6.796   0.287   23.670  1.00 189.87 ? 11  LEU A C   1 
ATOM   9   O  O   . LEU A 1 11  ? 6.270   0.097   24.773  1.00 193.82 ? 11  LEU A O   1 
ATOM   10  C  CB  . LEU A 1 11  ? 9.233   -0.076  24.190  1.00 181.46 ? 11  LEU A CB  1 
ATOM   11  C  CG  . LEU A 1 11  ? 10.716  0.132   23.847  1.00 172.78 ? 11  LEU A CG  1 
ATOM   12  C  CD1 . LEU A 1 11  ? 10.925  0.059   22.332  1.00 159.59 ? 11  LEU A CD1 1 
ATOM   13  C  CD2 . LEU A 1 11  ? 11.182  1.474   24.392  1.00 174.34 ? 11  LEU A CD2 1 
ATOM   14  N  N   . LEU A 1 12  ? 6.196   0.008   22.513  1.00 177.38 ? 12  LEU A N   1 
ATOM   15  C  CA  . LEU A 1 12  ? 4.853   -0.550  22.447  1.00 163.38 ? 12  LEU A CA  1 
ATOM   16  C  C   . LEU A 1 12  ? 4.857   -2.062  22.253  1.00 162.23 ? 12  LEU A C   1 
ATOM   17  O  O   . LEU A 1 12  ? 5.646   -2.598  21.470  1.00 165.33 ? 12  LEU A O   1 
ATOM   18  C  CB  . LEU A 1 12  ? 4.082   0.090   21.296  1.00 150.23 ? 12  LEU A CB  1 
ATOM   19  C  CG  . LEU A 1 12  ? 3.979   1.611   21.332  1.00 142.94 ? 12  LEU A CG  1 
ATOM   20  C  CD1 . LEU A 1 12  ? 3.091   2.064   20.198  1.00 144.69 ? 12  LEU A CD1 1 
ATOM   21  C  CD2 . LEU A 1 12  ? 3.404   2.064   22.669  1.00 147.75 ? 12  LEU A CD2 1 
ATOM   22  N  N   . THR A 1 13  ? 3.967   -2.744  22.969  1.00 153.11 ? 13  THR A N   1 
ATOM   23  C  CA  . THR A 1 13  ? 3.845   -4.188  22.863  1.00 140.01 ? 13  THR A CA  1 
ATOM   24  C  C   . THR A 1 13  ? 3.200   -4.497  21.517  1.00 138.29 ? 13  THR A C   1 
ATOM   25  O  O   . THR A 1 13  ? 2.503   -3.655  20.954  1.00 136.31 ? 13  THR A O   1 
ATOM   26  C  CB  . THR A 1 13  ? 2.982   -4.761  24.022  1.00 135.86 ? 13  THR A CB  1 
ATOM   27  O  OG1 . THR A 1 13  ? 2.315   -5.954  23.591  1.00 142.38 ? 13  THR A OG1 1 
ATOM   28  C  CG2 . THR A 1 13  ? 1.960   -3.747  24.480  1.00 124.66 ? 13  THR A CG2 1 
ATOM   29  N  N   . PRO A 1 14  ? 3.453   -5.694  20.964  1.00 134.66 ? 14  PRO A N   1 
ATOM   30  C  CA  . PRO A 1 14  ? 2.846   -6.024  19.675  1.00 132.85 ? 14  PRO A CA  1 
ATOM   31  C  C   . PRO A 1 14  ? 1.355   -5.758  19.734  1.00 136.77 ? 14  PRO A C   1 
ATOM   32  O  O   . PRO A 1 14  ? 0.797   -5.102  18.849  1.00 137.57 ? 14  PRO A O   1 
ATOM   33  C  CB  . PRO A 1 14  ? 3.158   -7.506  19.523  1.00 128.72 ? 14  PRO A CB  1 
ATOM   34  C  CG  . PRO A 1 14  ? 4.486   -7.606  20.140  1.00 132.64 ? 14  PRO A CG  1 
ATOM   35  C  CD  . PRO A 1 14  ? 4.326   -6.790  21.411  1.00 134.18 ? 14  PRO A CD  1 
ATOM   36  N  N   . GLY A 1 15  ? 0.729   -6.257  20.800  1.00 131.17 ? 15  GLY A N   1 
ATOM   37  C  CA  . GLY A 1 15  ? -0.700  -6.087  20.985  1.00 132.88 ? 15  GLY A CA  1 
ATOM   38  C  C   . GLY A 1 15  ? -1.158  -4.638  21.050  1.00 140.12 ? 15  GLY A C   1 
ATOM   39  O  O   . GLY A 1 15  ? -2.304  -4.325  20.683  1.00 146.16 ? 15  GLY A O   1 
ATOM   40  N  N   . GLU A 1 16  ? -0.266  -3.755  21.509  1.00 138.48 ? 16  GLU A N   1 
ATOM   41  C  CA  . GLU A 1 16  ? -0.557  -2.320  21.642  1.00 137.98 ? 16  GLU A CA  1 
ATOM   42  C  C   . GLU A 1 16  ? -0.547  -1.626  20.280  1.00 128.27 ? 16  GLU A C   1 
ATOM   43  O  O   . GLU A 1 16  ? -1.485  -0.905  19.925  1.00 115.03 ? 16  GLU A O   1 
ATOM   44  C  CB  . GLU A 1 16  ? 0.482   -1.662  22.554  1.00 157.76 ? 16  GLU A CB  1 
ATOM   45  C  CG  . GLU A 1 16  ? -0.074  -0.630  23.521  1.00 175.07 ? 16  GLU A CG  1 
ATOM   46  C  CD  . GLU A 1 16  ? 0.301   -0.951  24.959  1.00 189.06 ? 16  GLU A CD  1 
ATOM   47  O  OE1 . GLU A 1 16  ? 1.514   -1.018  25.255  1.00 194.12 ? 16  GLU A OE1 1 
ATOM   48  O  OE2 . GLU A 1 16  ? -0.617  -1.141  25.791  1.00 196.35 ? 16  GLU A OE2 1 
ATOM   49  N  N   . VAL A 1 17  ? 0.530   -1.834  19.530  1.00 128.16 ? 17  VAL A N   1 
ATOM   50  C  CA  . VAL A 1 17  ? 0.652   -1.245  18.211  1.00 129.78 ? 17  VAL A CA  1 
ATOM   51  C  C   . VAL A 1 17  ? -0.575  -1.670  17.425  1.00 129.07 ? 17  VAL A C   1 
ATOM   52  O  O   . VAL A 1 17  ? -1.175  -0.875  16.705  1.00 127.64 ? 17  VAL A O   1 
ATOM   53  C  CB  . VAL A 1 17  ? 1.910   -1.756  17.506  1.00 125.51 ? 17  VAL A CB  1 
ATOM   54  C  CG1 . VAL A 1 17  ? 2.001   -1.153  16.119  1.00 116.91 ? 17  VAL A CG1 1 
ATOM   55  C  CG2 . VAL A 1 17  ? 3.135   -1.408  18.333  1.00 120.34 ? 17  VAL A CG2 1 
ATOM   56  N  N   . ALA A 1 18  ? -0.945  -2.933  17.592  1.00 121.56 ? 18  ALA A N   1 
ATOM   57  C  CA  . ALA A 1 18  ? -2.099  -3.506  16.923  1.00 120.13 ? 18  ALA A CA  1 
ATOM   58  C  C   . ALA A 1 18  ? -3.380  -2.736  17.233  1.00 130.47 ? 18  ALA A C   1 
ATOM   59  O  O   . ALA A 1 18  ? -3.940  -2.070  16.361  1.00 131.17 ? 18  ALA A O   1 
ATOM   60  C  CB  . ALA A 1 18  ? -2.253  -4.956  17.333  1.00 109.92 ? 18  ALA A CB  1 
ATOM   61  N  N   . LYS A 1 19  ? -3.842  -2.828  18.478  1.00 135.98 ? 19  LYS A N   1 
ATOM   62  C  CA  . LYS A 1 19  ? -5.070  -2.156  18.912  1.00 137.07 ? 19  LYS A CA  1 
ATOM   63  C  C   . LYS A 1 19  ? -5.148  -0.675  18.558  1.00 141.58 ? 19  LYS A C   1 
ATOM   64  O  O   . LYS A 1 19  ? -6.242  -0.137  18.384  1.00 145.66 ? 19  LYS A O   1 
ATOM   65  C  CB  . LYS A 1 19  ? -5.247  -2.319  20.422  1.00 115.10 ? 19  LYS A CB  1 
ATOM   66  N  N   . ARG A 1 20  ? -3.992  -0.023  18.459  1.00 144.35 ? 20  ARG A N   1 
ATOM   67  C  CA  . ARG A 1 20  ? -3.935  1.402   18.165  1.00 140.28 ? 20  ARG A CA  1 
ATOM   68  C  C   . ARG A 1 20  ? -3.699  1.715   16.705  1.00 138.74 ? 20  ARG A C   1 
ATOM   69  O  O   . ARG A 1 20  ? -3.749  2.874   16.305  1.00 135.34 ? 20  ARG A O   1 
ATOM   70  C  CB  . ARG A 1 20  ? -2.856  2.057   19.021  1.00 138.35 ? 20  ARG A CB  1 
ATOM   71  C  CG  . ARG A 1 20  ? -3.137  1.918   20.502  1.00 154.49 ? 20  ARG A CG  1 
ATOM   72  C  CD  . ARG A 1 20  ? -1.977  2.378   21.362  1.00 165.76 ? 20  ARG A CD  1 
ATOM   73  N  NE  . ARG A 1 20  ? -1.808  3.829   21.349  1.00 175.32 ? 20  ARG A NE  1 
ATOM   74  C  CZ  . ARG A 1 20  ? -0.928  4.479   22.106  1.00 179.20 ? 20  ARG A CZ  1 
ATOM   75  N  NH1 . ARG A 1 20  ? -0.141  3.796   22.935  1.00 181.72 ? 20  ARG A NH1 1 
ATOM   76  N  NH2 . ARG A 1 20  ? -0.840  5.804   22.045  1.00 173.79 ? 20  ARG A NH2 1 
ATOM   77  N  N   . SER A 1 21  ? -3.433  0.689   15.906  1.00 142.23 ? 21  SER A N   1 
ATOM   78  C  CA  . SER A 1 21  ? -3.216  0.891   14.481  1.00 141.69 ? 21  SER A CA  1 
ATOM   79  C  C   . SER A 1 21  ? -4.349  0.222   13.716  1.00 143.00 ? 21  SER A C   1 
ATOM   80  O  O   . SER A 1 21  ? -4.414  0.300   12.494  1.00 150.41 ? 21  SER A O   1 
ATOM   81  C  CB  . SER A 1 21  ? -1.868  0.317   14.043  1.00 135.78 ? 21  SER A CB  1 
ATOM   82  O  OG  . SER A 1 21  ? -1.808  -1.082  14.251  1.00 141.46 ? 21  SER A OG  1 
ATOM   83  N  N   . GLY A 1 22  ? -5.237  -0.440  14.450  1.00 137.50 ? 22  GLY A N   1 
ATOM   84  C  CA  . GLY A 1 22  ? -6.380  -1.097  13.838  1.00 134.46 ? 22  GLY A CA  1 
ATOM   85  C  C   . GLY A 1 22  ? -6.120  -2.338  13.008  1.00 132.77 ? 22  GLY A C   1 
ATOM   86  O  O   . GLY A 1 22  ? -6.977  -2.743  12.217  1.00 132.08 ? 22  GLY A O   1 
ATOM   87  N  N   . VAL A 1 23  ? -4.950  -2.946  13.180  1.00 133.14 ? 23  VAL A N   1 
ATOM   88  C  CA  . VAL A 1 23  ? -4.597  -4.154  12.434  1.00 137.78 ? 23  VAL A CA  1 
ATOM   89  C  C   . VAL A 1 23  ? -4.222  -5.284  13.366  1.00 133.05 ? 23  VAL A C   1 
ATOM   90  O  O   . VAL A 1 23  ? -3.741  -5.049  14.470  1.00 131.91 ? 23  VAL A O   1 
ATOM   91  C  CB  . VAL A 1 23  ? -3.398  -3.935  11.476  1.00 142.86 ? 23  VAL A CB  1 
ATOM   92  C  CG1 . VAL A 1 23  ? -3.851  -3.186  10.228  1.00 149.79 ? 23  VAL A CG1 1 
ATOM   93  C  CG2 . VAL A 1 23  ? -2.281  -3.192  12.202  1.00 140.56 ? 23  VAL A CG2 1 
ATOM   94  N  N   . ALA A 1 24  ? -4.442  -6.511  12.903  1.00 136.68 ? 24  ALA A N   1 
ATOM   95  C  CA  . ALA A 1 24  ? -4.134  -7.694  13.687  1.00 138.27 ? 24  ALA A CA  1 
ATOM   96  C  C   . ALA A 1 24  ? -2.639  -7.767  13.929  1.00 134.16 ? 24  ALA A C   1 
ATOM   97  O  O   . ALA A 1 24  ? -1.848  -7.222  13.162  1.00 131.06 ? 24  ALA A O   1 
ATOM   98  C  CB  . ALA A 1 24  ? -4.606  -8.938  12.959  1.00 148.97 ? 24  ALA A CB  1 
ATOM   99  N  N   . VAL A 1 25  ? -2.261  -8.430  15.012  1.00 131.40 ? 25  VAL A N   1 
ATOM   100 C  CA  . VAL A 1 25  ? -0.856  -8.580  15.347  1.00 130.17 ? 25  VAL A CA  1 
ATOM   101 C  C   . VAL A 1 25  ? -0.169  -9.284  14.190  1.00 132.58 ? 25  VAL A C   1 
ATOM   102 O  O   . VAL A 1 25  ? 0.926   -8.903  13.785  1.00 129.72 ? 25  VAL A O   1 
ATOM   103 C  CB  . VAL A 1 25  ? -0.701  -9.398  16.637  1.00 127.26 ? 25  VAL A CB  1 
ATOM   104 C  CG1 . VAL A 1 25  ? 0.757   -9.745  16.885  1.00 113.14 ? 25  VAL A CG1 1 
ATOM   105 C  CG2 . VAL A 1 25  ? -1.275  -8.600  17.793  1.00 121.39 ? 25  VAL A CG2 1 
ATOM   106 N  N   . SER A 1 26  ? -0.844  -10.297 13.651  1.00 138.41 ? 26  SER A N   1 
ATOM   107 C  CA  . SER A 1 26  ? -0.342  -11.087 12.533  1.00 141.93 ? 26  SER A CA  1 
ATOM   108 C  C   . SER A 1 26  ? 0.099   -10.209 11.362  1.00 147.30 ? 26  SER A C   1 
ATOM   109 O  O   . SER A 1 26  ? 1.023   -10.564 10.618  1.00 150.08 ? 26  SER A O   1 
ATOM   110 C  CB  . SER A 1 26  ? -1.425  -12.041 12.041  1.00 138.78 ? 26  SER A CB  1 
ATOM   111 O  OG  . SER A 1 26  ? -2.353  -11.359 11.215  1.00 142.57 ? 26  SER A OG  1 
ATOM   112 N  N   . ALA A 1 27  ? -0.579  -9.073  11.193  1.00 147.53 ? 27  ALA A N   1 
ATOM   113 C  CA  . ALA A 1 27  ? -0.263  -8.126  10.122  1.00 144.85 ? 27  ALA A CA  1 
ATOM   114 C  C   . ALA A 1 27  ? 1.072   -7.443  10.408  1.00 142.77 ? 27  ALA A C   1 
ATOM   115 O  O   . ALA A 1 27  ? 1.888   -7.270  9.509   1.00 146.17 ? 27  ALA A O   1 
ATOM   116 C  CB  . ALA A 1 27  ? -1.373  -7.088  9.992   1.00 144.53 ? 27  ALA A CB  1 
ATOM   117 N  N   . LEU A 1 28  ? 1.291   -7.054  11.659  1.00 142.90 ? 28  LEU A N   1 
ATOM   118 C  CA  . LEU A 1 28  ? 2.548   -6.427  12.023  1.00 141.44 ? 28  LEU A CA  1 
ATOM   119 C  C   . LEU A 1 28  ? 3.663   -7.416  11.733  1.00 139.67 ? 28  LEU A C   1 
ATOM   120 O  O   . LEU A 1 28  ? 4.788   -7.024  11.437  1.00 143.28 ? 28  LEU A O   1 
ATOM   121 C  CB  . LEU A 1 28  ? 2.563   -6.045  13.502  1.00 134.86 ? 28  LEU A CB  1 
ATOM   122 C  CG  . LEU A 1 28  ? 1.753   -4.799  13.848  1.00 128.97 ? 28  LEU A CG  1 
ATOM   123 C  CD1 . LEU A 1 28  ? 0.276   -5.136  13.730  1.00 130.37 ? 28  LEU A CD1 1 
ATOM   124 C  CD2 . LEU A 1 28  ? 2.104   -4.317  15.252  1.00 121.52 ? 28  LEU A CD2 1 
ATOM   125 N  N   . HIS A 1 29  ? 3.346   -8.703  11.831  1.00 136.35 ? 29  HIS A N   1 
ATOM   126 C  CA  . HIS A 1 29  ? 4.313   -9.754  11.537  1.00 138.87 ? 29  HIS A CA  1 
ATOM   127 C  C   . HIS A 1 29  ? 4.608   -9.645  10.052  1.00 139.94 ? 29  HIS A C   1 
ATOM   128 O  O   . HIS A 1 29  ? 5.759   -9.514  9.615   1.00 138.48 ? 29  HIS A O   1 
ATOM   129 C  CB  . HIS A 1 29  ? 3.717   -11.143 11.795  1.00 139.91 ? 29  HIS A CB  1 
ATOM   130 C  CG  . HIS A 1 29  ? 3.577   -11.491 13.242  1.00 134.18 ? 29  HIS A CG  1 
ATOM   131 N  ND1 . HIS A 1 29  ? 3.308   -12.773 13.669  1.00 134.30 ? 29  HIS A ND1 1 
ATOM   132 C  CD2 . HIS A 1 29  ? 3.677   -10.734 14.359  1.00 132.82 ? 29  HIS A CD2 1 
ATOM   133 C  CE1 . HIS A 1 29  ? 3.252   -12.791 14.988  1.00 139.07 ? 29  HIS A CE1 1 
ATOM   134 N  NE2 . HIS A 1 29  ? 3.472   -11.566 15.431  1.00 140.53 ? 29  HIS A NE2 1 
ATOM   135 N  N   . PHE A 1 30  ? 3.528   -9.723  9.286   1.00 136.19 ? 30  PHE A N   1 
ATOM   136 C  CA  . PHE A 1 30  ? 3.604   -9.635  7.854   1.00 140.52 ? 30  PHE A CA  1 
ATOM   137 C  C   . PHE A 1 30  ? 4.408   -8.392  7.517   1.00 144.66 ? 30  PHE A C   1 
ATOM   138 O  O   . PHE A 1 30  ? 5.447   -8.476  6.880   1.00 148.64 ? 30  PHE A O   1 
ATOM   139 C  CB  . PHE A 1 30  ? 2.202   -9.530  7.277   1.00 146.61 ? 30  PHE A CB  1 
ATOM   140 C  CG  . PHE A 1 30  ? 2.135   -9.798  5.811   1.00 154.16 ? 30  PHE A CG  1 
ATOM   141 C  CD1 . PHE A 1 30  ? 3.297   -9.974  5.067   1.00 159.53 ? 30  PHE A CD1 1 
ATOM   142 C  CD2 . PHE A 1 30  ? 0.907   -9.868  5.166   1.00 155.07 ? 30  PHE A CD2 1 
ATOM   143 C  CE1 . PHE A 1 30  ? 3.238   -10.214 3.703   1.00 164.95 ? 30  PHE A CE1 1 
ATOM   144 C  CE2 . PHE A 1 30  ? 0.833   -10.109 3.800   1.00 157.01 ? 30  PHE A CE2 1 
ATOM   145 C  CZ  . PHE A 1 30  ? 2.001   -10.282 3.065   1.00 164.38 ? 30  PHE A CZ  1 
ATOM   146 N  N   . TYR A 1 31  ? 3.932   -7.238  7.966   1.00 149.91 ? 31  TYR A N   1 
ATOM   147 C  CA  . TYR A 1 31  ? 4.616   -5.975  7.712   1.00 150.25 ? 31  TYR A CA  1 
ATOM   148 C  C   . TYR A 1 31  ? 6.072   -6.013  8.180   1.00 148.02 ? 31  TYR A C   1 
ATOM   149 O  O   . TYR A 1 31  ? 6.851   -5.110  7.870   1.00 147.95 ? 31  TYR A O   1 
ATOM   150 C  CB  . TYR A 1 31  ? 3.875   -4.823  8.414   1.00 155.38 ? 31  TYR A CB  1 
ATOM   151 C  CG  . TYR A 1 31  ? 2.472   -4.551  7.883   1.00 157.21 ? 31  TYR A CG  1 
ATOM   152 C  CD1 . TYR A 1 31  ? 1.631   -3.636  8.516   1.00 150.25 ? 31  TYR A CD1 1 
ATOM   153 C  CD2 . TYR A 1 31  ? 1.986   -5.208  6.745   1.00 159.68 ? 31  TYR A CD2 1 
ATOM   154 C  CE1 . TYR A 1 31  ? 0.337   -3.382  8.032   1.00 150.00 ? 31  TYR A CE1 1 
ATOM   155 C  CE2 . TYR A 1 31  ? 0.691   -4.962  6.256   1.00 154.23 ? 31  TYR A CE2 1 
ATOM   156 C  CZ  . TYR A 1 31  ? -0.129  -4.049  6.904   1.00 147.73 ? 31  TYR A CZ  1 
ATOM   157 O  OH  . TYR A 1 31  ? -1.412  -3.823  6.442   1.00 144.10 ? 31  TYR A OH  1 
ATOM   158 N  N   . GLU A 1 32  ? 6.437   -7.058  8.921   1.00 148.22 ? 32  GLU A N   1 
ATOM   159 C  CA  . GLU A 1 32  ? 7.800   -7.198  9.430   1.00 153.12 ? 32  GLU A CA  1 
ATOM   160 C  C   . GLU A 1 32  ? 8.588   -8.128  8.526   1.00 154.11 ? 32  GLU A C   1 
ATOM   161 O  O   . GLU A 1 32  ? 9.803   -7.973  8.359   1.00 147.19 ? 32  GLU A O   1 
ATOM   162 C  CB  . GLU A 1 32  ? 7.780   -7.749  10.860  1.00 168.11 ? 32  GLU A CB  1 
ATOM   163 C  CG  . GLU A 1 32  ? 9.052   -7.463  11.655  1.00 178.31 ? 32  GLU A CG  1 
ATOM   164 C  CD  . GLU A 1 32  ? 8.913   -7.753  13.150  1.00 184.44 ? 32  GLU A CD  1 
ATOM   165 O  OE1 . GLU A 1 32  ? 9.839   -7.389  13.908  1.00 186.07 ? 32  GLU A OE1 1 
ATOM   166 O  OE2 . GLU A 1 32  ? 7.889   -8.343  13.567  1.00 186.45 ? 32  GLU A OE2 1 
ATOM   167 N  N   . SER A 1 33  ? 7.875   -9.093  7.943   1.00 160.68 ? 33  SER A N   1 
ATOM   168 C  CA  . SER A 1 33  ? 8.463   -10.068 7.024   1.00 165.21 ? 33  SER A CA  1 
ATOM   169 C  C   . SER A 1 33  ? 8.850   -9.355  5.735   1.00 167.90 ? 33  SER A C   1 
ATOM   170 O  O   . SER A 1 33  ? 9.918   -9.586  5.175   1.00 169.43 ? 33  SER A O   1 
ATOM   171 C  CB  . SER A 1 33  ? 7.461   -11.182 6.698   1.00 162.35 ? 33  SER A CB  1 
ATOM   172 O  OG  . SER A 1 33  ? 6.499   -10.756 5.742   1.00 156.96 ? 33  SER A OG  1 
ATOM   173 N  N   . LYS A 1 34  ? 7.956   -8.496  5.259   1.00 169.28 ? 34  LYS A N   1 
ATOM   174 C  CA  . LYS A 1 34  ? 8.208   -7.729  4.054   1.00 169.98 ? 34  LYS A CA  1 
ATOM   175 C  C   . LYS A 1 34  ? 9.143   -6.581  4.421   1.00 173.67 ? 34  LYS A C   1 
ATOM   176 O  O   . LYS A 1 34  ? 9.326   -5.645  3.643   1.00 176.31 ? 34  LYS A O   1 
ATOM   177 C  CB  . LYS A 1 34  ? 6.891   -7.190  3.485   1.00 167.04 ? 34  LYS A CB  1 
ATOM   178 C  CG  . LYS A 1 34  ? 6.363   -7.967  2.281   1.00 163.63 ? 34  LYS A CG  1 
ATOM   179 C  CD  . LYS A 1 34  ? 6.286   -9.460  2.550   1.00 162.89 ? 34  LYS A CD  1 
ATOM   180 C  CE  . LYS A 1 34  ? 5.887   -10.214 1.291   1.00 161.77 ? 34  LYS A CE  1 
ATOM   181 N  NZ  . LYS A 1 34  ? 5.965   -11.692 1.470   1.00 158.19 ? 34  LYS A NZ  1 
ATOM   182 N  N   . GLY A 1 35  ? 9.727   -6.672  5.616   1.00 176.71 ? 35  GLY A N   1 
ATOM   183 C  CA  . GLY A 1 35  ? 10.653  -5.660  6.102   1.00 172.84 ? 35  GLY A CA  1 
ATOM   184 C  C   . GLY A 1 35  ? 10.190  -4.220  5.970   1.00 169.82 ? 35  GLY A C   1 
ATOM   185 O  O   . GLY A 1 35  ? 10.892  -3.385  5.396   1.00 168.59 ? 35  GLY A O   1 
ATOM   186 N  N   . LEU A 1 36  ? 9.011   -3.920  6.507   1.00 165.31 ? 36  LEU A N   1 
ATOM   187 C  CA  . LEU A 1 36  ? 8.468   -2.569  6.445   1.00 159.02 ? 36  LEU A CA  1 
ATOM   188 C  C   . LEU A 1 36  ? 8.620   -1.870  7.792   1.00 159.37 ? 36  LEU A C   1 
ATOM   189 O  O   . LEU A 1 36  ? 8.787   -0.649  7.861   1.00 161.98 ? 36  LEU A O   1 
ATOM   190 C  CB  . LEU A 1 36  ? 6.997   -2.621  6.034   1.00 153.47 ? 36  LEU A CB  1 
ATOM   191 C  CG  . LEU A 1 36  ? 6.740   -3.111  4.603   1.00 150.62 ? 36  LEU A CG  1 
ATOM   192 C  CD1 . LEU A 1 36  ? 5.246   -3.178  4.324   1.00 151.70 ? 36  LEU A CD1 1 
ATOM   193 C  CD2 . LEU A 1 36  ? 7.408   -2.166  3.623   1.00 150.94 ? 36  LEU A CD2 1 
ATOM   194 N  N   . ILE A 1 37  ? 8.572   -2.665  8.857   1.00 154.05 ? 37  ILE A N   1 
ATOM   195 C  CA  . ILE A 1 37  ? 8.716   -2.173  10.225  1.00 150.53 ? 37  ILE A CA  1 
ATOM   196 C  C   . ILE A 1 37  ? 9.664   -3.145  10.931  1.00 147.97 ? 37  ILE A C   1 
ATOM   197 O  O   . ILE A 1 37  ? 9.899   -4.239  10.417  1.00 146.85 ? 37  ILE A O   1 
ATOM   198 C  CB  . ILE A 1 37  ? 7.346   -2.159  10.944  1.00 153.02 ? 37  ILE A CB  1 
ATOM   199 C  CG1 . ILE A 1 37  ? 6.761   -3.574  10.975  1.00 153.83 ? 37  ILE A CG1 1 
ATOM   200 C  CG2 . ILE A 1 37  ? 6.387   -1.214  10.221  1.00 147.33 ? 37  ILE A CG2 1 
ATOM   201 C  CD1 . ILE A 1 37  ? 5.481   -3.706  11.771  1.00 132.94 ? 37  ILE A CD1 1 
ATOM   202 N  N   . THR A 1 38  ? 10.205  -2.767  12.090  1.00 148.44 ? 38  THR A N   1 
ATOM   203 C  CA  . THR A 1 38  ? 11.123  -3.657  12.812  1.00 152.76 ? 38  THR A CA  1 
ATOM   204 C  C   . THR A 1 38  ? 10.944  -3.673  14.337  1.00 154.64 ? 38  THR A C   1 
ATOM   205 O  O   . THR A 1 38  ? 10.435  -2.721  14.922  1.00 152.55 ? 38  THR A O   1 
ATOM   206 C  CB  . THR A 1 38  ? 12.585  -3.302  12.494  1.00 153.99 ? 38  THR A CB  1 
ATOM   207 O  OG1 . THR A 1 38  ? 12.617  -2.178  11.604  1.00 151.33 ? 38  THR A OG1 1 
ATOM   208 C  CG2 . THR A 1 38  ? 13.293  -4.491  11.844  1.00 148.57 ? 38  THR A CG2 1 
ATOM   209 N  N   . SER A 1 39  ? 11.382  -4.756  14.976  1.00 158.84 ? 39  SER A N   1 
ATOM   210 C  CA  . SER A 1 39  ? 11.259  -4.894  16.432  1.00 167.71 ? 39  SER A CA  1 
ATOM   211 C  C   . SER A 1 39  ? 12.590  -5.055  17.177  1.00 168.52 ? 39  SER A C   1 
ATOM   212 O  O   . SER A 1 39  ? 13.645  -5.245  16.562  1.00 163.52 ? 39  SER A O   1 
ATOM   213 C  CB  . SER A 1 39  ? 10.348  -6.075  16.768  1.00 177.53 ? 39  SER A CB  1 
ATOM   214 O  OG  . SER A 1 39  ? 10.855  -7.279  16.216  1.00 191.92 ? 39  SER A OG  1 
ATOM   215 N  N   . ILE A 1 40  ? 12.520  -4.987  18.507  1.00 169.62 ? 40  ILE A N   1 
ATOM   216 C  CA  . ILE A 1 40  ? 13.704  -5.094  19.357  1.00 175.98 ? 40  ILE A CA  1 
ATOM   217 C  C   . ILE A 1 40  ? 13.544  -6.123  20.485  1.00 180.33 ? 40  ILE A C   1 
ATOM   218 O  O   . ILE A 1 40  ? 13.266  -5.748  21.630  1.00 180.08 ? 40  ILE A O   1 
ATOM   219 C  CB  . ILE A 1 40  ? 14.035  -3.723  20.005  1.00 174.54 ? 40  ILE A CB  1 
ATOM   220 C  CG1 . ILE A 1 40  ? 14.158  -2.638  18.933  1.00 169.43 ? 40  ILE A CG1 1 
ATOM   221 C  CG2 . ILE A 1 40  ? 15.335  -3.813  20.789  1.00 179.42 ? 40  ILE A CG2 1 
ATOM   222 C  CD1 . ILE A 1 40  ? 12.833  -2.169  18.371  1.00 160.64 ? 40  ILE A CD1 1 
ATOM   223 N  N   . ARG A 1 41  ? 13.742  -7.406  20.168  1.00 183.97 ? 41  ARG A N   1 
ATOM   224 C  CA  . ARG A 1 41  ? 13.611  -8.493  21.150  1.00 189.27 ? 41  ARG A CA  1 
ATOM   225 C  C   . ARG A 1 41  ? 14.306  -8.189  22.489  1.00 192.88 ? 41  ARG A C   1 
ATOM   226 O  O   . ARG A 1 41  ? 15.186  -7.324  22.564  1.00 194.47 ? 41  ARG A O   1 
ATOM   227 C  CB  . ARG A 1 41  ? 14.113  -9.811  20.537  1.00 186.80 ? 41  ARG A CB  1 
ATOM   228 C  CG  . ARG A 1 41  ? 13.224  -10.293 19.382  1.00 188.73 ? 41  ARG A CG  1 
ATOM   229 C  CD  . ARG A 1 41  ? 13.867  -11.380 18.513  1.00 196.97 ? 41  ARG A CD  1 
ATOM   230 N  NE  . ARG A 1 41  ? 14.001  -12.672 19.192  1.00 196.97 ? 41  ARG A NE  1 
ATOM   231 C  CZ  . ARG A 1 41  ? 14.369  -13.808 18.594  1.00 196.97 ? 41  ARG A CZ  1 
ATOM   232 N  NH1 . ARG A 1 41  ? 14.647  -13.826 17.294  1.00 194.10 ? 41  ARG A NH1 1 
ATOM   233 N  NH2 . ARG A 1 41  ? 14.461  -14.932 19.299  1.00 189.55 ? 41  ARG A NH2 1 
ATOM   234 N  N   . ASN A 1 42  ? 13.891  -8.894  23.543  1.00 194.78 ? 42  ASN A N   1 
ATOM   235 C  CA  . ASN A 1 42  ? 14.424  -8.668  24.892  1.00 196.97 ? 42  ASN A CA  1 
ATOM   236 C  C   . ASN A 1 42  ? 13.937  -9.792  25.807  1.00 196.30 ? 42  ASN A C   1 
ATOM   237 O  O   . ASN A 1 42  ? 12.844  -10.309 25.616  1.00 196.92 ? 42  ASN A O   1 
ATOM   238 C  CB  . ASN A 1 42  ? 13.894  -7.316  25.420  1.00 196.97 ? 42  ASN A CB  1 
ATOM   239 C  CG  . ASN A 1 42  ? 14.720  -6.743  26.576  1.00 193.97 ? 42  ASN A CG  1 
ATOM   240 O  OD1 . ASN A 1 42  ? 15.853  -6.307  26.383  1.00 189.16 ? 42  ASN A OD1 1 
ATOM   241 N  ND2 . ASN A 1 42  ? 14.144  -6.734  27.777  1.00 183.83 ? 42  ASN A ND2 1 
ATOM   242 N  N   . SER A 1 43  ? 14.755  -10.159 26.792  1.00 196.93 ? 43  SER A N   1 
ATOM   243 C  CA  . SER A 1 43  ? 14.435  -11.195 27.790  1.00 196.92 ? 43  SER A CA  1 
ATOM   244 C  C   . SER A 1 43  ? 13.646  -12.436 27.312  1.00 196.97 ? 43  SER A C   1 
ATOM   245 O  O   . SER A 1 43  ? 12.562  -12.727 27.834  1.00 196.97 ? 43  SER A O   1 
ATOM   246 C  CB  . SER A 1 43  ? 13.673  -10.555 28.963  1.00 188.37 ? 43  SER A CB  1 
ATOM   247 O  OG  . SER A 1 43  ? 13.843  -9.144  28.992  1.00 178.13 ? 43  SER A OG  1 
ATOM   248 N  N   . GLY A 1 44  ? 14.198  -13.185 26.359  1.00 196.97 ? 44  GLY A N   1 
ATOM   249 C  CA  . GLY A 1 44  ? 13.502  -14.355 25.847  1.00 195.87 ? 44  GLY A CA  1 
ATOM   250 C  C   . GLY A 1 44  ? 12.705  -13.930 24.629  1.00 196.97 ? 44  GLY A C   1 
ATOM   251 O  O   . GLY A 1 44  ? 11.498  -14.183 24.541  1.00 195.85 ? 44  GLY A O   1 
ATOM   252 N  N   . ASN A 1 45  ? 13.409  -13.267 23.706  1.00 196.97 ? 45  ASN A N   1 
ATOM   253 C  CA  . ASN A 1 45  ? 12.877  -12.732 22.446  1.00 196.97 ? 45  ASN A CA  1 
ATOM   254 C  C   . ASN A 1 45  ? 11.584  -11.914 22.571  1.00 196.97 ? 45  ASN A C   1 
ATOM   255 O  O   . ASN A 1 45  ? 10.857  -11.731 21.586  1.00 196.97 ? 45  ASN A O   1 
ATOM   256 C  CB  . ASN A 1 45  ? 12.705  -13.855 21.399  1.00 196.97 ? 45  ASN A CB  1 
ATOM   257 C  CG  . ASN A 1 45  ? 11.567  -14.820 21.720  1.00 196.97 ? 45  ASN A CG  1 
ATOM   258 O  OD1 . ASN A 1 45  ? 10.391  -14.443 21.732  1.00 196.97 ? 45  ASN A OD1 1 
ATOM   259 N  ND2 . ASN A 1 45  ? 11.916  -16.080 21.964  1.00 196.97 ? 45  ASN A ND2 1 
ATOM   260 N  N   . GLN A 1 46  ? 11.325  -11.407 23.781  1.00 196.97 ? 46  GLN A N   1 
ATOM   261 C  CA  . GLN A 1 46  ? 10.134  -10.601 24.088  1.00 196.22 ? 46  GLN A CA  1 
ATOM   262 C  C   . GLN A 1 46  ? 10.135  -9.323  23.255  1.00 189.81 ? 46  GLN A C   1 
ATOM   263 O  O   . GLN A 1 46  ? 10.566  -8.262  23.721  1.00 186.76 ? 46  GLN A O   1 
ATOM   264 C  CB  . GLN A 1 46  ? 10.104  -10.245 25.584  1.00 196.64 ? 46  GLN A CB  1 
ATOM   265 C  CG  . GLN A 1 46  ? 8.725   -9.938  26.153  1.00 196.97 ? 46  GLN A CG  1 
ATOM   266 C  CD  . GLN A 1 46  ? 7.751   -11.089 25.963  1.00 196.78 ? 46  GLN A CD  1 
ATOM   267 O  OE1 . GLN A 1 46  ? 8.098   -12.252 26.179  1.00 196.97 ? 46  GLN A OE1 1 
ATOM   268 N  NE2 . GLN A 1 46  ? 6.522   -10.768 25.564  1.00 186.33 ? 46  GLN A NE2 1 
ATOM   269 N  N   . ARG A 1 47  ? 9.641   -9.442  22.025  1.00 180.24 ? 47  ARG A N   1 
ATOM   270 C  CA  . ARG A 1 47  ? 9.584   -8.333  21.079  1.00 170.06 ? 47  ARG A CA  1 
ATOM   271 C  C   . ARG A 1 47  ? 8.915   -7.054  21.582  1.00 159.62 ? 47  ARG A C   1 
ATOM   272 O  O   . ARG A 1 47  ? 8.254   -7.040  22.618  1.00 166.29 ? 47  ARG A O   1 
ATOM   273 C  CB  . ARG A 1 47  ? 8.875   -8.780  19.805  1.00 173.35 ? 47  ARG A CB  1 
ATOM   274 C  CG  . ARG A 1 47  ? 9.588   -9.852  19.018  1.00 181.68 ? 47  ARG A CG  1 
ATOM   275 C  CD  . ARG A 1 47  ? 8.827   -10.082 17.741  1.00 186.75 ? 47  ARG A CD  1 
ATOM   276 N  NE  . ARG A 1 47  ? 7.424   -10.342 18.038  1.00 193.26 ? 47  ARG A NE  1 
ATOM   277 C  CZ  . ARG A 1 47  ? 6.461   -10.381 17.126  1.00 196.36 ? 47  ARG A CZ  1 
ATOM   278 N  NH1 . ARG A 1 47  ? 6.753   -10.170 15.849  1.00 192.82 ? 47  ARG A NH1 1 
ATOM   279 N  NH2 . ARG A 1 47  ? 5.212   -10.637 17.492  1.00 192.65 ? 47  ARG A NH2 1 
ATOM   280 N  N   . ARG A 1 48  ? 9.102   -5.978  20.827  1.00 143.97 ? 48  ARG A N   1 
ATOM   281 C  CA  . ARG A 1 48  ? 8.505   -4.699  21.158  1.00 139.38 ? 48  ARG A CA  1 
ATOM   282 C  C   . ARG A 1 48  ? 8.740   -3.739  20.003  1.00 136.89 ? 48  ARG A C   1 
ATOM   283 O  O   . ARG A 1 48  ? 9.677   -3.929  19.222  1.00 137.97 ? 48  ARG A O   1 
ATOM   284 C  CB  . ARG A 1 48  ? 9.100   -4.150  22.450  1.00 144.64 ? 48  ARG A CB  1 
ATOM   285 C  CG  . ARG A 1 48  ? 8.052   -3.533  23.351  1.00 159.75 ? 48  ARG A CG  1 
ATOM   286 C  CD  . ARG A 1 48  ? 6.983   -4.555  23.695  1.00 164.27 ? 48  ARG A CD  1 
ATOM   287 N  NE  . ARG A 1 48  ? 7.288   -5.281  24.921  1.00 170.15 ? 48  ARG A NE  1 
ATOM   288 C  CZ  . ARG A 1 48  ? 6.692   -6.411  25.294  1.00 175.62 ? 48  ARG A CZ  1 
ATOM   289 N  NH1 . ARG A 1 48  ? 5.755   -6.964  24.528  1.00 170.10 ? 48  ARG A NH1 1 
ATOM   290 N  NH2 . ARG A 1 48  ? 7.023   -6.983  26.447  1.00 178.69 ? 48  ARG A NH2 1 
ATOM   291 N  N   . TYR A 1 49  ? 7.877   -2.731  19.880  1.00 135.27 ? 49  TYR A N   1 
ATOM   292 C  CA  . TYR A 1 49  ? 7.992   -1.749  18.806  1.00 141.57 ? 49  TYR A CA  1 
ATOM   293 C  C   . TYR A 1 49  ? 8.187   -0.335  19.336  1.00 147.49 ? 49  TYR A C   1 
ATOM   294 O  O   . TYR A 1 49  ? 8.020   -0.076  20.529  1.00 145.51 ? 49  TYR A O   1 
ATOM   295 C  CB  . TYR A 1 49  ? 6.752   -1.773  17.905  1.00 133.08 ? 49  TYR A CB  1 
ATOM   296 C  CG  . TYR A 1 49  ? 6.518   -3.077  17.176  1.00 128.50 ? 49  TYR A CG  1 
ATOM   297 C  CD1 . TYR A 1 49  ? 6.248   -4.250  17.874  1.00 128.52 ? 49  TYR A CD1 1 
ATOM   298 C  CD2 . TYR A 1 49  ? 6.540   -3.134  15.784  1.00 124.83 ? 49  TYR A CD2 1 
ATOM   299 C  CE1 . TYR A 1 49  ? 6.002   -5.454  17.209  1.00 127.62 ? 49  TYR A CE1 1 
ATOM   300 C  CE2 . TYR A 1 49  ? 6.295   -4.333  15.104  1.00 123.06 ? 49  TYR A CE2 1 
ATOM   301 C  CZ  . TYR A 1 49  ? 6.026   -5.491  15.826  1.00 127.92 ? 49  TYR A CZ  1 
ATOM   302 O  OH  . TYR A 1 49  ? 5.781   -6.682  15.169  1.00 119.80 ? 49  TYR A OH  1 
ATOM   303 N  N   . LYS A 1 50  ? 8.533   0.579   18.432  1.00 155.02 ? 50  LYS A N   1 
ATOM   304 C  CA  . LYS A 1 50  ? 8.758   1.977   18.786  1.00 164.56 ? 50  LYS A CA  1 
ATOM   305 C  C   . LYS A 1 50  ? 7.596   2.914   18.442  1.00 161.57 ? 50  LYS A C   1 
ATOM   306 O  O   . LYS A 1 50  ? 6.871   2.689   17.478  1.00 164.63 ? 50  LYS A O   1 
ATOM   307 C  CB  . LYS A 1 50  ? 10.024  2.493   18.101  1.00 177.92 ? 50  LYS A CB  1 
ATOM   308 C  CG  . LYS A 1 50  ? 11.301  2.233   18.873  1.00 185.27 ? 50  LYS A CG  1 
ATOM   309 C  CD  . LYS A 1 50  ? 12.344  3.310   18.581  1.00 189.28 ? 50  LYS A CD  1 
ATOM   310 C  CE  . LYS A 1 50  ? 11.811  4.719   18.884  1.00 188.63 ? 50  LYS A CE  1 
ATOM   311 N  NZ  . LYS A 1 50  ? 11.303  4.884   20.281  1.00 183.78 ? 50  LYS A NZ  1 
ATOM   312 N  N   . ARG A 1 51  ? 7.442   3.975   19.230  1.00 158.78 ? 51  ARG A N   1 
ATOM   313 C  CA  . ARG A 1 51  ? 6.387   4.955   19.017  1.00 162.59 ? 51  ARG A CA  1 
ATOM   314 C  C   . ARG A 1 51  ? 6.058   5.193   17.550  1.00 161.83 ? 51  ARG A C   1 
ATOM   315 O  O   . ARG A 1 51  ? 4.951   4.910   17.098  1.00 165.65 ? 51  ARG A O   1 
ATOM   316 C  CB  . ARG A 1 51  ? 6.770   6.289   19.661  1.00 172.86 ? 51  ARG A CB  1 
ATOM   317 C  CG  . ARG A 1 51  ? 6.357   6.398   21.102  1.00 181.89 ? 51  ARG A CG  1 
ATOM   318 C  CD  . ARG A 1 51  ? 4.846   6.402   21.208  1.00 188.86 ? 51  ARG A CD  1 
ATOM   319 N  NE  . ARG A 1 51  ? 4.393   5.990   22.531  1.00 194.17 ? 51  ARG A NE  1 
ATOM   320 C  CZ  . ARG A 1 51  ? 3.124   6.024   22.926  1.00 196.60 ? 51  ARG A CZ  1 
ATOM   321 N  NH1 . ARG A 1 51  ? 2.185   6.455   22.092  1.00 196.66 ? 51  ARG A NH1 1 
ATOM   322 N  NH2 . ARG A 1 51  ? 2.793   5.627   24.150  1.00 195.70 ? 51  ARG A NH2 1 
ATOM   323 N  N   . ASP A 1 52  ? 7.028   5.711   16.810  1.00 161.17 ? 52  ASP A N   1 
ATOM   324 C  CA  . ASP A 1 52  ? 6.831   6.013   15.399  1.00 158.32 ? 52  ASP A CA  1 
ATOM   325 C  C   . ASP A 1 52  ? 6.159   4.900   14.580  1.00 151.87 ? 52  ASP A C   1 
ATOM   326 O  O   . ASP A 1 52  ? 5.378   5.188   13.676  1.00 146.97 ? 52  ASP A O   1 
ATOM   327 C  CB  . ASP A 1 52  ? 8.176   6.393   14.775  1.00 164.12 ? 52  ASP A CB  1 
ATOM   328 C  CG  . ASP A 1 52  ? 9.125   5.220   14.675  1.00 168.87 ? 52  ASP A CG  1 
ATOM   329 O  OD1 . ASP A 1 52  ? 9.114   4.360   15.581  1.00 173.62 ? 52  ASP A OD1 1 
ATOM   330 O  OD2 . ASP A 1 52  ? 9.893   5.164   13.692  1.00 170.59 ? 52  ASP A OD2 1 
ATOM   331 N  N   . VAL A 1 53  ? 6.442   3.639   14.903  1.00 143.55 ? 53  VAL A N   1 
ATOM   332 C  CA  . VAL A 1 53  ? 5.870   2.502   14.165  1.00 136.77 ? 53  VAL A CA  1 
ATOM   333 C  C   . VAL A 1 53  ? 4.390   2.667   13.795  1.00 136.08 ? 53  VAL A C   1 
ATOM   334 O  O   . VAL A 1 53  ? 3.966   2.220   12.726  1.00 135.60 ? 53  VAL A O   1 
ATOM   335 C  CB  . VAL A 1 53  ? 6.053   1.150   14.942  1.00 133.32 ? 53  VAL A CB  1 
ATOM   336 C  CG1 . VAL A 1 53  ? 4.977   0.995   15.999  1.00 147.40 ? 53  VAL A CG1 1 
ATOM   337 C  CG2 . VAL A 1 53  ? 6.020   -0.027  13.973  1.00 123.10 ? 53  VAL A CG2 1 
ATOM   338 N  N   . LEU A 1 54  ? 3.606   3.301   14.668  1.00 140.04 ? 54  LEU A N   1 
ATOM   339 C  CA  . LEU A 1 54  ? 2.189   3.512   14.382  1.00 139.59 ? 54  LEU A CA  1 
ATOM   340 C  C   . LEU A 1 54  ? 2.105   4.289   13.081  1.00 137.39 ? 54  LEU A C   1 
ATOM   341 O  O   . LEU A 1 54  ? 1.338   3.939   12.186  1.00 133.83 ? 54  LEU A O   1 
ATOM   342 C  CB  . LEU A 1 54  ? 1.501   4.312   15.500  1.00 135.37 ? 54  LEU A CB  1 
ATOM   343 C  CG  . LEU A 1 54  ? 1.313   3.700   16.897  1.00 129.29 ? 54  LEU A CG  1 
ATOM   344 C  CD1 . LEU A 1 54  ? 0.473   2.441   16.820  1.00 134.74 ? 54  LEU A CD1 1 
ATOM   345 C  CD2 . LEU A 1 54  ? 2.652   3.388   17.497  1.00 134.54 ? 54  LEU A CD2 1 
ATOM   346 N  N   . ARG A 1 55  ? 2.923   5.336   12.990  1.00 133.50 ? 55  ARG A N   1 
ATOM   347 C  CA  . ARG A 1 55  ? 2.995   6.204   11.817  1.00 132.14 ? 55  ARG A CA  1 
ATOM   348 C  C   . ARG A 1 55  ? 3.217   5.417   10.512  1.00 129.40 ? 55  ARG A C   1 
ATOM   349 O  O   . ARG A 1 55  ? 2.557   5.671   9.504   1.00 120.86 ? 55  ARG A O   1 
ATOM   350 C  CB  . ARG A 1 55  ? 4.133   7.212   12.002  1.00 135.46 ? 55  ARG A CB  1 
ATOM   351 C  CG  . ARG A 1 55  ? 3.975   8.487   11.208  1.00 142.27 ? 55  ARG A CG  1 
ATOM   352 C  CD  . ARG A 1 55  ? 3.268   9.553   12.033  1.00 148.47 ? 55  ARG A CD  1 
ATOM   353 N  NE  . ARG A 1 55  ? 2.804   10.668  11.211  1.00 153.78 ? 55  ARG A NE  1 
ATOM   354 C  CZ  . ARG A 1 55  ? 3.565   11.345  10.358  1.00 150.76 ? 55  ARG A CZ  1 
ATOM   355 N  NH1 . ARG A 1 55  ? 4.844   11.032  10.200  1.00 151.62 ? 55  ARG A NH1 1 
ATOM   356 N  NH2 . ARG A 1 55  ? 3.038   12.335  9.654   1.00 144.52 ? 55  ARG A NH2 1 
ATOM   357 N  N   . TYR A 1 56  ? 4.156   4.471   10.536  1.00 128.69 ? 56  TYR A N   1 
ATOM   358 C  CA  . TYR A 1 56  ? 4.455   3.653   9.363   1.00 126.00 ? 56  TYR A CA  1 
ATOM   359 C  C   . TYR A 1 56  ? 3.231   2.883   8.919   1.00 120.98 ? 56  TYR A C   1 
ATOM   360 O  O   . TYR A 1 56  ? 2.722   3.092   7.817   1.00 113.91 ? 56  TYR A O   1 
ATOM   361 C  CB  . TYR A 1 56  ? 5.587   2.673   9.676   1.00 134.11 ? 56  TYR A CB  1 
ATOM   362 C  CG  . TYR A 1 56  ? 6.957   3.307   9.642   1.00 146.32 ? 56  TYR A CG  1 
ATOM   363 C  CD1 . TYR A 1 56  ? 7.846   3.045   8.595   1.00 146.90 ? 56  TYR A CD1 1 
ATOM   364 C  CD2 . TYR A 1 56  ? 7.360   4.187   10.645  1.00 145.02 ? 56  TYR A CD2 1 
ATOM   365 C  CE1 . TYR A 1 56  ? 9.105   3.646   8.552   1.00 151.52 ? 56  TYR A CE1 1 
ATOM   366 C  CE2 . TYR A 1 56  ? 8.616   4.797   10.610  1.00 149.69 ? 56  TYR A CE2 1 
ATOM   367 C  CZ  . TYR A 1 56  ? 9.483   4.524   9.565   1.00 151.57 ? 56  TYR A CZ  1 
ATOM   368 O  OH  . TYR A 1 56  ? 10.722  5.128   9.544   1.00 146.88 ? 56  TYR A OH  1 
ATOM   369 N  N   . VAL A 1 57  ? 2.769   1.993   9.794   1.00 117.60 ? 57  VAL A N   1 
ATOM   370 C  CA  . VAL A 1 57  ? 1.597   1.162   9.532   1.00 113.47 ? 57  VAL A CA  1 
ATOM   371 C  C   . VAL A 1 57  ? 0.450   2.022   9.064   1.00 113.83 ? 57  VAL A C   1 
ATOM   372 O  O   . VAL A 1 57  ? -0.345  1.616   8.224   1.00 101.36 ? 57  VAL A O   1 
ATOM   373 C  CB  . VAL A 1 57  ? 1.136   0.427   10.784  1.00 107.23 ? 57  VAL A CB  1 
ATOM   374 C  CG1 . VAL A 1 57  ? 0.186   -0.686  10.407  1.00 102.75 ? 57  VAL A CG1 1 
ATOM   375 C  CG2 . VAL A 1 57  ? 2.326   -0.116  11.524  1.00 111.58 ? 57  VAL A CG2 1 
ATOM   376 N  N   . ALA A 1 58  ? 0.357   3.214   9.629   1.00 118.61 ? 58  ALA A N   1 
ATOM   377 C  CA  . ALA A 1 58  ? -0.691  4.127   9.236   1.00 117.47 ? 58  ALA A CA  1 
ATOM   378 C  C   . ALA A 1 58  ? -0.476  4.372   7.763   1.00 123.11 ? 58  ALA A C   1 
ATOM   379 O  O   . ALA A 1 58  ? -1.382  4.164   6.955   1.00 123.42 ? 58  ALA A O   1 
ATOM   380 C  CB  . ALA A 1 58  ? -0.564  5.418   9.989   1.00 112.97 ? 58  ALA A CB  1 
ATOM   381 N  N   . ILE A 1 59  ? 0.742   4.799   7.425   1.00 126.66 ? 59  ILE A N   1 
ATOM   382 C  CA  . ILE A 1 59  ? 1.113   5.099   6.045   1.00 123.74 ? 59  ILE A CA  1 
ATOM   383 C  C   . ILE A 1 59  ? 0.951   3.866   5.167   1.00 125.03 ? 59  ILE A C   1 
ATOM   384 O  O   . ILE A 1 59  ? 0.399   3.949   4.067   1.00 122.25 ? 59  ILE A O   1 
ATOM   385 C  CB  . ILE A 1 59  ? 2.579   5.613   5.940   1.00 121.14 ? 59  ILE A CB  1 
ATOM   386 C  CG1 . ILE A 1 59  ? 2.768   6.858   6.814   1.00 124.60 ? 59  ILE A CG1 1 
ATOM   387 C  CG2 . ILE A 1 59  ? 2.895   5.995   4.503   1.00 124.14 ? 59  ILE A CG2 1 
ATOM   388 C  CD1 . ILE A 1 59  ? 4.133   7.485   6.700   1.00 118.41 ? 59  ILE A CD1 1 
ATOM   389 N  N   . ILE A 1 60  ? 1.412   2.720   5.660   1.00 125.56 ? 60  ILE A N   1 
ATOM   390 C  CA  . ILE A 1 60  ? 1.299   1.486   4.891   1.00 125.04 ? 60  ILE A CA  1 
ATOM   391 C  C   . ILE A 1 60  ? -0.143  1.250   4.445   1.00 124.46 ? 60  ILE A C   1 
ATOM   392 O  O   . ILE A 1 60  ? -0.396  1.014   3.265   1.00 122.26 ? 60  ILE A O   1 
ATOM   393 C  CB  . ILE A 1 60  ? 1.791   0.241   5.696   1.00 118.61 ? 60  ILE A CB  1 
ATOM   394 C  CG1 . ILE A 1 60  ? 3.266   0.410   6.101   1.00 111.31 ? 60  ILE A CG1 1 
ATOM   395 C  CG2 . ILE A 1 60  ? 1.637   -1.019  4.843   1.00 114.68 ? 60  ILE A CG2 1 
ATOM   396 C  CD1 . ILE A 1 60  ? 3.871   -0.811  6.800   1.00 114.52 ? 60  ILE A CD1 1 
ATOM   397 N  N   . LYS A 1 61  ? -1.083  1.329   5.385   1.00 123.91 ? 61  LYS A N   1 
ATOM   398 C  CA  . LYS A 1 61  ? -2.490  1.112   5.069   1.00 127.25 ? 61  LYS A CA  1 
ATOM   399 C  C   . LYS A 1 61  ? -2.945  2.074   3.991   1.00 125.27 ? 61  LYS A C   1 
ATOM   400 O  O   . LYS A 1 61  ? -3.524  1.658   2.986   1.00 125.95 ? 61  LYS A O   1 
ATOM   401 C  CB  . LYS A 1 61  ? -3.366  1.290   6.309   1.00 136.20 ? 61  LYS A CB  1 
ATOM   402 C  CG  . LYS A 1 61  ? -2.912  0.470   7.491   1.00 155.06 ? 61  LYS A CG  1 
ATOM   403 C  CD  . LYS A 1 61  ? -3.980  0.365   8.565   1.00 159.27 ? 61  LYS A CD  1 
ATOM   404 C  CE  . LYS A 1 61  ? -5.065  -0.620  8.162   1.00 164.53 ? 61  LYS A CE  1 
ATOM   405 N  NZ  . LYS A 1 61  ? -6.058  -0.817  9.258   1.00 171.82 ? 61  LYS A NZ  1 
ATOM   406 N  N   . ILE A 1 62  ? -2.687  3.363   4.197   1.00 120.39 ? 62  ILE A N   1 
ATOM   407 C  CA  . ILE A 1 62  ? -3.093  4.352   3.212   1.00 117.59 ? 62  ILE A CA  1 
ATOM   408 C  C   . ILE A 1 62  ? -2.570  3.861   1.887   1.00 121.99 ? 62  ILE A C   1 
ATOM   409 O  O   . ILE A 1 62  ? -3.331  3.686   0.947   1.00 120.66 ? 62  ILE A O   1 
ATOM   410 C  CB  . ILE A 1 62  ? -2.489  5.747   3.468   1.00 116.70 ? 62  ILE A CB  1 
ATOM   411 C  CG1 . ILE A 1 62  ? -2.890  6.261   4.850   1.00 121.43 ? 62  ILE A CG1 1 
ATOM   412 C  CG2 . ILE A 1 62  ? -2.991  6.718   2.414   1.00 107.09 ? 62  ILE A CG2 1 
ATOM   413 C  CD1 . ILE A 1 62  ? -2.348  7.639   5.170   1.00 128.19 ? 62  ILE A CD1 1 
ATOM   414 N  N   . ALA A 1 63  ? -1.265  3.617   1.837   1.00 129.88 ? 63  ALA A N   1 
ATOM   415 C  CA  . ALA A 1 63  ? -0.602  3.143   0.629   1.00 130.62 ? 63  ALA A CA  1 
ATOM   416 C  C   . ALA A 1 63  ? -1.372  2.008   -0.030  1.00 128.18 ? 63  ALA A C   1 
ATOM   417 O  O   . ALA A 1 63  ? -1.686  2.070   -1.219  1.00 128.45 ? 63  ALA A O   1 
ATOM   418 C  CB  . ALA A 1 63  ? 0.804   2.691   0.959   1.00 130.48 ? 63  ALA A CB  1 
ATOM   419 N  N   . GLN A 1 64  ? -1.672  0.973   0.747   1.00 127.93 ? 64  GLN A N   1 
ATOM   420 C  CA  . GLN A 1 64  ? -2.410  -0.168  0.225   1.00 127.10 ? 64  GLN A CA  1 
ATOM   421 C  C   . GLN A 1 64  ? -3.743  0.321   -0.280  1.00 125.64 ? 64  GLN A C   1 
ATOM   422 O  O   . GLN A 1 64  ? -4.182  -0.041  -1.364  1.00 124.14 ? 64  GLN A O   1 
ATOM   423 C  CB  . GLN A 1 64  ? -2.645  -1.204  1.308   1.00 124.83 ? 64  GLN A CB  1 
ATOM   424 C  CG  . GLN A 1 64  ? -1.398  -1.634  2.014   1.00 135.80 ? 64  GLN A CG  1 
ATOM   425 C  CD  . GLN A 1 64  ? -1.586  -2.955  2.703   1.00 143.56 ? 64  GLN A CD  1 
ATOM   426 O  OE1 . GLN A 1 64  ? -1.698  -3.993  2.047   1.00 146.08 ? 64  GLN A OE1 1 
ATOM   427 N  NE2 . GLN A 1 64  ? -1.643  -2.931  4.033   1.00 146.92 ? 64  GLN A NE2 1 
ATOM   428 N  N   . ARG A 1 65  ? -4.394  1.156   0.511   1.00 124.12 ? 65  ARG A N   1 
ATOM   429 C  CA  . ARG A 1 65  ? -5.674  1.679   0.096   1.00 128.95 ? 65  ARG A CA  1 
ATOM   430 C  C   . ARG A 1 65  ? -5.531  2.424   -1.244  1.00 129.68 ? 65  ARG A C   1 
ATOM   431 O  O   . ARG A 1 65  ? -6.436  2.383   -2.075  1.00 129.77 ? 65  ARG A O   1 
ATOM   432 C  CB  . ARG A 1 65  ? -6.241  2.595   1.194   1.00 129.20 ? 65  ARG A CB  1 
ATOM   433 C  CG  . ARG A 1 65  ? -7.714  2.950   1.017   1.00 129.54 ? 65  ARG A CG  1 
ATOM   434 C  CD  . ARG A 1 65  ? -8.350  3.356   2.334   1.00 124.26 ? 65  ARG A CD  1 
ATOM   435 N  NE  . ARG A 1 65  ? -8.596  4.795   2.472   1.00 134.83 ? 65  ARG A NE  1 
ATOM   436 C  CZ  . ARG A 1 65  ? -9.291  5.545   1.613   1.00 141.47 ? 65  ARG A CZ  1 
ATOM   437 N  NH1 . ARG A 1 65  ? -9.818  5.001   0.512   1.00 139.53 ? 65  ARG A NH1 1 
ATOM   438 N  NH2 . ARG A 1 65  ? -9.497  6.837   1.878   1.00 126.04 ? 65  ARG A NH2 1 
ATOM   439 N  N   . ILE A 1 66  ? -4.385  3.070   -1.470  1.00 127.35 ? 66  ILE A N   1 
ATOM   440 C  CA  . ILE A 1 66  ? -4.169  3.811   -2.713  1.00 123.84 ? 66  ILE A CA  1 
ATOM   441 C  C   . ILE A 1 66  ? -3.876  2.866   -3.874  1.00 120.47 ? 66  ILE A C   1 
ATOM   442 O  O   . ILE A 1 66  ? -3.786  3.292   -5.025  1.00 114.96 ? 66  ILE A O   1 
ATOM   443 C  CB  . ILE A 1 66  ? -2.980  4.813   -2.623  1.00 124.30 ? 66  ILE A CB  1 
ATOM   444 C  CG1 . ILE A 1 66  ? -2.868  5.444   -1.233  1.00 117.08 ? 66  ILE A CG1 1 
ATOM   445 C  CG2 . ILE A 1 66  ? -3.206  5.943   -3.613  1.00 125.77 ? 66  ILE A CG2 1 
ATOM   446 C  CD1 . ILE A 1 66  ? -3.901  6.491   -0.936  1.00 131.90 ? 66  ILE A CD1 1 
ATOM   447 N  N   . GLY A 1 67  ? -3.714  1.585   -3.570  1.00 120.29 ? 67  GLY A N   1 
ATOM   448 C  CA  . GLY A 1 67  ? -3.447  0.613   -4.617  1.00 131.88 ? 67  GLY A CA  1 
ATOM   449 C  C   . GLY A 1 67  ? -1.982  0.263   -4.862  1.00 138.44 ? 67  GLY A C   1 
ATOM   450 O  O   . GLY A 1 67  ? -1.668  -0.590  -5.703  1.00 140.73 ? 67  GLY A O   1 
ATOM   451 N  N   . ILE A 1 68  ? -1.084  0.911   -4.128  1.00 138.72 ? 68  ILE A N   1 
ATOM   452 C  CA  . ILE A 1 68  ? 0.346   0.664   -4.280  1.00 133.01 ? 68  ILE A CA  1 
ATOM   453 C  C   . ILE A 1 68  ? 0.706   -0.755  -3.871  1.00 139.63 ? 68  ILE A C   1 
ATOM   454 O  O   . ILE A 1 68  ? 0.347   -1.202  -2.779  1.00 135.07 ? 68  ILE A O   1 
ATOM   455 C  CB  . ILE A 1 68  ? 1.194   1.648   -3.410  1.00 127.91 ? 68  ILE A CB  1 
ATOM   456 C  CG1 . ILE A 1 68  ? 1.262   3.041   -4.059  1.00 128.35 ? 68  ILE A CG1 1 
ATOM   457 C  CG2 . ILE A 1 68  ? 2.596   1.098   -3.219  1.00 131.18 ? 68  ILE A CG2 1 
ATOM   458 C  CD1 . ILE A 1 68  ? -0.035  3.834   -4.037  1.00 128.25 ? 68  ILE A CD1 1 
ATOM   459 N  N   . PRO A 1 69  ? 1.397   -1.495  -4.757  1.00 149.30 ? 69  PRO A N   1 
ATOM   460 C  CA  . PRO A 1 69  ? 1.791   -2.868  -4.425  1.00 152.86 ? 69  PRO A CA  1 
ATOM   461 C  C   . PRO A 1 69  ? 2.660   -2.879  -3.161  1.00 153.51 ? 69  PRO A C   1 
ATOM   462 O  O   . PRO A 1 69  ? 3.433   -1.950  -2.917  1.00 150.47 ? 69  PRO A O   1 
ATOM   463 C  CB  . PRO A 1 69  ? 2.532   -3.339  -5.684  1.00 152.46 ? 69  PRO A CB  1 
ATOM   464 C  CG  . PRO A 1 69  ? 2.889   -2.067  -6.408  1.00 161.14 ? 69  PRO A CG  1 
ATOM   465 C  CD  . PRO A 1 69  ? 1.701   -1.189  -6.163  1.00 153.94 ? 69  PRO A CD  1 
ATOM   466 N  N   . LEU A 1 70  ? 2.514   -3.928  -2.355  1.00 159.40 ? 70  LEU A N   1 
ATOM   467 C  CA  . LEU A 1 70  ? 3.239   -4.049  -1.090  1.00 163.51 ? 70  LEU A CA  1 
ATOM   468 C  C   . LEU A 1 70  ? 4.753   -3.943  -1.199  1.00 163.64 ? 70  LEU A C   1 
ATOM   469 O  O   . LEU A 1 70  ? 5.420   -3.415  -0.304  1.00 158.45 ? 70  LEU A O   1 
ATOM   470 C  CB  . LEU A 1 70  ? 2.864   -5.360  -0.396  1.00 161.33 ? 70  LEU A CB  1 
ATOM   471 C  CG  . LEU A 1 70  ? 3.404   -5.524  1.026   1.00 164.00 ? 70  LEU A CG  1 
ATOM   472 C  CD1 . LEU A 1 70  ? 3.122   -4.275  1.855   1.00 165.81 ? 70  LEU A CD1 1 
ATOM   473 C  CD2 . LEU A 1 70  ? 2.755   -6.741  1.655   1.00 167.82 ? 70  LEU A CD2 1 
ATOM   474 N  N   . ALA A 1 71  ? 5.294   -4.457  -2.296  1.00 164.68 ? 71  ALA A N   1 
ATOM   475 C  CA  . ALA A 1 71  ? 6.729   -4.406  -2.523  1.00 161.64 ? 71  ALA A CA  1 
ATOM   476 C  C   . ALA A 1 71  ? 7.162   -2.944  -2.678  1.00 155.74 ? 71  ALA A C   1 
ATOM   477 O  O   . ALA A 1 71  ? 7.920   -2.415  -1.856  1.00 152.17 ? 71  ALA A O   1 
ATOM   478 C  CB  . ALA A 1 71  ? 7.085   -5.207  -3.777  1.00 161.74 ? 71  ALA A CB  1 
ATOM   479 N  N   . THR A 1 72  ? 6.653   -2.298  -3.729  1.00 150.31 ? 72  THR A N   1 
ATOM   480 C  CA  . THR A 1 72  ? 6.974   -0.905  -4.037  1.00 145.98 ? 72  THR A CA  1 
ATOM   481 C  C   . THR A 1 72  ? 6.880   -0.005  -2.808  1.00 140.61 ? 72  THR A C   1 
ATOM   482 O  O   . THR A 1 72  ? 7.376   1.125   -2.817  1.00 130.62 ? 72  THR A O   1 
ATOM   483 C  CB  . THR A 1 72  ? 6.059   -0.361  -5.154  1.00 148.36 ? 72  THR A CB  1 
ATOM   484 O  OG1 . THR A 1 72  ? 4.700   -0.417  -4.715  1.00 166.97 ? 72  THR A OG1 1 
ATOM   485 C  CG2 . THR A 1 72  ? 6.205   -1.195  -6.431  1.00 140.18 ? 72  THR A CG2 1 
ATOM   486 N  N   . ILE A 1 73  ? 6.237   -0.513  -1.760  1.00 145.33 ? 73  ILE A N   1 
ATOM   487 C  CA  . ILE A 1 73  ? 6.107   0.228   -0.512  1.00 152.81 ? 73  ILE A CA  1 
ATOM   488 C  C   . ILE A 1 73  ? 7.507   0.297   0.079   1.00 157.31 ? 73  ILE A C   1 
ATOM   489 O  O   . ILE A 1 73  ? 8.052   1.375   0.311   1.00 154.10 ? 73  ILE A O   1 
ATOM   490 C  CB  . ILE A 1 73  ? 5.203   -0.510  0.501   1.00 153.91 ? 73  ILE A CB  1 
ATOM   491 C  CG1 . ILE A 1 73  ? 3.817   -0.742  -0.097  1.00 148.85 ? 73  ILE A CG1 1 
ATOM   492 C  CG2 . ILE A 1 73  ? 5.107   0.298   1.798   1.00 148.45 ? 73  ILE A CG2 1 
ATOM   493 C  CD1 . ILE A 1 73  ? 3.010   0.503   -0.229  1.00 156.41 ? 73  ILE A CD1 1 
ATOM   494 N  N   . GLY A 1 74  ? 8.080   -0.879  0.311   1.00 167.32 ? 74  GLY A N   1 
ATOM   495 C  CA  . GLY A 1 74  ? 9.413   -0.965  0.877   1.00 173.46 ? 74  GLY A CA  1 
ATOM   496 C  C   . GLY A 1 74  ? 10.423  -0.166  0.084   1.00 173.48 ? 74  GLY A C   1 
ATOM   497 O  O   . GLY A 1 74  ? 11.249  0.544   0.660   1.00 173.43 ? 74  GLY A O   1 
ATOM   498 N  N   . GLU A 1 75  ? 10.356  -0.281  -1.239  1.00 172.20 ? 75  GLU A N   1 
ATOM   499 C  CA  . GLU A 1 75  ? 11.275  0.444   -2.105  1.00 170.75 ? 75  GLU A CA  1 
ATOM   500 C  C   . GLU A 1 75  ? 11.213  1.946   -1.806  1.00 169.07 ? 75  GLU A C   1 
ATOM   501 O  O   . GLU A 1 75  ? 12.250  2.592   -1.636  1.00 173.62 ? 75  GLU A O   1 
ATOM   502 C  CB  . GLU A 1 75  ? 10.957  0.168   -3.585  1.00 175.29 ? 75  GLU A CB  1 
ATOM   503 C  CG  . GLU A 1 75  ? 11.044  -1.316  -3.981  1.00 181.49 ? 75  GLU A CG  1 
ATOM   504 C  CD  . GLU A 1 75  ? 11.139  -1.546  -5.494  1.00 186.16 ? 75  GLU A CD  1 
ATOM   505 O  OE1 . GLU A 1 75  ? 10.306  -0.998  -6.251  1.00 189.91 ? 75  GLU A OE1 1 
ATOM   506 O  OE2 . GLU A 1 75  ? 12.047  -2.290  -5.929  1.00 187.91 ? 75  GLU A OE2 1 
ATOM   507 N  N   . ALA A 1 76  ? 10.005  2.502   -1.733  1.00 166.72 ? 76  ALA A N   1 
ATOM   508 C  CA  . ALA A 1 76  ? 9.857   3.924   -1.431  1.00 164.93 ? 76  ALA A CA  1 
ATOM   509 C  C   . ALA A 1 76  ? 10.181  4.164   0.053   1.00 164.04 ? 76  ALA A C   1 
ATOM   510 O  O   . ALA A 1 76  ? 10.371  5.306   0.490   1.00 158.11 ? 76  ALA A O   1 
ATOM   511 C  CB  . ALA A 1 76  ? 8.437   4.388   -1.757  1.00 169.69 ? 76  ALA A CB  1 
ATOM   512 N  N   . PHE A 1 77  ? 10.237  3.074   0.819   1.00 165.83 ? 77  PHE A N   1 
ATOM   513 C  CA  . PHE A 1 77  ? 10.568  3.134   2.239   1.00 168.22 ? 77  PHE A CA  1 
ATOM   514 C  C   . PHE A 1 77  ? 12.080  3.044   2.367   1.00 169.47 ? 77  PHE A C   1 
ATOM   515 O  O   . PHE A 1 77  ? 12.617  2.952   3.473   1.00 168.36 ? 77  PHE A O   1 
ATOM   516 C  CB  . PHE A 1 77  ? 9.922   1.970   2.997   1.00 176.54 ? 77  PHE A CB  1 
ATOM   517 C  CG  . PHE A 1 77  ? 8.663   2.342   3.742   1.00 184.30 ? 77  PHE A CG  1 
ATOM   518 C  CD1 . PHE A 1 77  ? 7.860   1.358   4.316   1.00 186.56 ? 77  PHE A CD1 1 
ATOM   519 C  CD2 . PHE A 1 77  ? 8.287   3.675   3.889   1.00 186.45 ? 77  PHE A CD2 1 
ATOM   520 C  CE1 . PHE A 1 77  ? 6.698   1.699   5.024   1.00 186.06 ? 77  PHE A CE1 1 
ATOM   521 C  CE2 . PHE A 1 77  ? 7.127   4.023   4.597   1.00 187.17 ? 77  PHE A CE2 1 
ATOM   522 C  CZ  . PHE A 1 77  ? 6.335   3.031   5.164   1.00 184.20 ? 77  PHE A CZ  1 
ATOM   523 N  N   . GLY A 1 78  ? 12.754  3.063   1.217   1.00 172.41 ? 78  GLY A N   1 
ATOM   524 C  CA  . GLY A 1 78  ? 14.205  2.996   1.173   1.00 169.32 ? 78  GLY A CA  1 
ATOM   525 C  C   . GLY A 1 78  ? 14.831  4.378   1.140   1.00 168.74 ? 78  GLY A C   1 
ATOM   526 O  O   . GLY A 1 78  ? 15.875  4.612   1.741   1.00 167.32 ? 78  GLY A O   1 
ATOM   527 N  N   . VAL A 1 79  ? 14.189  5.304   0.441   1.00 170.48 ? 79  VAL A N   1 
ATOM   528 C  CA  . VAL A 1 79  ? 14.688  6.668   0.355   1.00 168.90 ? 79  VAL A CA  1 
ATOM   529 C  C   . VAL A 1 79  ? 14.345  7.447   1.628   1.00 168.74 ? 79  VAL A C   1 
ATOM   530 O  O   . VAL A 1 79  ? 15.227  7.810   2.409   1.00 158.97 ? 79  VAL A O   1 
ATOM   531 C  CB  . VAL A 1 79  ? 14.081  7.388   -0.867  1.00 170.48 ? 79  VAL A CB  1 
ATOM   532 C  CG1 . VAL A 1 79  ? 14.587  8.843   -0.942  1.00 161.86 ? 79  VAL A CG1 1 
ATOM   533 C  CG2 . VAL A 1 79  ? 14.417  6.595   -2.137  1.00 161.34 ? 79  VAL A CG2 1 
ATOM   534 N  N   . THR A 1 85  ? 12.739  10.257  10.566  1.00 144.55 ? 85  THR A N   1 
ATOM   535 C  CA  . THR A 1 85  ? 11.763  10.677  11.573  1.00 158.70 ? 85  THR A CA  1 
ATOM   536 C  C   . THR A 1 85  ? 10.377  10.878  10.959  1.00 167.02 ? 85  THR A C   1 
ATOM   537 O  O   . THR A 1 85  ? 9.523   11.554  11.543  1.00 167.54 ? 85  THR A O   1 
ATOM   538 C  CB  . THR A 1 85  ? 12.223  11.978  12.246  1.00 142.20 ? 85  THR A CB  1 
ATOM   539 N  N   . LEU A 1 86  ? 10.163  10.277  9.787   1.00 173.92 ? 86  LEU A N   1 
ATOM   540 C  CA  . LEU A 1 86  ? 8.903   10.383  9.048   1.00 171.42 ? 86  LEU A CA  1 
ATOM   541 C  C   . LEU A 1 86  ? 8.267   11.760  9.146   1.00 174.16 ? 86  LEU A C   1 
ATOM   542 O  O   . LEU A 1 86  ? 7.088   11.889  9.474   1.00 173.24 ? 86  LEU A O   1 
ATOM   543 C  CB  . LEU A 1 86  ? 7.903   9.325   9.511   1.00 164.94 ? 86  LEU A CB  1 
ATOM   544 C  CG  . LEU A 1 86  ? 7.536   8.333   8.405   1.00 163.50 ? 86  LEU A CG  1 
ATOM   545 C  CD1 . LEU A 1 86  ? 8.786   7.591   7.963   1.00 163.18 ? 86  LEU A CD1 1 
ATOM   546 C  CD2 . LEU A 1 86  ? 6.483   7.361   8.902   1.00 164.34 ? 86  LEU A CD2 1 
ATOM   547 N  N   . SER A 1 87  ? 9.067   12.783  8.855   1.00 178.74 ? 87  SER A N   1 
ATOM   548 C  CA  . SER A 1 87  ? 8.622   14.170  8.894   1.00 179.74 ? 87  SER A CA  1 
ATOM   549 C  C   . SER A 1 87  ? 7.685   14.430  7.732   1.00 176.05 ? 87  SER A C   1 
ATOM   550 O  O   . SER A 1 87  ? 7.760   13.754  6.712   1.00 173.73 ? 87  SER A O   1 
ATOM   551 C  CB  . SER A 1 87  ? 9.823   15.111  8.793   1.00 188.88 ? 87  SER A CB  1 
ATOM   552 O  OG  . SER A 1 87  ? 9.401   16.457  8.650   1.00 196.97 ? 87  SER A OG  1 
ATOM   553 N  N   . ALA A 1 88  ? 6.807   15.414  7.886   1.00 176.88 ? 88  ALA A N   1 
ATOM   554 C  CA  . ALA A 1 88  ? 5.868   15.748  6.827   1.00 181.43 ? 88  ALA A CA  1 
ATOM   555 C  C   . ALA A 1 88  ? 6.613   15.896  5.502   1.00 179.62 ? 88  ALA A C   1 
ATOM   556 O  O   . ALA A 1 88  ? 6.018   15.805  4.427   1.00 182.76 ? 88  ALA A O   1 
ATOM   557 C  CB  . ALA A 1 88  ? 5.137   17.032  7.170   1.00 180.49 ? 88  ALA A CB  1 
ATOM   558 N  N   . LYS A 1 89  ? 7.920   16.121  5.592   1.00 176.55 ? 89  LYS A N   1 
ATOM   559 C  CA  . LYS A 1 89  ? 8.769   16.267  4.417   1.00 172.11 ? 89  LYS A CA  1 
ATOM   560 C  C   . LYS A 1 89  ? 8.818   14.925  3.707   1.00 173.17 ? 89  LYS A C   1 
ATOM   561 O  O   . LYS A 1 89  ? 8.534   14.829  2.510   1.00 167.03 ? 89  LYS A O   1 
ATOM   562 C  CB  . LYS A 1 89  ? 10.171  16.686  4.834   1.00 174.84 ? 89  LYS A CB  1 
ATOM   563 N  N   . GLU A 1 90  ? 9.188   13.890  4.460   1.00 178.52 ? 90  GLU A N   1 
ATOM   564 C  CA  . GLU A 1 90  ? 9.266   12.531  3.937   1.00 178.25 ? 90  GLU A CA  1 
ATOM   565 C  C   . GLU A 1 90  ? 7.902   12.122  3.365   1.00 172.19 ? 90  GLU A C   1 
ATOM   566 O  O   . GLU A 1 90  ? 7.798   11.706  2.210   1.00 165.95 ? 90  GLU A O   1 
ATOM   567 C  CB  . GLU A 1 90  ? 9.695   11.569  5.050   1.00 172.98 ? 90  GLU A CB  1 
ATOM   568 N  N   . TRP A 1 91  ? 6.858   12.253  4.181   1.00 161.88 ? 91  TRP A N   1 
ATOM   569 C  CA  . TRP A 1 91  ? 5.501   11.926  3.762   1.00 149.78 ? 91  TRP A CA  1 
ATOM   570 C  C   . TRP A 1 91  ? 5.189   12.580  2.430   1.00 149.15 ? 91  TRP A C   1 
ATOM   571 O  O   . TRP A 1 91  ? 4.615   11.945  1.551   1.00 146.79 ? 91  TRP A O   1 
ATOM   572 C  CB  . TRP A 1 91  ? 4.492   12.392  4.813   1.00 139.39 ? 91  TRP A CB  1 
ATOM   573 C  CG  . TRP A 1 91  ? 3.070   12.407  4.334   1.00 135.55 ? 91  TRP A CG  1 
ATOM   574 C  CD1 . TRP A 1 91  ? 2.310   13.503  4.112   1.00 134.89 ? 91  TRP A CD1 1 
ATOM   575 C  CD2 . TRP A 1 91  ? 2.241   11.275  4.025   1.00 128.95 ? 91  TRP A CD2 1 
ATOM   576 N  NE1 . TRP A 1 91  ? 1.058   13.136  3.687   1.00 129.56 ? 91  TRP A NE1 1 
ATOM   577 C  CE2 . TRP A 1 91  ? 0.992   11.773  3.624   1.00 122.03 ? 91  TRP A CE2 1 
ATOM   578 C  CE3 . TRP A 1 91  ? 2.437   9.892   4.051   1.00 130.31 ? 91  TRP A CE3 1 
ATOM   579 C  CZ2 . TRP A 1 91  ? -0.060  10.944  3.250   1.00 117.85 ? 91  TRP A CZ2 1 
ATOM   580 C  CZ3 . TRP A 1 91  ? 1.387   9.066   3.680   1.00 125.21 ? 91  TRP A CZ3 1 
ATOM   581 C  CH2 . TRP A 1 91  ? 0.154   9.598   3.283   1.00 116.99 ? 91  TRP A CH2 1 
ATOM   582 N  N   . LYS A 1 92  ? 5.565   13.851  2.292   1.00 148.96 ? 92  LYS A N   1 
ATOM   583 C  CA  . LYS A 1 92  ? 5.332   14.582  1.055   1.00 144.33 ? 92  LYS A CA  1 
ATOM   584 C  C   . LYS A 1 92  ? 5.763   13.680  -0.083  1.00 147.68 ? 92  LYS A C   1 
ATOM   585 O  O   . LYS A 1 92  ? 5.065   13.565  -1.088  1.00 148.81 ? 92  LYS A O   1 
ATOM   586 C  CB  . LYS A 1 92  ? 6.143   15.876  1.031   1.00 134.62 ? 92  LYS A CB  1 
ATOM   587 N  N   . GLN A 1 93  ? 6.908   13.023  0.084   1.00 150.58 ? 93  GLN A N   1 
ATOM   588 C  CA  . GLN A 1 93  ? 7.405   12.128  -0.952  1.00 156.61 ? 93  GLN A CA  1 
ATOM   589 C  C   . GLN A 1 93  ? 6.447   10.967  -1.222  1.00 155.01 ? 93  GLN A C   1 
ATOM   590 O  O   . GLN A 1 93  ? 5.625   11.042  -2.139  1.00 149.27 ? 93  GLN A O   1 
ATOM   591 C  CB  . GLN A 1 93  ? 8.804   11.594  -0.594  1.00 165.74 ? 93  GLN A CB  1 
ATOM   592 C  CG  . GLN A 1 93  ? 9.958   12.522  -1.004  1.00 171.92 ? 93  GLN A CG  1 
ATOM   593 C  CD  . GLN A 1 93  ? 11.339  11.875  -0.865  1.00 179.01 ? 93  GLN A CD  1 
ATOM   594 O  OE1 . GLN A 1 93  ? 11.600  10.796  -1.420  1.00 176.99 ? 93  GLN A OE1 1 
ATOM   595 N  NE2 . GLN A 1 93  ? 12.233  12.540  -0.131  1.00 175.36 ? 93  GLN A NE2 1 
ATOM   596 N  N   . LEU A 1 94  ? 6.546   9.905   -0.423  1.00 151.20 ? 94  LEU A N   1 
ATOM   597 C  CA  . LEU A 1 94  ? 5.697   8.721   -0.592  1.00 143.16 ? 94  LEU A CA  1 
ATOM   598 C  C   . LEU A 1 94  ? 4.279   9.111   -1.001  1.00 142.75 ? 94  LEU A C   1 
ATOM   599 O  O   . LEU A 1 94  ? 3.699   8.540   -1.925  1.00 142.39 ? 94  LEU A O   1 
ATOM   600 C  CB  . LEU A 1 94  ? 5.642   7.911   0.708   1.00 130.96 ? 94  LEU A CB  1 
ATOM   601 C  CG  . LEU A 1 94  ? 6.788   8.057   1.707   1.00 126.29 ? 94  LEU A CG  1 
ATOM   602 C  CD1 . LEU A 1 94  ? 6.583   9.306   2.548   1.00 111.63 ? 94  LEU A CD1 1 
ATOM   603 C  CD2 . LEU A 1 94  ? 6.825   6.834   2.603   1.00 128.57 ? 94  LEU A CD2 1 
ATOM   604 N  N   . SER A 1 95  ? 3.737   10.094  -0.297  1.00 136.26 ? 95  SER A N   1 
ATOM   605 C  CA  . SER A 1 95  ? 2.395   10.595  -0.548  1.00 134.92 ? 95  SER A CA  1 
ATOM   606 C  C   . SER A 1 95  ? 2.160   10.997  -2.005  1.00 141.57 ? 95  SER A C   1 
ATOM   607 O  O   . SER A 1 95  ? 1.100   10.726  -2.585  1.00 138.88 ? 95  SER A O   1 
ATOM   608 C  CB  . SER A 1 95  ? 2.135   11.792  0.369   1.00 125.85 ? 95  SER A CB  1 
ATOM   609 O  OG  . SER A 1 95  ? 1.339   12.763  -0.282  1.00 131.40 ? 95  SER A OG  1 
ATOM   610 N  N   . SER A 1 96  ? 3.161   11.649  -2.585  1.00 141.95 ? 96  SER A N   1 
ATOM   611 C  CA  . SER A 1 96  ? 3.088   12.117  -3.958  1.00 138.71 ? 96  SER A CA  1 
ATOM   612 C  C   . SER A 1 96  ? 3.292   11.008  -4.963  1.00 144.39 ? 96  SER A C   1 
ATOM   613 O  O   . SER A 1 96  ? 2.415   10.734  -5.776  1.00 147.15 ? 96  SER A O   1 
ATOM   614 C  CB  . SER A 1 96  ? 4.133   13.197  -4.186  1.00 125.99 ? 96  SER A CB  1 
ATOM   615 O  OG  . SER A 1 96  ? 3.850   14.336  -3.399  1.00 122.80 ? 96  SER A OG  1 
ATOM   616 N  N   . GLN A 1 97  ? 4.463   10.381  -4.915  1.00 150.04 ? 97  GLN A N   1 
ATOM   617 C  CA  . GLN A 1 97  ? 4.771   9.295   -5.831  1.00 153.20 ? 97  GLN A CA  1 
ATOM   618 C  C   . GLN A 1 97  ? 3.572   8.360   -5.904  1.00 148.58 ? 97  GLN A C   1 
ATOM   619 O  O   . GLN A 1 97  ? 3.238   7.857   -6.977  1.00 155.57 ? 97  GLN A O   1 
ATOM   620 C  CB  . GLN A 1 97  ? 5.992   8.515   -5.346  1.00 162.31 ? 97  GLN A CB  1 
ATOM   621 C  CG  . GLN A 1 97  ? 7.220   9.359   -5.109  1.00 168.63 ? 97  GLN A CG  1 
ATOM   622 C  CD  . GLN A 1 97  ? 8.331   8.570   -4.448  1.00 180.71 ? 97  GLN A CD  1 
ATOM   623 O  OE1 . GLN A 1 97  ? 8.162   8.022   -3.356  1.00 185.50 ? 97  GLN A OE1 1 
ATOM   624 N  NE2 . GLN A 1 97  ? 9.477   8.503   -5.109  1.00 190.94 ? 97  GLN A NE2 1 
ATOM   625 N  N   . TRP A 1 98  ? 2.920   8.139   -4.762  1.00 139.09 ? 98  TRP A N   1 
ATOM   626 C  CA  . TRP A 1 98  ? 1.761   7.254   -4.710  1.00 136.33 ? 98  TRP A CA  1 
ATOM   627 C  C   . TRP A 1 98  ? 0.545   7.836   -5.403  1.00 135.36 ? 98  TRP A C   1 
ATOM   628 O  O   . TRP A 1 98  ? -0.133  7.141   -6.163  1.00 132.22 ? 98  TRP A O   1 
ATOM   629 C  CB  . TRP A 1 98  ? 1.413   6.909   -3.266  1.00 129.79 ? 98  TRP A CB  1 
ATOM   630 C  CG  . TRP A 1 98  ? 2.449   6.077   -2.621  1.00 129.77 ? 98  TRP A CG  1 
ATOM   631 C  CD1 . TRP A 1 98  ? 3.458   5.410   -3.240  1.00 131.59 ? 98  TRP A CD1 1 
ATOM   632 C  CD2 . TRP A 1 98  ? 2.603   5.833   -1.226  1.00 127.92 ? 98  TRP A CD2 1 
ATOM   633 N  NE1 . TRP A 1 98  ? 4.237   4.768   -2.318  1.00 130.77 ? 98  TRP A NE1 1 
ATOM   634 C  CE2 . TRP A 1 98  ? 3.733   5.011   -1.069  1.00 127.20 ? 98  TRP A CE2 1 
ATOM   635 C  CE3 . TRP A 1 98  ? 1.894   6.230   -0.089  1.00 125.67 ? 98  TRP A CE3 1 
ATOM   636 C  CZ2 . TRP A 1 98  ? 4.179   4.582   0.177   1.00 130.75 ? 98  TRP A CZ2 1 
ATOM   637 C  CZ3 . TRP A 1 98  ? 2.335   5.805   1.151   1.00 128.84 ? 98  TRP A CZ3 1 
ATOM   638 C  CH2 . TRP A 1 98  ? 3.470   4.987   1.274   1.00 131.10 ? 98  TRP A CH2 1 
ATOM   639 N  N   . ARG A 1 99  ? 0.261   9.106   -5.136  1.00 132.81 ? 99  ARG A N   1 
ATOM   640 C  CA  . ARG A 1 99  ? -0.873  9.756   -5.779  1.00 134.25 ? 99  ARG A CA  1 
ATOM   641 C  C   . ARG A 1 99  ? -0.680  9.654   -7.293  1.00 137.96 ? 99  ARG A C   1 
ATOM   642 O  O   . ARG A 1 99  ? -1.496  9.070   -8.013  1.00 130.35 ? 99  ARG A O   1 
ATOM   643 C  CB  . ARG A 1 99  ? -0.953  11.229  -5.374  1.00 129.45 ? 99  ARG A CB  1 
ATOM   644 C  CG  . ARG A 1 99  ? -2.064  11.952  -6.091  1.00 127.63 ? 99  ARG A CG  1 
ATOM   645 C  CD  . ARG A 1 99  ? -1.950  13.446  -5.971  1.00 134.57 ? 99  ARG A CD  1 
ATOM   646 N  NE  . ARG A 1 99  ? -2.881  14.097  -6.886  1.00 141.05 ? 99  ARG A NE  1 
ATOM   647 C  CZ  . ARG A 1 99  ? -2.946  13.847  -8.193  1.00 138.35 ? 99  ARG A CZ  1 
ATOM   648 N  NH1 . ARG A 1 99  ? -2.132  12.957  -8.748  1.00 137.86 ? 99  ARG A NH1 1 
ATOM   649 N  NH2 . ARG A 1 99  ? -3.830  14.485  -8.946  1.00 122.88 ? 99  ARG A NH2 1 
ATOM   650 N  N   . GLU A 1 100 ? 0.422   10.234  -7.756  1.00 152.35 ? 100 GLU A N   1 
ATOM   651 C  CA  . GLU A 1 100 ? 0.781   10.219  -9.163  1.00 160.46 ? 100 GLU A CA  1 
ATOM   652 C  C   . GLU A 1 100 ? 0.538   8.812   -9.710  1.00 154.98 ? 100 GLU A C   1 
ATOM   653 O  O   . GLU A 1 100 ? 0.100   8.645   -10.847 1.00 157.80 ? 100 GLU A O   1 
ATOM   654 C  CB  . GLU A 1 100 ? 2.258   10.607  -9.311  1.00 177.61 ? 100 GLU A CB  1 
ATOM   655 C  CG  . GLU A 1 100 ? 2.787   10.617  -10.737 1.00 194.66 ? 100 GLU A CG  1 
ATOM   656 C  CD  . GLU A 1 100 ? 4.297   10.809  -10.797 1.00 196.97 ? 100 GLU A CD  1 
ATOM   657 O  OE1 . GLU A 1 100 ? 5.038   9.935   -10.292 1.00 196.97 ? 100 GLU A OE1 1 
ATOM   658 O  OE2 . GLU A 1 100 ? 4.741   11.837  -11.347 1.00 196.97 ? 100 GLU A OE2 1 
ATOM   659 N  N   . GLU A 1 101 ? 0.813   7.802   -8.890  1.00 148.20 ? 101 GLU A N   1 
ATOM   660 C  CA  . GLU A 1 101 ? 0.618   6.419   -9.309  1.00 147.62 ? 101 GLU A CA  1 
ATOM   661 C  C   . GLU A 1 101 ? -0.882  6.135   -9.399  1.00 143.55 ? 101 GLU A C   1 
ATOM   662 O  O   . GLU A 1 101 ? -1.384  5.623   -10.409 1.00 136.57 ? 101 GLU A O   1 
ATOM   663 C  CB  . GLU A 1 101 ? 1.262   5.455   -8.306  1.00 158.54 ? 101 GLU A CB  1 
ATOM   664 C  CG  . GLU A 1 101 ? 1.983   4.281   -8.956  1.00 165.81 ? 101 GLU A CG  1 
ATOM   665 C  CD  . GLU A 1 101 ? 2.016   3.045   -8.076  1.00 174.56 ? 101 GLU A CD  1 
ATOM   666 O  OE1 . GLU A 1 101 ? 0.980   2.347   -7.985  1.00 175.55 ? 101 GLU A OE1 1 
ATOM   667 O  OE2 . GLU A 1 101 ? 3.076   2.772   -7.472  1.00 175.73 ? 101 GLU A OE2 1 
ATOM   668 N  N   . LEU A 1 102 ? -1.593  6.468   -8.330  1.00 140.70 ? 102 LEU A N   1 
ATOM   669 C  CA  . LEU A 1 102 ? -3.028  6.262   -8.279  1.00 131.04 ? 102 LEU A CA  1 
ATOM   670 C  C   . LEU A 1 102 ? -3.631  6.818   -9.565  1.00 125.96 ? 102 LEU A C   1 
ATOM   671 O  O   . LEU A 1 102 ? -4.348  6.116   -10.284 1.00 122.84 ? 102 LEU A O   1 
ATOM   672 C  CB  . LEU A 1 102 ? -3.606  7.010   -7.081  1.00 126.43 ? 102 LEU A CB  1 
ATOM   673 C  CG  . LEU A 1 102 ? -4.947  6.578   -6.513  1.00 118.23 ? 102 LEU A CG  1 
ATOM   674 C  CD1 . LEU A 1 102 ? -5.507  7.719   -5.683  1.00 119.33 ? 102 LEU A CD1 1 
ATOM   675 C  CD2 . LEU A 1 102 ? -5.892  6.220   -7.630  1.00 118.53 ? 102 LEU A CD2 1 
ATOM   676 N  N   . ASP A 1 103 ? -3.313  8.081   -9.849  1.00 119.38 ? 103 ASP A N   1 
ATOM   677 C  CA  . ASP A 1 103 ? -3.822  8.772   -11.027 1.00 116.34 ? 103 ASP A CA  1 
ATOM   678 C  C   . ASP A 1 103 ? -3.582  7.967   -12.301 1.00 124.08 ? 103 ASP A C   1 
ATOM   679 O  O   . ASP A 1 103 ? -4.494  7.774   -13.113 1.00 116.99 ? 103 ASP A O   1 
ATOM   680 C  CB  . ASP A 1 103 ? -3.180  10.163  -11.136 1.00 116.87 ? 103 ASP A CB  1 
ATOM   681 C  CG  . ASP A 1 103 ? -3.942  11.100  -12.078 1.00 130.86 ? 103 ASP A CG  1 
ATOM   682 O  OD1 . ASP A 1 103 ? -3.586  12.298  -12.161 1.00 139.45 ? 103 ASP A OD1 1 
ATOM   683 O  OD2 . ASP A 1 103 ? -4.899  10.647  -12.744 1.00 142.05 ? 103 ASP A OD2 1 
ATOM   684 N  N   . ARG A 1 104 ? -2.360  7.482   -12.478 1.00 133.87 ? 104 ARG A N   1 
ATOM   685 C  CA  . ARG A 1 104 ? -2.052  6.702   -13.667 1.00 137.76 ? 104 ARG A CA  1 
ATOM   686 C  C   . ARG A 1 104 ? -3.075  5.574   -13.780 1.00 139.59 ? 104 ARG A C   1 
ATOM   687 O  O   . ARG A 1 104 ? -3.656  5.351   -14.844 1.00 137.35 ? 104 ARG A O   1 
ATOM   688 C  CB  . ARG A 1 104 ? -0.620  6.144   -13.588 1.00 128.89 ? 104 ARG A CB  1 
ATOM   689 N  N   . ARG A 1 105 ? -3.317  4.883   -12.671 1.00 137.87 ? 105 ARG A N   1 
ATOM   690 C  CA  . ARG A 1 105 ? -4.273  3.786   -12.679 1.00 134.79 ? 105 ARG A CA  1 
ATOM   691 C  C   . ARG A 1 105 ? -5.655  4.301   -13.027 1.00 127.82 ? 105 ARG A C   1 
ATOM   692 O  O   . ARG A 1 105 ? -6.322  3.777   -13.917 1.00 122.60 ? 105 ARG A O   1 
ATOM   693 C  CB  . ARG A 1 105 ? -4.307  3.087   -11.319 1.00 134.83 ? 105 ARG A CB  1 
ATOM   694 C  CG  . ARG A 1 105 ? -5.260  1.898   -11.270 1.00 135.09 ? 105 ARG A CG  1 
ATOM   695 C  CD  . ARG A 1 105 ? -4.765  0.844   -10.299 1.00 147.67 ? 105 ARG A CD  1 
ATOM   696 N  NE  . ARG A 1 105 ? -4.581  1.386   -8.956  1.00 155.70 ? 105 ARG A NE  1 
ATOM   697 C  CZ  . ARG A 1 105 ? -5.575  1.649   -8.117  1.00 161.58 ? 105 ARG A CZ  1 
ATOM   698 N  NH1 . ARG A 1 105 ? -6.828  1.414   -8.483  1.00 170.59 ? 105 ARG A NH1 1 
ATOM   699 N  NH2 . ARG A 1 105 ? -5.315  2.158   -6.919  1.00 167.80 ? 105 ARG A NH2 1 
ATOM   700 N  N   . ILE A 1 106 ? -6.075  5.337   -12.317 1.00 123.62 ? 106 ILE A N   1 
ATOM   701 C  CA  . ILE A 1 106 ? -7.380  5.940   -12.534 1.00 121.36 ? 106 ILE A CA  1 
ATOM   702 C  C   . ILE A 1 106 ? -7.717  6.044   -14.025 1.00 127.57 ? 106 ILE A C   1 
ATOM   703 O  O   . ILE A 1 106 ? -8.799  5.623   -14.453 1.00 128.26 ? 106 ILE A O   1 
ATOM   704 C  CB  . ILE A 1 106 ? -7.424  7.345   -11.874 1.00 108.27 ? 106 ILE A CB  1 
ATOM   705 C  CG1 . ILE A 1 106 ? -7.375  7.188   -10.357 1.00 91.17  ? 106 ILE A CG1 1 
ATOM   706 C  CG2 . ILE A 1 106 ? -8.646  8.147   -12.366 1.00 97.33  ? 106 ILE A CG2 1 
ATOM   707 C  CD1 . ILE A 1 106 ? -7.357  8.507   -9.617  1.00 114.42 ? 106 ILE A CD1 1 
ATOM   708 N  N   . HIS A 1 107 ? -6.772  6.585   -14.798 1.00 127.71 ? 107 HIS A N   1 
ATOM   709 C  CA  . HIS A 1 107 ? -6.920  6.783   -16.245 1.00 133.23 ? 107 HIS A CA  1 
ATOM   710 C  C   . HIS A 1 107 ? -6.993  5.505   -17.075 1.00 125.94 ? 107 HIS A C   1 
ATOM   711 O  O   . HIS A 1 107 ? -7.681  5.453   -18.105 1.00 112.61 ? 107 HIS A O   1 
ATOM   712 C  CB  . HIS A 1 107 ? -5.760  7.621   -16.772 1.00 148.89 ? 107 HIS A CB  1 
ATOM   713 C  CG  . HIS A 1 107 ? -5.905  9.085   -16.516 1.00 160.79 ? 107 HIS A CG  1 
ATOM   714 N  ND1 . HIS A 1 107 ? -6.905  9.841   -17.088 1.00 167.18 ? 107 HIS A ND1 1 
ATOM   715 C  CD2 . HIS A 1 107 ? -5.149  9.942   -15.791 1.00 165.07 ? 107 HIS A CD2 1 
ATOM   716 C  CE1 . HIS A 1 107 ? -6.753  11.103  -16.730 1.00 174.84 ? 107 HIS A CE1 1 
ATOM   717 N  NE2 . HIS A 1 107 ? -5.696  11.192  -15.943 1.00 171.73 ? 107 HIS A NE2 1 
ATOM   718 N  N   . THR A 1 108 ? -6.256  4.492   -16.627 1.00 122.45 ? 108 THR A N   1 
ATOM   719 C  CA  . THR A 1 108 ? -6.193  3.199   -17.298 1.00 120.06 ? 108 THR A CA  1 
ATOM   720 C  C   . THR A 1 108 ? -7.573  2.584   -17.377 1.00 120.35 ? 108 THR A C   1 
ATOM   721 O  O   . THR A 1 108 ? -7.901  1.886   -18.334 1.00 118.27 ? 108 THR A O   1 
ATOM   722 C  CB  . THR A 1 108 ? -5.289  2.238   -16.529 1.00 121.99 ? 108 THR A CB  1 
ATOM   723 O  OG1 . THR A 1 108 ? -4.041  2.886   -16.246 1.00 124.90 ? 108 THR A OG1 1 
ATOM   724 C  CG2 . THR A 1 108 ? -5.040  0.987   -17.343 1.00 114.85 ? 108 THR A CG2 1 
ATOM   725 N  N   . LEU A 1 109 ? -8.363  2.848   -16.340 1.00 125.42 ? 109 LEU A N   1 
ATOM   726 C  CA  . LEU A 1 109 ? -9.731  2.361   -16.217 1.00 118.82 ? 109 LEU A CA  1 
ATOM   727 C  C   . LEU A 1 109 ? -10.642 3.263   -17.034 1.00 116.96 ? 109 LEU A C   1 
ATOM   728 O  O   . LEU A 1 109 ? -11.527 2.792   -17.747 1.00 115.62 ? 109 LEU A O   1 
ATOM   729 C  CB  . LEU A 1 109 ? -10.148 2.408   -14.755 1.00 114.42 ? 109 LEU A CB  1 
ATOM   730 C  CG  . LEU A 1 109 ? -9.332  1.532   -13.818 1.00 114.90 ? 109 LEU A CG  1 
ATOM   731 C  CD1 . LEU A 1 109 ? -9.467  2.050   -12.409 1.00 112.28 ? 109 LEU A CD1 1 
ATOM   732 C  CD2 . LEU A 1 109 ? -9.802  0.096   -13.937 1.00 117.56 ? 109 LEU A CD2 1 
ATOM   733 N  N   . VAL A 1 110 ? -10.429 4.569   -16.903 1.00 110.37 ? 110 VAL A N   1 
ATOM   734 C  CA  . VAL A 1 110 ? -11.203 5.537   -17.656 1.00 108.45 ? 110 VAL A CA  1 
ATOM   735 C  C   . VAL A 1 110 ? -11.005 5.156   -19.110 1.00 120.17 ? 110 VAL A C   1 
ATOM   736 O  O   . VAL A 1 110 ? -11.923 5.253   -19.918 1.00 122.20 ? 110 VAL A O   1 
ATOM   737 C  CB  . VAL A 1 110 ? -10.678 6.971   -17.464 1.00 106.24 ? 110 VAL A CB  1 
ATOM   738 C  CG1 . VAL A 1 110 ? -11.500 7.931   -18.307 1.00 93.44  ? 110 VAL A CG1 1 
ATOM   739 C  CG2 . VAL A 1 110 ? -10.735 7.384   -15.970 1.00 106.26 ? 110 VAL A CG2 1 
ATOM   740 N  N   . ALA A 1 111 ? -9.791  4.733   -19.436 1.00 127.26 ? 111 ALA A N   1 
ATOM   741 C  CA  . ALA A 1 111 ? -9.471  4.297   -20.789 1.00 126.70 ? 111 ALA A CA  1 
ATOM   742 C  C   . ALA A 1 111 ? -10.332 3.070   -21.118 1.00 127.21 ? 111 ALA A C   1 
ATOM   743 O  O   . ALA A 1 111 ? -11.005 3.032   -22.145 1.00 120.66 ? 111 ALA A O   1 
ATOM   744 C  CB  . ALA A 1 111 ? -8.001  3.946   -20.881 1.00 132.14 ? 111 ALA A CB  1 
ATOM   745 N  N   . LEU A 1 112 ? -10.306 2.074   -20.234 1.00 128.65 ? 112 LEU A N   1 
ATOM   746 C  CA  . LEU A 1 112 ? -11.088 0.851   -20.407 1.00 124.75 ? 112 LEU A CA  1 
ATOM   747 C  C   . LEU A 1 112 ? -12.572 1.175   -20.437 1.00 128.51 ? 112 LEU A C   1 
ATOM   748 O  O   . LEU A 1 112 ? -13.332 0.554   -21.178 1.00 129.31 ? 112 LEU A O   1 
ATOM   749 C  CB  . LEU A 1 112 ? -10.793 -0.149  -19.274 1.00 115.43 ? 112 LEU A CB  1 
ATOM   750 C  CG  . LEU A 1 112 ? -11.725 -1.362  -19.107 1.00 111.81 ? 112 LEU A CG  1 
ATOM   751 C  CD1 . LEU A 1 112 ? -11.966 -2.013  -20.460 1.00 109.07 ? 112 LEU A CD1 1 
ATOM   752 C  CD2 . LEU A 1 112 ? -11.131 -2.369  -18.133 1.00 101.80 ? 112 LEU A CD2 1 
ATOM   753 N  N   . ARG A 1 113 ? -12.987 2.144   -19.626 1.00 133.80 ? 113 ARG A N   1 
ATOM   754 C  CA  . ARG A 1 113 ? -14.388 2.541   -19.584 1.00 133.36 ? 113 ARG A CA  1 
ATOM   755 C  C   . ARG A 1 113 ? -14.814 2.902   -21.001 1.00 133.15 ? 113 ARG A C   1 
ATOM   756 O  O   . ARG A 1 113 ? -15.865 2.466   -21.480 1.00 134.38 ? 113 ARG A O   1 
ATOM   757 C  CB  . ARG A 1 113 ? -14.572 3.748   -18.659 1.00 127.71 ? 113 ARG A CB  1 
ATOM   758 C  CG  . ARG A 1 113 ? -15.997 4.258   -18.567 1.00 123.72 ? 113 ARG A CG  1 
ATOM   759 C  CD  . ARG A 1 113 ? -16.133 5.296   -17.477 1.00 121.17 ? 113 ARG A CD  1 
ATOM   760 N  NE  . ARG A 1 113 ? -15.639 6.614   -17.870 1.00 127.11 ? 113 ARG A NE  1 
ATOM   761 C  CZ  . ARG A 1 113 ? -15.270 7.556   -16.999 1.00 138.12 ? 113 ARG A CZ  1 
ATOM   762 N  NH1 . ARG A 1 113 ? -15.337 7.305   -15.697 1.00 138.95 ? 113 ARG A NH1 1 
ATOM   763 N  NH2 . ARG A 1 113 ? -14.836 8.747   -17.419 1.00 146.67 ? 113 ARG A NH2 1 
ATOM   764 N  N   . ASP A 1 114 ? -13.971 3.683   -21.671 1.00 131.38 ? 114 ASP A N   1 
ATOM   765 C  CA  . ASP A 1 114 ? -14.225 4.120   -23.039 1.00 138.50 ? 114 ASP A CA  1 
ATOM   766 C  C   . ASP A 1 114 ? -14.234 2.955   -24.027 1.00 134.49 ? 114 ASP A C   1 
ATOM   767 O  O   . ASP A 1 114 ? -15.111 2.882   -24.883 1.00 127.34 ? 114 ASP A O   1 
ATOM   768 C  CB  . ASP A 1 114 ? -13.187 5.163   -23.447 1.00 147.88 ? 114 ASP A CB  1 
ATOM   769 C  CG  . ASP A 1 114 ? -13.241 6.404   -22.576 1.00 157.60 ? 114 ASP A CG  1 
ATOM   770 O  OD1 . ASP A 1 114 ? -12.374 7.283   -22.744 1.00 161.83 ? 114 ASP A OD1 1 
ATOM   771 O  OD2 . ASP A 1 114 ? -14.153 6.503   -21.724 1.00 161.23 ? 114 ASP A OD2 1 
ATOM   772 N  N   . GLU A 1 115 ? -13.264 2.049   -23.918 1.00 141.64 ? 115 GLU A N   1 
ATOM   773 C  CA  . GLU A 1 115 ? -13.226 0.893   -24.806 1.00 145.35 ? 115 GLU A CA  1 
ATOM   774 C  C   . GLU A 1 115 ? -14.600 0.239   -24.716 1.00 147.15 ? 115 GLU A C   1 
ATOM   775 O  O   . GLU A 1 115 ? -15.173 -0.179  -25.726 1.00 152.09 ? 115 GLU A O   1 
ATOM   776 C  CB  . GLU A 1 115 ? -12.151 -0.107  -24.365 1.00 147.67 ? 115 GLU A CB  1 
ATOM   777 C  CG  . GLU A 1 115 ? -10.737 0.201   -24.843 1.00 147.73 ? 115 GLU A CG  1 
ATOM   778 C  CD  . GLU A 1 115 ? -9.720  -0.817  -24.335 1.00 157.72 ? 115 GLU A CD  1 
ATOM   779 O  OE1 . GLU A 1 115 ? -9.881  -2.022  -24.614 1.00 158.51 ? 115 GLU A OE1 1 
ATOM   780 O  OE2 . GLU A 1 115 ? -8.756  -0.418  -23.649 1.00 166.91 ? 115 GLU A OE2 1 
ATOM   781 N  N   . LEU A 1 116 ? -15.124 0.165   -23.493 1.00 139.01 ? 116 LEU A N   1 
ATOM   782 C  CA  . LEU A 1 116 ? -16.436 -0.420  -23.245 1.00 123.23 ? 116 LEU A CA  1 
ATOM   783 C  C   . LEU A 1 116 ? -17.486 0.391   -23.961 1.00 125.60 ? 116 LEU A C   1 
ATOM   784 O  O   . LEU A 1 116 ? -18.249 -0.145  -24.765 1.00 128.93 ? 116 LEU A O   1 
ATOM   785 C  CB  . LEU A 1 116 ? -16.747 -0.438  -21.748 1.00 90.74  ? 116 LEU A CB  1 
ATOM   786 C  CG  . LEU A 1 116 ? -16.459 -1.782  -21.076 1.00 103.39 ? 116 LEU A CG  1 
ATOM   787 C  CD1 . LEU A 1 116 ? -16.503 -1.625  -19.570 1.00 91.46  ? 116 LEU A CD1 1 
ATOM   788 C  CD2 . LEU A 1 116 ? -17.451 -2.836  -21.565 1.00 95.02  ? 116 LEU A CD2 1 
ATOM   789 N  N   . ASP A 1 117 ? -17.507 1.690   -23.665 1.00 129.37 ? 117 ASP A N   1 
ATOM   790 C  CA  . ASP A 1 117 ? -18.471 2.611   -24.265 1.00 135.72 ? 117 ASP A CA  1 
ATOM   791 C  C   . ASP A 1 117 ? -18.690 2.332   -25.749 1.00 134.73 ? 117 ASP A C   1 
ATOM   792 O  O   . ASP A 1 117 ? -19.824 2.270   -26.216 1.00 134.35 ? 117 ASP A O   1 
ATOM   793 C  CB  . ASP A 1 117 ? -18.031 4.072   -24.071 1.00 137.86 ? 117 ASP A CB  1 
ATOM   794 C  CG  . ASP A 1 117 ? -18.543 4.672   -22.770 1.00 139.63 ? 117 ASP A CG  1 
ATOM   795 O  OD1 . ASP A 1 117 ? -19.740 4.482   -22.466 1.00 142.18 ? 117 ASP A OD1 1 
ATOM   796 O  OD2 . ASP A 1 117 ? -17.760 5.338   -22.060 1.00 137.65 ? 117 ASP A OD2 1 
ATOM   797 N  N   . GLY A 1 118 ? -17.602 2.158   -26.484 1.00 141.03 ? 118 GLY A N   1 
ATOM   798 C  CA  . GLY A 1 118 ? -17.726 1.894   -27.902 1.00 142.82 ? 118 GLY A CA  1 
ATOM   799 C  C   . GLY A 1 118 ? -18.319 0.529   -28.176 1.00 145.66 ? 118 GLY A C   1 
ATOM   800 O  O   . GLY A 1 118 ? -19.320 0.398   -28.880 1.00 150.94 ? 118 GLY A O   1 
ATOM   801 N  N   . CYS A 1 119 ? -17.708 -0.496  -27.602 1.00 145.29 ? 119 CYS A N   1 
ATOM   802 C  CA  . CYS A 1 119 ? -18.151 -1.866  -27.808 1.00 146.96 ? 119 CYS A CA  1 
ATOM   803 C  C   . CYS A 1 119 ? -19.606 -2.208  -27.463 1.00 144.80 ? 119 CYS A C   1 
ATOM   804 O  O   . CYS A 1 119 ? -20.217 -3.054  -28.116 1.00 148.55 ? 119 CYS A O   1 
ATOM   805 C  CB  . CYS A 1 119 ? -17.199 -2.801  -27.065 1.00 144.16 ? 119 CYS A CB  1 
ATOM   806 S  SG  . CYS A 1 119 ? -15.545 -2.865  -27.814 1.00 126.93 ? 119 CYS A SG  1 
ATOM   807 N  N   . ILE A 1 120 ? -20.163 -1.555  -26.452 1.00 139.92 ? 120 ILE A N   1 
ATOM   808 C  CA  . ILE A 1 120 ? -21.536 -1.838  -26.040 1.00 127.96 ? 120 ILE A CA  1 
ATOM   809 C  C   . ILE A 1 120 ? -22.532 -1.995  -27.198 1.00 125.62 ? 120 ILE A C   1 
ATOM   810 O  O   . ILE A 1 120 ? -23.109 -3.061  -27.392 1.00 123.29 ? 120 ILE A O   1 
ATOM   811 C  CB  . ILE A 1 120 ? -22.046 -0.755  -25.045 1.00 117.14 ? 120 ILE A CB  1 
ATOM   812 C  CG1 . ILE A 1 120 ? -21.191 -0.778  -23.771 1.00 111.80 ? 120 ILE A CG1 1 
ATOM   813 C  CG2 . ILE A 1 120 ? -23.496 -1.016  -24.692 1.00 112.06 ? 120 ILE A CG2 1 
ATOM   814 C  CD1 . ILE A 1 120 ? -21.592 0.252   -22.731 1.00 123.28 ? 120 ILE A CD1 1 
ATOM   815 N  N   . GLY A 1 121 ? -22.731 -0.941  -27.972 1.00 121.58 ? 121 GLY A N   1 
ATOM   816 C  CA  . GLY A 1 121 ? -23.670 -1.025  -29.075 1.00 131.34 ? 121 GLY A CA  1 
ATOM   817 C  C   . GLY A 1 121 ? -23.302 -2.046  -30.137 1.00 139.37 ? 121 GLY A C   1 
ATOM   818 O  O   . GLY A 1 121 ? -24.143 -2.475  -30.933 1.00 140.88 ? 121 GLY A O   1 
ATOM   819 N  N   . CYS A 1 122 ? -22.036 -2.438  -30.149 1.00 147.07 ? 122 CYS A N   1 
ATOM   820 C  CA  . CYS A 1 122 ? -21.537 -3.396  -31.125 1.00 146.75 ? 122 CYS A CA  1 
ATOM   821 C  C   . CYS A 1 122 ? -21.955 -4.803  -30.761 1.00 143.30 ? 122 CYS A C   1 
ATOM   822 O  O   . CYS A 1 122 ? -23.030 -5.257  -31.130 1.00 143.93 ? 122 CYS A O   1 
ATOM   823 C  CB  . CYS A 1 122 ? -20.014 -3.314  -31.194 1.00 144.03 ? 122 CYS A CB  1 
ATOM   824 S  SG  . CYS A 1 122 ? -19.256 -4.380  -32.450 1.00 146.97 ? 122 CYS A SG  1 
ATOM   825 N  N   . GLY A 1 123 ? -21.088 -5.490  -30.034 1.00 137.44 ? 123 GLY A N   1 
ATOM   826 C  CA  . GLY A 1 123 ? -21.396 -6.840  -29.626 1.00 135.33 ? 123 GLY A CA  1 
ATOM   827 C  C   . GLY A 1 123 ? -20.854 -7.877  -30.588 1.00 140.51 ? 123 GLY A C   1 
ATOM   828 O  O   . GLY A 1 123 ? -21.404 -8.974  -30.702 1.00 143.53 ? 123 GLY A O   1 
ATOM   829 N  N   . CYS A 1 124 ? -19.777 -7.548  -31.293 1.00 143.29 ? 124 CYS A N   1 
ATOM   830 C  CA  . CYS A 1 124 ? -19.193 -8.509  -32.220 1.00 138.16 ? 124 CYS A CA  1 
ATOM   831 C  C   . CYS A 1 124 ? -18.209 -9.353  -31.436 1.00 134.04 ? 124 CYS A C   1 
ATOM   832 O  O   . CYS A 1 124 ? -18.052 -10.541 -31.691 1.00 127.96 ? 124 CYS A O   1 
ATOM   833 C  CB  . CYS A 1 124 ? -18.460 -7.789  -33.352 1.00 140.54 ? 124 CYS A CB  1 
ATOM   834 S  SG  . CYS A 1 124 ? -16.985 -6.860  -32.819 1.00 149.68 ? 124 CYS A SG  1 
ATOM   835 N  N   . LEU A 1 125 ? -17.571 -8.718  -30.459 1.00 136.25 ? 125 LEU A N   1 
ATOM   836 C  CA  . LEU A 1 125 ? -16.576 -9.367  -29.626 1.00 138.22 ? 125 LEU A CA  1 
ATOM   837 C  C   . LEU A 1 125 ? -15.608 -10.085 -30.536 1.00 145.89 ? 125 LEU A C   1 
ATOM   838 O  O   . LEU A 1 125 ? -15.239 -11.225 -30.275 1.00 149.40 ? 125 LEU A O   1 
ATOM   839 C  CB  . LEU A 1 125 ? -17.231 -10.358 -28.657 1.00 126.96 ? 125 LEU A CB  1 
ATOM   840 C  CG  . LEU A 1 125 ? -17.956 -9.755  -27.438 1.00 130.76 ? 125 LEU A CG  1 
ATOM   841 C  CD1 . LEU A 1 125 ? -18.591 -10.858 -26.596 1.00 129.15 ? 125 LEU A CD1 1 
ATOM   842 C  CD2 . LEU A 1 125 ? -16.974 -8.959  -26.593 1.00 121.06 ? 125 LEU A CD2 1 
ATOM   843 N  N   . SER A 1 126 ? -15.220 -9.401  -31.611 1.00 149.55 ? 126 SER A N   1 
ATOM   844 C  CA  . SER A 1 126 ? -14.303 -9.938  -32.611 1.00 147.29 ? 126 SER A CA  1 
ATOM   845 C  C   . SER A 1 126 ? -12.889 -10.055 -32.087 1.00 152.79 ? 126 SER A C   1 
ATOM   846 O  O   . SER A 1 126 ? -12.269 -9.052  -31.743 1.00 158.49 ? 126 SER A O   1 
ATOM   847 C  CB  . SER A 1 126 ? -14.309 -9.064  -33.852 1.00 125.89 ? 126 SER A CB  1 
ATOM   848 N  N   . ARG A 1 127 ? -12.391 -11.289 -32.041 1.00 156.55 ? 127 ARG A N   1 
ATOM   849 C  CA  . ARG A 1 127 ? -11.038 -11.595 -31.573 1.00 157.52 ? 127 ARG A CA  1 
ATOM   850 C  C   . ARG A 1 127 ? -10.073 -10.733 -32.373 1.00 155.17 ? 127 ARG A C   1 
ATOM   851 O  O   . ARG A 1 127 ? -9.075  -10.203 -31.860 1.00 141.00 ? 127 ARG A O   1 
ATOM   852 C  CB  . ARG A 1 127 ? -10.761 -13.086 -31.812 1.00 159.51 ? 127 ARG A CB  1 
ATOM   853 C  CG  . ARG A 1 127 ? -9.340  -13.585 -31.561 1.00 167.58 ? 127 ARG A CG  1 
ATOM   854 C  CD  . ARG A 1 127 ? -9.322  -15.109 -31.751 1.00 173.46 ? 127 ARG A CD  1 
ATOM   855 N  NE  . ARG A 1 127 ? -8.013  -15.746 -31.604 1.00 176.00 ? 127 ARG A NE  1 
ATOM   856 C  CZ  . ARG A 1 127 ? -7.188  -15.570 -30.574 1.00 179.09 ? 127 ARG A CZ  1 
ATOM   857 N  NH1 . ARG A 1 127 ? -7.507  -14.757 -29.569 1.00 175.19 ? 127 ARG A NH1 1 
ATOM   858 N  NH2 . ARG A 1 127 ? -6.044  -16.240 -30.535 1.00 169.13 ? 127 ARG A NH2 1 
ATOM   859 N  N   . SER A 1 128 ? -10.421 -10.571 -33.640 1.00 157.43 ? 128 SER A N   1 
ATOM   860 C  CA  . SER A 1 128 ? -9.619  -9.808  -34.561 1.00 161.21 ? 128 SER A CA  1 
ATOM   861 C  C   . SER A 1 128 ? -9.566  -8.307  -34.309 1.00 163.71 ? 128 SER A C   1 
ATOM   862 O  O   . SER A 1 128 ? -8.481  -7.745  -34.179 1.00 165.66 ? 128 SER A O   1 
ATOM   863 C  CB  . SER A 1 128 ? -10.096 -10.079 -35.979 1.00 152.14 ? 128 SER A CB  1 
ATOM   864 N  N   . ASP A 1 129 ? -10.720 -7.660  -34.194 1.00 159.64 ? 129 ASP A N   1 
ATOM   865 C  CA  . ASP A 1 129 ? -10.717 -6.209  -34.057 1.00 153.04 ? 129 ASP A CA  1 
ATOM   866 C  C   . ASP A 1 129 ? -11.195 -5.464  -32.796 1.00 151.44 ? 129 ASP A C   1 
ATOM   867 O  O   . ASP A 1 129 ? -10.878 -4.284  -32.637 1.00 154.58 ? 129 ASP A O   1 
ATOM   868 C  CB  . ASP A 1 129 ? -11.425 -5.637  -35.270 1.00 127.04 ? 129 ASP A CB  1 
ATOM   869 N  N   . CYS A 1 130 ? -11.929 -6.127  -31.904 1.00 144.88 ? 130 CYS A N   1 
ATOM   870 C  CA  . CYS A 1 130 ? -12.484 -5.491  -30.687 1.00 131.77 ? 130 CYS A CA  1 
ATOM   871 C  C   . CYS A 1 130 ? -11.522 -5.026  -29.570 1.00 124.36 ? 130 CYS A C   1 
ATOM   872 O  O   . CYS A 1 130 ? -11.132 -5.814  -28.716 1.00 128.39 ? 130 CYS A O   1 
ATOM   873 C  CB  . CYS A 1 130 ? -13.528 -6.430  -30.073 1.00 136.43 ? 130 CYS A CB  1 
ATOM   874 S  SG  . CYS A 1 130 ? -14.253 -5.830  -28.519 1.00 136.25 ? 130 CYS A SG  1 
ATOM   875 N  N   . PRO A 1 131 ? -11.202 -3.724  -29.514 1.00 118.22 ? 131 PRO A N   1 
ATOM   876 C  CA  . PRO A 1 131 ? -10.286 -3.222  -28.481 1.00 120.82 ? 131 PRO A CA  1 
ATOM   877 C  C   . PRO A 1 131 ? -10.380 -3.856  -27.091 1.00 122.78 ? 131 PRO A C   1 
ATOM   878 O  O   . PRO A 1 131 ? -9.358  -4.101  -26.451 1.00 129.08 ? 131 PRO A O   1 
ATOM   879 C  CB  . PRO A 1 131 ? -10.572 -1.719  -28.459 1.00 119.03 ? 131 PRO A CB  1 
ATOM   880 C  CG  . PRO A 1 131 ? -11.981 -1.630  -28.926 1.00 123.28 ? 131 PRO A CG  1 
ATOM   881 C  CD  . PRO A 1 131 ? -12.011 -2.623  -30.057 1.00 120.11 ? 131 PRO A CD  1 
ATOM   882 N  N   . LEU A 1 132 ? -11.595 -4.122  -26.622 1.00 124.12 ? 132 LEU A N   1 
ATOM   883 C  CA  . LEU A 1 132 ? -11.781 -4.714  -25.294 1.00 130.73 ? 132 LEU A CA  1 
ATOM   884 C  C   . LEU A 1 132 ? -11.068 -6.047  -25.230 1.00 126.74 ? 132 LEU A C   1 
ATOM   885 O  O   . LEU A 1 132 ? -10.648 -6.527  -24.177 1.00 124.33 ? 132 LEU A O   1 
ATOM   886 C  CB  . LEU A 1 132 ? -13.276 -4.939  -25.006 1.00 130.86 ? 132 LEU A CB  1 
ATOM   887 C  CG  . LEU A 1 132 ? -14.144 -3.803  -24.464 1.00 130.18 ? 132 LEU A CG  1 
ATOM   888 C  CD1 . LEU A 1 132 ? -15.543 -4.336  -24.244 1.00 129.88 ? 132 LEU A CD1 1 
ATOM   889 C  CD2 . LEU A 1 132 ? -13.570 -3.261  -23.155 1.00 113.30 ? 132 LEU A CD2 1 
ATOM   890 N  N   . ARG A 1 133 ? -10.933 -6.628  -26.402 1.00 128.25 ? 133 ARG A N   1 
ATOM   891 C  CA  . ARG A 1 133 ? -10.338 -7.922  -26.563 1.00 131.25 ? 133 ARG A CA  1 
ATOM   892 C  C   . ARG A 1 133 ? -8.813  -7.886  -26.772 1.00 130.69 ? 133 ARG A C   1 
ATOM   893 O  O   . ARG A 1 133 ? -8.214  -8.912  -27.085 1.00 124.69 ? 133 ARG A O   1 
ATOM   894 C  CB  . ARG A 1 133 ? -11.050 -8.563  -27.744 1.00 124.62 ? 133 ARG A CB  1 
ATOM   895 C  CG  . ARG A 1 133 ? -10.973 -10.016 -27.808 1.00 122.13 ? 133 ARG A CG  1 
ATOM   896 C  CD  . ARG A 1 133 ? -11.780 -10.680 -26.739 1.00 125.98 ? 133 ARG A CD  1 
ATOM   897 N  NE  . ARG A 1 133 ? -11.972 -12.046 -27.187 1.00 127.41 ? 133 ARG A NE  1 
ATOM   898 C  CZ  . ARG A 1 133 ? -12.740 -12.354 -28.223 1.00 127.54 ? 133 ARG A CZ  1 
ATOM   899 N  NH1 . ARG A 1 133 ? -13.379 -11.382 -28.861 1.00 126.83 ? 133 ARG A NH1 1 
ATOM   900 N  NH2 . ARG A 1 133 ? -12.813 -13.608 -28.660 1.00 117.44 ? 133 ARG A NH2 1 
ATOM   901 N  N   . ASN A 1 134 ? -8.185  -6.721  -26.576 1.00 135.06 ? 134 ASN A N   1 
ATOM   902 C  CA  . ASN A 1 134 ? -6.729  -6.585  -26.776 1.00 135.30 ? 134 ASN A CA  1 
ATOM   903 C  C   . ASN A 1 134 ? -5.969  -5.618  -25.839 1.00 126.43 ? 134 ASN A C   1 
ATOM   904 O  O   . ASN A 1 134 ? -5.517  -4.568  -26.324 1.00 115.37 ? 134 ASN A O   1 
ATOM   905 C  CB  . ASN A 1 134 ? -6.452  -6.178  -28.229 1.00 140.14 ? 134 ASN A CB  1 
ATOM   906 C  CG  . ASN A 1 134 ? -7.479  -6.747  -29.216 1.00 138.66 ? 134 ASN A CG  1 
ATOM   907 O  OD1 . ASN A 1 134 ? -7.612  -7.963  -29.388 1.00 138.05 ? 134 ASN A OD1 1 
ATOM   908 N  ND2 . ASN A 1 134 ? -8.207  -5.854  -29.869 1.00 144.78 ? 134 ASN A ND2 1 
HETATM 909 FE FE1 . FES B 2 .   ? -17.407 -5.134  -31.431 1.00 142.55 ? 501 FES A FE1 1 
HETATM 910 FE FE2 . FES B 2 .   ? -15.866 -4.567  -29.289 1.00 133.03 ? 501 FES A FE2 1 
HETATM 911 S  S1  . FES B 2 .   ? -17.754 -5.745  -29.342 1.00 140.08 ? 501 FES A S1  1 
HETATM 912 S  S2  . FES B 2 .   ? -15.759 -3.657  -31.284 1.00 137.59 ? 501 FES A S2  1 
HETATM 913 S  S1  . DTT C 3 .   ? -8.850  11.970  -14.542 0.50 186.78 ? 901 DTT A S1  1 
HETATM 914 C  C1  . DTT C 3 .   ? -10.565 12.407  -14.148 0.50 180.83 ? 901 DTT A C1  1 
HETATM 915 C  C2  . DTT C 3 .   ? -11.514 11.410  -14.819 0.50 181.05 ? 901 DTT A C2  1 
HETATM 916 O  O2  . DTT C 3 .   ? -11.772 11.827  -16.160 0.50 178.77 ? 901 DTT A O2  1 
HETATM 917 C  C3  . DTT C 3 .   ? -12.828 11.354  -14.038 0.50 180.78 ? 901 DTT A C3  1 
HETATM 918 O  O3  . DTT C 3 .   ? -13.006 12.576  -13.318 0.50 178.39 ? 901 DTT A O3  1 
HETATM 919 C  C4  . DTT C 3 .   ? -13.991 11.166  -15.015 0.50 180.12 ? 901 DTT A C4  1 
HETATM 920 S  S4  . DTT C 3 .   ? -15.336 10.272  -14.188 0.50 184.87 ? 901 DTT A S4  1 
# 
loop_
_pdbx_poly_seq_scheme.asym_id 
_pdbx_poly_seq_scheme.entity_id 
_pdbx_poly_seq_scheme.seq_id 
_pdbx_poly_seq_scheme.mon_id 
_pdbx_poly_seq_scheme.ndb_seq_num 
_pdbx_poly_seq_scheme.pdb_seq_num 
_pdbx_poly_seq_scheme.auth_seq_num 
_pdbx_poly_seq_scheme.pdb_mon_id 
_pdbx_poly_seq_scheme.auth_mon_id 
_pdbx_poly_seq_scheme.pdb_strand_id 
_pdbx_poly_seq_scheme.pdb_ins_code 
_pdbx_poly_seq_scheme.hetero 
A 1 1   MET 1   1   ?   ?   ?   A . n 
A 1 2   GLU 2   2   ?   ?   ?   A . n 
A 1 3   LYS 3   3   ?   ?   ?   A . n 
A 1 4   LYS 4   4   ?   ?   ?   A . n 
A 1 5   LEU 5   5   ?   ?   ?   A . n 
A 1 6   PRO 6   6   ?   ?   ?   A . n 
A 1 7   ARG 7   7   ?   ?   ?   A . n 
A 1 8   ILE 8   8   ?   ?   ?   A . n 
A 1 9   LYS 9   9   ?   ?   ?   A . n 
A 1 10  ALA 10  10  10  ALA ALA A . n 
A 1 11  LEU 11  11  11  LEU LEU A . n 
A 1 12  LEU 12  12  12  LEU LEU A . n 
A 1 13  THR 13  13  13  THR THR A . n 
A 1 14  PRO 14  14  14  PRO PRO A . n 
A 1 15  GLY 15  15  15  GLY GLY A . n 
A 1 16  GLU 16  16  16  GLU GLU A . n 
A 1 17  VAL 17  17  17  VAL VAL A . n 
A 1 18  ALA 18  18  18  ALA ALA A . n 
A 1 19  LYS 19  19  19  LYS ALA A . n 
A 1 20  ARG 20  20  20  ARG ARG A . n 
A 1 21  SER 21  21  21  SER SER A . n 
A 1 22  GLY 22  22  22  GLY GLY A . n 
A 1 23  VAL 23  23  23  VAL VAL A . n 
A 1 24  ALA 24  24  24  ALA ALA A . n 
A 1 25  VAL 25  25  25  VAL VAL A . n 
A 1 26  SER 26  26  26  SER SER A . n 
A 1 27  ALA 27  27  27  ALA ALA A . n 
A 1 28  LEU 28  28  28  LEU LEU A . n 
A 1 29  HIS 29  29  29  HIS HIS A . n 
A 1 30  PHE 30  30  30  PHE PHE A . n 
A 1 31  TYR 31  31  31  TYR TYR A . n 
A 1 32  GLU 32  32  32  GLU GLU A . n 
A 1 33  SER 33  33  33  SER SER A . n 
A 1 34  LYS 34  34  34  LYS LYS A . n 
A 1 35  GLY 35  35  35  GLY GLY A . n 
A 1 36  LEU 36  36  36  LEU LEU A . n 
A 1 37  ILE 37  37  37  ILE ILE A . n 
A 1 38  THR 38  38  38  THR THR A . n 
A 1 39  SER 39  39  39  SER SER A . n 
A 1 40  ILE 40  40  40  ILE ILE A . n 
A 1 41  ARG 41  41  41  ARG ARG A . n 
A 1 42  ASN 42  42  42  ASN ASN A . n 
A 1 43  SER 43  43  43  SER SER A . n 
A 1 44  GLY 44  44  44  GLY GLY A . n 
A 1 45  ASN 45  45  45  ASN ASN A . n 
A 1 46  GLN 46  46  46  GLN GLN A . n 
A 1 47  ARG 47  47  47  ARG ARG A . n 
A 1 48  ARG 48  48  48  ARG ARG A . n 
A 1 49  TYR 49  49  49  TYR TYR A . n 
A 1 50  LYS 50  50  50  LYS LYS A . n 
A 1 51  ARG 51  51  51  ARG ARG A . n 
A 1 52  ASP 52  52  52  ASP ASP A . n 
A 1 53  VAL 53  53  53  VAL VAL A . n 
A 1 54  LEU 54  54  54  LEU LEU A . n 
A 1 55  ARG 55  55  55  ARG ARG A . n 
A 1 56  TYR 56  56  56  TYR TYR A . n 
A 1 57  VAL 57  57  57  VAL VAL A . n 
A 1 58  ALA 58  58  58  ALA ALA A . n 
A 1 59  ILE 59  59  59  ILE ILE A . n 
A 1 60  ILE 60  60  60  ILE ILE A . n 
A 1 61  LYS 61  61  61  LYS LYS A . n 
A 1 62  ILE 62  62  62  ILE ILE A . n 
A 1 63  ALA 63  63  63  ALA ALA A . n 
A 1 64  GLN 64  64  64  GLN GLN A . n 
A 1 65  ARG 65  65  65  ARG ARG A . n 
A 1 66  ILE 66  66  66  ILE ILE A . n 
A 1 67  GLY 67  67  67  GLY GLY A . n 
A 1 68  ILE 68  68  68  ILE ILE A . n 
A 1 69  PRO 69  69  69  PRO PRO A . n 
A 1 70  LEU 70  70  70  LEU LEU A . n 
A 1 71  ALA 71  71  71  ALA ALA A . n 
A 1 72  THR 72  72  72  THR THR A . n 
A 1 73  ILE 73  73  73  ILE ILE A . n 
A 1 74  GLY 74  74  74  GLY GLY A . n 
A 1 75  GLU 75  75  75  GLU GLU A . n 
A 1 76  ALA 76  76  76  ALA ALA A . n 
A 1 77  PHE 77  77  77  PHE PHE A . n 
A 1 78  GLY 78  78  78  GLY GLY A . n 
A 1 79  VAL 79  79  79  VAL VAL A . n 
A 1 80  LEU 80  80  ?   ?   ?   A . n 
A 1 81  PRO 81  81  ?   ?   ?   A . n 
A 1 82  GLU 82  82  ?   ?   ?   A . n 
A 1 83  GLY 83  83  ?   ?   ?   A . n 
A 1 84  HIS 84  84  ?   ?   ?   A . n 
A 1 85  THR 85  85  85  THR ALA A . n 
A 1 86  LEU 86  86  86  LEU LEU A . n 
A 1 87  SER 87  87  87  SER SER A . n 
A 1 88  ALA 88  88  88  ALA ALA A . n 
A 1 89  LYS 89  89  89  LYS ALA A . n 
A 1 90  GLU 90  90  90  GLU ALA A . n 
A 1 91  TRP 91  91  91  TRP TRP A . n 
A 1 92  LYS 92  92  92  LYS ALA A . n 
A 1 93  GLN 93  93  93  GLN GLN A . n 
A 1 94  LEU 94  94  94  LEU LEU A . n 
A 1 95  SER 95  95  95  SER SER A . n 
A 1 96  SER 96  96  96  SER SER A . n 
A 1 97  GLN 97  97  97  GLN GLN A . n 
A 1 98  TRP 98  98  98  TRP TRP A . n 
A 1 99  ARG 99  99  99  ARG ARG A . n 
A 1 100 GLU 100 100 100 GLU GLU A . n 
A 1 101 GLU 101 101 101 GLU GLU A . n 
A 1 102 LEU 102 102 102 LEU LEU A . n 
A 1 103 ASP 103 103 103 ASP ASP A . n 
A 1 104 ARG 104 104 104 ARG ALA A . n 
A 1 105 ARG 105 105 105 ARG ARG A . n 
A 1 106 ILE 106 106 106 ILE ILE A . n 
A 1 107 HIS 107 107 107 HIS HIS A . n 
A 1 108 THR 108 108 108 THR THR A . n 
A 1 109 LEU 109 109 109 LEU LEU A . n 
A 1 110 VAL 110 110 110 VAL VAL A . n 
A 1 111 ALA 111 111 111 ALA ALA A . n 
A 1 112 LEU 112 112 112 LEU LEU A . n 
A 1 113 ARG 113 113 113 ARG ARG A . n 
A 1 114 ASP 114 114 114 ASP ASP A . n 
A 1 115 GLU 115 115 115 GLU GLU A . n 
A 1 116 LEU 116 116 116 LEU LEU A . n 
A 1 117 ASP 117 117 117 ASP ASP A . n 
A 1 118 GLY 118 118 118 GLY GLY A . n 
A 1 119 CYS 119 119 119 CYS CYS A . n 
A 1 120 ILE 120 120 120 ILE ILE A . n 
A 1 121 GLY 121 121 121 GLY GLY A . n 
A 1 122 CYS 122 122 122 CYS CYS A . n 
A 1 123 GLY 123 123 123 GLY GLY A . n 
A 1 124 CYS 124 124 124 CYS CYS A . n 
A 1 125 LEU 125 125 125 LEU LEU A . n 
A 1 126 SER 126 126 126 SER ALA A . n 
A 1 127 ARG 127 127 127 ARG ARG A . n 
A 1 128 SER 128 128 128 SER ALA A . n 
A 1 129 ASP 129 129 129 ASP ALA A . n 
A 1 130 CYS 130 130 130 CYS CYS A . n 
A 1 131 PRO 131 131 131 PRO PRO A . n 
A 1 132 LEU 132 132 132 LEU LEU A . n 
A 1 133 ARG 133 133 133 ARG ARG A . n 
A 1 134 ASN 134 134 134 ASN ASN A . n 
A 1 135 PRO 135 135 ?   ?   ?   A . n 
A 1 136 GLY 136 136 ?   ?   ?   A . n 
A 1 137 ASP 137 137 ?   ?   ?   A . n 
A 1 138 ARG 138 138 ?   ?   ?   A . n 
A 1 139 LEU 139 139 ?   ?   ?   A . n 
A 1 140 GLY 140 140 ?   ?   ?   A . n 
A 1 141 GLU 141 141 ?   ?   ?   A . n 
A 1 142 GLU 142 142 ?   ?   ?   A . n 
A 1 143 GLY 143 143 ?   ?   ?   A . n 
A 1 144 THR 144 144 ?   ?   ?   A . n 
A 1 145 GLY 145 145 ?   ?   ?   A . n 
A 1 146 ALA 146 146 ?   ?   ?   A . n 
A 1 147 ARG 147 147 ?   ?   ?   A . n 
A 1 148 LEU 148 148 ?   ?   ?   A . n 
A 1 149 LEU 149 149 ?   ?   ?   A . n 
A 1 150 GLU 150 150 ?   ?   ?   A . n 
A 1 151 ASP 151 151 ?   ?   ?   A . n 
A 1 152 GLU 152 152 ?   ?   ?   A . n 
A 1 153 GLN 153 153 ?   ?   ?   A . n 
A 1 154 ASN 154 154 ?   ?   ?   A . n 
# 
loop_
_pdbx_nonpoly_scheme.asym_id 
_pdbx_nonpoly_scheme.entity_id 
_pdbx_nonpoly_scheme.mon_id 
_pdbx_nonpoly_scheme.ndb_seq_num 
_pdbx_nonpoly_scheme.pdb_seq_num 
_pdbx_nonpoly_scheme.auth_seq_num 
_pdbx_nonpoly_scheme.pdb_mon_id 
_pdbx_nonpoly_scheme.auth_mon_id 
_pdbx_nonpoly_scheme.pdb_strand_id 
_pdbx_nonpoly_scheme.pdb_ins_code 
B 2 FES 1 501 501 FES FES A . 
C 3 DTT 1 901 901 DTT DTT A . 
# 
_pdbx_struct_assembly.id                   1 
_pdbx_struct_assembly.details              author_and_software_defined_assembly 
_pdbx_struct_assembly.method_details       PISA 
_pdbx_struct_assembly.oligomeric_details   dimeric 
_pdbx_struct_assembly.oligomeric_count     2 
# 
_pdbx_struct_assembly_gen.assembly_id       1 
_pdbx_struct_assembly_gen.oper_expression   1,2 
_pdbx_struct_assembly_gen.asym_id_list      A,B,C 
# 
loop_
_pdbx_struct_assembly_prop.biol_id 
_pdbx_struct_assembly_prop.type 
_pdbx_struct_assembly_prop.value 
_pdbx_struct_assembly_prop.details 
1 'ABSA (A^2)' 4490  ? 
1 MORE         -48.4 ? 
1 'SSA (A^2)'  12490 ? 
# 
loop_
_pdbx_struct_oper_list.id 
_pdbx_struct_oper_list.type 
_pdbx_struct_oper_list.name 
_pdbx_struct_oper_list.symmetry_operation 
_pdbx_struct_oper_list.matrix[1][1] 
_pdbx_struct_oper_list.matrix[1][2] 
_pdbx_struct_oper_list.matrix[1][3] 
_pdbx_struct_oper_list.vector[1] 
_pdbx_struct_oper_list.matrix[2][1] 
_pdbx_struct_oper_list.matrix[2][2] 
_pdbx_struct_oper_list.matrix[2][3] 
_pdbx_struct_oper_list.vector[2] 
_pdbx_struct_oper_list.matrix[3][1] 
_pdbx_struct_oper_list.matrix[3][2] 
_pdbx_struct_oper_list.matrix[3][3] 
_pdbx_struct_oper_list.vector[3] 
1 'identity operation'         1_555 x,y,z     1.0000000000  0.0000000000  0.0000000000 0.0000000000   0.0000000000  1.0000000000 0.0000000000  0.0000000000   0.0000000000 0.0000000000  1.0000000000  0.0000000000   
2 'crystal symmetry operation' 4_545 -x,-y-1,z -0.8679952988 -0.4572386507 0.1936929981 -14.6771807949 -0.4572386507 0.5837858944 -0.6709149318 -10.4731435023 0.1936929981 -0.6709149318 -0.7157905956 -14.7205586544 
# 
loop_
_pdbx_struct_conn_angle.id 
_pdbx_struct_conn_angle.ptnr1_label_atom_id 
_pdbx_struct_conn_angle.ptnr1_label_alt_id 
_pdbx_struct_conn_angle.ptnr1_label_asym_id 
_pdbx_struct_conn_angle.ptnr1_label_comp_id 
_pdbx_struct_conn_angle.ptnr1_label_seq_id 
_pdbx_struct_conn_angle.ptnr1_auth_atom_id 
_pdbx_struct_conn_angle.ptnr1_auth_asym_id 
_pdbx_struct_conn_angle.ptnr1_auth_comp_id 
_pdbx_struct_conn_angle.ptnr1_auth_seq_id 
_pdbx_struct_conn_angle.ptnr1_PDB_ins_code 
_pdbx_struct_conn_angle.ptnr1_symmetry 
_pdbx_struct_conn_angle.ptnr2_label_atom_id 
_pdbx_struct_conn_angle.ptnr2_label_alt_id 
_pdbx_struct_conn_angle.ptnr2_label_asym_id 
_pdbx_struct_conn_angle.ptnr2_label_comp_id 
_pdbx_struct_conn_angle.ptnr2_label_seq_id 
_pdbx_struct_conn_angle.ptnr2_auth_atom_id 
_pdbx_struct_conn_angle.ptnr2_auth_asym_id 
_pdbx_struct_conn_angle.ptnr2_auth_comp_id 
_pdbx_struct_conn_angle.ptnr2_auth_seq_id 
_pdbx_struct_conn_angle.ptnr2_PDB_ins_code 
_pdbx_struct_conn_angle.ptnr2_symmetry 
_pdbx_struct_conn_angle.ptnr3_label_atom_id 
_pdbx_struct_conn_angle.ptnr3_label_alt_id 
_pdbx_struct_conn_angle.ptnr3_label_asym_id 
_pdbx_struct_conn_angle.ptnr3_label_comp_id 
_pdbx_struct_conn_angle.ptnr3_label_seq_id 
_pdbx_struct_conn_angle.ptnr3_auth_atom_id 
_pdbx_struct_conn_angle.ptnr3_auth_asym_id 
_pdbx_struct_conn_angle.ptnr3_auth_comp_id 
_pdbx_struct_conn_angle.ptnr3_auth_seq_id 
_pdbx_struct_conn_angle.ptnr3_PDB_ins_code 
_pdbx_struct_conn_angle.ptnr3_symmetry 
_pdbx_struct_conn_angle.value 
_pdbx_struct_conn_angle.value_esd 
1  SG ? A CYS 119 ? A CYS 119 ? 1_555 FE2 ? B FES . ? A FES 501 ? 1_555 S1 ? B FES .   ? A FES 501 ? 1_555 122.1 ? 
2  SG ? A CYS 119 ? A CYS 119 ? 1_555 FE2 ? B FES . ? A FES 501 ? 1_555 S2 ? B FES .   ? A FES 501 ? 1_555 105.8 ? 
3  S1 ? B FES .   ? A FES 501 ? 1_555 FE2 ? B FES . ? A FES 501 ? 1_555 S2 ? B FES .   ? A FES 501 ? 1_555 103.8 ? 
4  SG ? A CYS 119 ? A CYS 119 ? 1_555 FE2 ? B FES . ? A FES 501 ? 1_555 SG ? A CYS 130 ? A CYS 130 ? 1_555 95.7  ? 
5  S1 ? B FES .   ? A FES 501 ? 1_555 FE2 ? B FES . ? A FES 501 ? 1_555 SG ? A CYS 130 ? A CYS 130 ? 1_555 109.2 ? 
6  S2 ? B FES .   ? A FES 501 ? 1_555 FE2 ? B FES . ? A FES 501 ? 1_555 SG ? A CYS 130 ? A CYS 130 ? 1_555 121.5 ? 
7  SG ? A CYS 122 ? A CYS 122 ? 1_555 FE1 ? B FES . ? A FES 501 ? 1_555 S1 ? B FES .   ? A FES 501 ? 1_555 113.2 ? 
8  SG ? A CYS 122 ? A CYS 122 ? 1_555 FE1 ? B FES . ? A FES 501 ? 1_555 S2 ? B FES .   ? A FES 501 ? 1_555 114.8 ? 
9  S1 ? B FES .   ? A FES 501 ? 1_555 FE1 ? B FES . ? A FES 501 ? 1_555 S2 ? B FES .   ? A FES 501 ? 1_555 103.8 ? 
10 SG ? A CYS 122 ? A CYS 122 ? 1_555 FE1 ? B FES . ? A FES 501 ? 1_555 SG ? A CYS 124 ? A CYS 124 ? 1_555 97.6  ? 
11 S1 ? B FES .   ? A FES 501 ? 1_555 FE1 ? B FES . ? A FES 501 ? 1_555 SG ? A CYS 124 ? A CYS 124 ? 1_555 113.6 ? 
12 S2 ? B FES .   ? A FES 501 ? 1_555 FE1 ? B FES . ? A FES 501 ? 1_555 SG ? A CYS 124 ? A CYS 124 ? 1_555 114.4 ? 
# 
loop_
_pdbx_audit_revision_history.ordinal 
_pdbx_audit_revision_history.data_content_type 
_pdbx_audit_revision_history.major_revision 
_pdbx_audit_revision_history.minor_revision 
_pdbx_audit_revision_history.revision_date 
1 'Structure model' 1 0 2008-03-25 
2 'Structure model' 1 1 2011-07-13 
3 'Structure model' 1 2 2023-11-01 
# 
_pdbx_audit_revision_details.ordinal             1 
_pdbx_audit_revision_details.revision_ordinal    1 
_pdbx_audit_revision_details.data_content_type   'Structure model' 
_pdbx_audit_revision_details.provider            repository 
_pdbx_audit_revision_details.type                'Initial release' 
_pdbx_audit_revision_details.description         ? 
_pdbx_audit_revision_details.details             ? 
# 
loop_
_pdbx_audit_revision_group.ordinal 
_pdbx_audit_revision_group.revision_ordinal 
_pdbx_audit_revision_group.data_content_type 
_pdbx_audit_revision_group.group 
1 2 'Structure model' 'Source and taxonomy'       
2 2 'Structure model' 'Version format compliance' 
3 3 'Structure model' 'Data collection'           
4 3 'Structure model' 'Database references'       
5 3 'Structure model' 'Derived calculations'      
6 3 'Structure model' 'Refinement description'    
# 
loop_
_pdbx_audit_revision_category.ordinal 
_pdbx_audit_revision_category.revision_ordinal 
_pdbx_audit_revision_category.data_content_type 
_pdbx_audit_revision_category.category 
1 3 'Structure model' chem_comp_atom                
2 3 'Structure model' chem_comp_bond                
3 3 'Structure model' database_2                    
4 3 'Structure model' pdbx_initial_refinement_model 
5 3 'Structure model' struct_site                   
# 
loop_
_pdbx_audit_revision_item.ordinal 
_pdbx_audit_revision_item.revision_ordinal 
_pdbx_audit_revision_item.data_content_type 
_pdbx_audit_revision_item.item 
1 3 'Structure model' '_database_2.pdbx_DOI'                
2 3 'Structure model' '_database_2.pdbx_database_accession' 
3 3 'Structure model' '_struct_site.pdbx_auth_asym_id'      
4 3 'Structure model' '_struct_site.pdbx_auth_comp_id'      
5 3 'Structure model' '_struct_site.pdbx_auth_seq_id'       
# 
loop_
_software.name 
_software.classification 
_software.version 
_software.citation_id 
_software.pdbx_ordinal 
CNS      refinement        1.1 ? 1 
HKL-2000 'data collection' .   ? 2 
HKL-2000 'data reduction'  .   ? 3 
HKL-2000 'data scaling'    .   ? 4 
MOLREP   phasing           .   ? 5 
# 
loop_
_pdbx_validate_torsion.id 
_pdbx_validate_torsion.PDB_model_num 
_pdbx_validate_torsion.auth_comp_id 
_pdbx_validate_torsion.auth_asym_id 
_pdbx_validate_torsion.auth_seq_id 
_pdbx_validate_torsion.PDB_ins_code 
_pdbx_validate_torsion.label_alt_id 
_pdbx_validate_torsion.phi 
_pdbx_validate_torsion.psi 
1 1 ARG A 41  ? ? -45.62 159.32 
2 1 SER A 43  ? ? 37.33  59.93  
3 1 ASN A 45  ? ? 48.60  21.20  
4 1 GLN A 46  ? ? -61.96 83.95  
5 1 THR A 72  ? ? -46.94 -15.29 
6 1 LEU A 86  ? ? 37.08  51.20  
7 1 GLN A 93  ? ? -61.66 -84.28 
8 1 CYS A 122 ? ? -76.99 -92.93 
9 1 CYS A 130 ? ? -67.88 99.79  
# 
loop_
_pdbx_unobs_or_zero_occ_atoms.id 
_pdbx_unobs_or_zero_occ_atoms.PDB_model_num 
_pdbx_unobs_or_zero_occ_atoms.polymer_flag 
_pdbx_unobs_or_zero_occ_atoms.occupancy_flag 
_pdbx_unobs_or_zero_occ_atoms.auth_asym_id 
_pdbx_unobs_or_zero_occ_atoms.auth_comp_id 
_pdbx_unobs_or_zero_occ_atoms.auth_seq_id 
_pdbx_unobs_or_zero_occ_atoms.PDB_ins_code 
_pdbx_unobs_or_zero_occ_atoms.auth_atom_id 
_pdbx_unobs_or_zero_occ_atoms.label_alt_id 
_pdbx_unobs_or_zero_occ_atoms.label_asym_id 
_pdbx_unobs_or_zero_occ_atoms.label_comp_id 
_pdbx_unobs_or_zero_occ_atoms.label_seq_id 
_pdbx_unobs_or_zero_occ_atoms.label_atom_id 
1  1 Y 1 A LYS 19  ? CG  ? A LYS 19  CG  
2  1 Y 1 A LYS 19  ? CD  ? A LYS 19  CD  
3  1 Y 1 A LYS 19  ? CE  ? A LYS 19  CE  
4  1 Y 1 A LYS 19  ? NZ  ? A LYS 19  NZ  
5  1 Y 1 A THR 85  ? OG1 ? A THR 85  OG1 
6  1 Y 1 A THR 85  ? CG2 ? A THR 85  CG2 
7  1 Y 1 A LYS 89  ? CG  ? A LYS 89  CG  
8  1 Y 1 A LYS 89  ? CD  ? A LYS 89  CD  
9  1 Y 1 A LYS 89  ? CE  ? A LYS 89  CE  
10 1 Y 1 A LYS 89  ? NZ  ? A LYS 89  NZ  
11 1 Y 1 A GLU 90  ? CG  ? A GLU 90  CG  
12 1 Y 1 A GLU 90  ? CD  ? A GLU 90  CD  
13 1 Y 1 A GLU 90  ? OE1 ? A GLU 90  OE1 
14 1 Y 1 A GLU 90  ? OE2 ? A GLU 90  OE2 
15 1 Y 1 A LYS 92  ? CG  ? A LYS 92  CG  
16 1 Y 1 A LYS 92  ? CD  ? A LYS 92  CD  
17 1 Y 1 A LYS 92  ? CE  ? A LYS 92  CE  
18 1 Y 1 A LYS 92  ? NZ  ? A LYS 92  NZ  
19 1 Y 1 A ARG 104 ? CG  ? A ARG 104 CG  
20 1 Y 1 A ARG 104 ? CD  ? A ARG 104 CD  
21 1 Y 1 A ARG 104 ? NE  ? A ARG 104 NE  
22 1 Y 1 A ARG 104 ? CZ  ? A ARG 104 CZ  
23 1 Y 1 A ARG 104 ? NH1 ? A ARG 104 NH1 
24 1 Y 1 A ARG 104 ? NH2 ? A ARG 104 NH2 
25 1 Y 1 A SER 126 ? OG  ? A SER 126 OG  
26 1 Y 1 A SER 128 ? OG  ? A SER 128 OG  
27 1 Y 1 A ASP 129 ? CG  ? A ASP 129 CG  
28 1 Y 1 A ASP 129 ? OD1 ? A ASP 129 OD1 
29 1 Y 1 A ASP 129 ? OD2 ? A ASP 129 OD2 
# 
loop_
_pdbx_unobs_or_zero_occ_residues.id 
_pdbx_unobs_or_zero_occ_residues.PDB_model_num 
_pdbx_unobs_or_zero_occ_residues.polymer_flag 
_pdbx_unobs_or_zero_occ_residues.occupancy_flag 
_pdbx_unobs_or_zero_occ_residues.auth_asym_id 
_pdbx_unobs_or_zero_occ_residues.auth_comp_id 
_pdbx_unobs_or_zero_occ_residues.auth_seq_id 
_pdbx_unobs_or_zero_occ_residues.PDB_ins_code 
_pdbx_unobs_or_zero_occ_residues.label_asym_id 
_pdbx_unobs_or_zero_occ_residues.label_comp_id 
_pdbx_unobs_or_zero_occ_residues.label_seq_id 
1  1 Y 1 A MET 1   ? A MET 1   
2  1 Y 1 A GLU 2   ? A GLU 2   
3  1 Y 1 A LYS 3   ? A LYS 3   
4  1 Y 1 A LYS 4   ? A LYS 4   
5  1 Y 1 A LEU 5   ? A LEU 5   
6  1 Y 1 A PRO 6   ? A PRO 6   
7  1 Y 1 A ARG 7   ? A ARG 7   
8  1 Y 1 A ILE 8   ? A ILE 8   
9  1 Y 1 A LYS 9   ? A LYS 9   
10 1 Y 1 A LEU 80  ? A LEU 80  
11 1 Y 1 A PRO 81  ? A PRO 81  
12 1 Y 1 A GLU 82  ? A GLU 82  
13 1 Y 1 A GLY 83  ? A GLY 83  
14 1 Y 1 A HIS 84  ? A HIS 84  
15 1 Y 1 A PRO 135 ? A PRO 135 
16 1 Y 1 A GLY 136 ? A GLY 136 
17 1 Y 1 A ASP 137 ? A ASP 137 
18 1 Y 1 A ARG 138 ? A ARG 138 
19 1 Y 1 A LEU 139 ? A LEU 139 
20 1 Y 1 A GLY 140 ? A GLY 140 
21 1 Y 1 A GLU 141 ? A GLU 141 
22 1 Y 1 A GLU 142 ? A GLU 142 
23 1 Y 1 A GLY 143 ? A GLY 143 
24 1 Y 1 A THR 144 ? A THR 144 
25 1 Y 1 A GLY 145 ? A GLY 145 
26 1 Y 1 A ALA 146 ? A ALA 146 
27 1 Y 1 A ARG 147 ? A ARG 147 
28 1 Y 1 A LEU 148 ? A LEU 148 
29 1 Y 1 A LEU 149 ? A LEU 149 
30 1 Y 1 A GLU 150 ? A GLU 150 
31 1 Y 1 A ASP 151 ? A ASP 151 
32 1 Y 1 A GLU 152 ? A GLU 152 
33 1 Y 1 A GLN 153 ? A GLN 153 
34 1 Y 1 A ASN 154 ? A ASN 154 
# 
loop_
_chem_comp_atom.comp_id 
_chem_comp_atom.atom_id 
_chem_comp_atom.type_symbol 
_chem_comp_atom.pdbx_aromatic_flag 
_chem_comp_atom.pdbx_stereo_config 
_chem_comp_atom.pdbx_ordinal 
ALA N    N  N N 1   
ALA CA   C  N S 2   
ALA C    C  N N 3   
ALA O    O  N N 4   
ALA CB   C  N N 5   
ALA OXT  O  N N 6   
ALA H    H  N N 7   
ALA H2   H  N N 8   
ALA HA   H  N N 9   
ALA HB1  H  N N 10  
ALA HB2  H  N N 11  
ALA HB3  H  N N 12  
ALA HXT  H  N N 13  
ARG N    N  N N 14  
ARG CA   C  N S 15  
ARG C    C  N N 16  
ARG O    O  N N 17  
ARG CB   C  N N 18  
ARG CG   C  N N 19  
ARG CD   C  N N 20  
ARG NE   N  N N 21  
ARG CZ   C  N N 22  
ARG NH1  N  N N 23  
ARG NH2  N  N N 24  
ARG OXT  O  N N 25  
ARG H    H  N N 26  
ARG H2   H  N N 27  
ARG HA   H  N N 28  
ARG HB2  H  N N 29  
ARG HB3  H  N N 30  
ARG HG2  H  N N 31  
ARG HG3  H  N N 32  
ARG HD2  H  N N 33  
ARG HD3  H  N N 34  
ARG HE   H  N N 35  
ARG HH11 H  N N 36  
ARG HH12 H  N N 37  
ARG HH21 H  N N 38  
ARG HH22 H  N N 39  
ARG HXT  H  N N 40  
ASN N    N  N N 41  
ASN CA   C  N S 42  
ASN C    C  N N 43  
ASN O    O  N N 44  
ASN CB   C  N N 45  
ASN CG   C  N N 46  
ASN OD1  O  N N 47  
ASN ND2  N  N N 48  
ASN OXT  O  N N 49  
ASN H    H  N N 50  
ASN H2   H  N N 51  
ASN HA   H  N N 52  
ASN HB2  H  N N 53  
ASN HB3  H  N N 54  
ASN HD21 H  N N 55  
ASN HD22 H  N N 56  
ASN HXT  H  N N 57  
ASP N    N  N N 58  
ASP CA   C  N S 59  
ASP C    C  N N 60  
ASP O    O  N N 61  
ASP CB   C  N N 62  
ASP CG   C  N N 63  
ASP OD1  O  N N 64  
ASP OD2  O  N N 65  
ASP OXT  O  N N 66  
ASP H    H  N N 67  
ASP H2   H  N N 68  
ASP HA   H  N N 69  
ASP HB2  H  N N 70  
ASP HB3  H  N N 71  
ASP HD2  H  N N 72  
ASP HXT  H  N N 73  
CYS N    N  N N 74  
CYS CA   C  N R 75  
CYS C    C  N N 76  
CYS O    O  N N 77  
CYS CB   C  N N 78  
CYS SG   S  N N 79  
CYS OXT  O  N N 80  
CYS H    H  N N 81  
CYS H2   H  N N 82  
CYS HA   H  N N 83  
CYS HB2  H  N N 84  
CYS HB3  H  N N 85  
CYS HG   H  N N 86  
CYS HXT  H  N N 87  
DTT S1   S  N N 88  
DTT C1   C  N N 89  
DTT C2   C  N R 90  
DTT O2   O  N N 91  
DTT C3   C  N R 92  
DTT O3   O  N N 93  
DTT C4   C  N N 94  
DTT S4   S  N N 95  
DTT HS1  H  N N 96  
DTT H11  H  N N 97  
DTT H12  H  N N 98  
DTT H2   H  N N 99  
DTT HO2  H  N N 100 
DTT H3   H  N N 101 
DTT HO3  H  N N 102 
DTT H41  H  N N 103 
DTT H42  H  N N 104 
DTT HS2  H  N N 105 
FES FE1  FE N N 106 
FES FE2  FE N N 107 
FES S1   S  N N 108 
FES S2   S  N N 109 
GLN N    N  N N 110 
GLN CA   C  N S 111 
GLN C    C  N N 112 
GLN O    O  N N 113 
GLN CB   C  N N 114 
GLN CG   C  N N 115 
GLN CD   C  N N 116 
GLN OE1  O  N N 117 
GLN NE2  N  N N 118 
GLN OXT  O  N N 119 
GLN H    H  N N 120 
GLN H2   H  N N 121 
GLN HA   H  N N 122 
GLN HB2  H  N N 123 
GLN HB3  H  N N 124 
GLN HG2  H  N N 125 
GLN HG3  H  N N 126 
GLN HE21 H  N N 127 
GLN HE22 H  N N 128 
GLN HXT  H  N N 129 
GLU N    N  N N 130 
GLU CA   C  N S 131 
GLU C    C  N N 132 
GLU O    O  N N 133 
GLU CB   C  N N 134 
GLU CG   C  N N 135 
GLU CD   C  N N 136 
GLU OE1  O  N N 137 
GLU OE2  O  N N 138 
GLU OXT  O  N N 139 
GLU H    H  N N 140 
GLU H2   H  N N 141 
GLU HA   H  N N 142 
GLU HB2  H  N N 143 
GLU HB3  H  N N 144 
GLU HG2  H  N N 145 
GLU HG3  H  N N 146 
GLU HE2  H  N N 147 
GLU HXT  H  N N 148 
GLY N    N  N N 149 
GLY CA   C  N N 150 
GLY C    C  N N 151 
GLY O    O  N N 152 
GLY OXT  O  N N 153 
GLY H    H  N N 154 
GLY H2   H  N N 155 
GLY HA2  H  N N 156 
GLY HA3  H  N N 157 
GLY HXT  H  N N 158 
HIS N    N  N N 159 
HIS CA   C  N S 160 
HIS C    C  N N 161 
HIS O    O  N N 162 
HIS CB   C  N N 163 
HIS CG   C  Y N 164 
HIS ND1  N  Y N 165 
HIS CD2  C  Y N 166 
HIS CE1  C  Y N 167 
HIS NE2  N  Y N 168 
HIS OXT  O  N N 169 
HIS H    H  N N 170 
HIS H2   H  N N 171 
HIS HA   H  N N 172 
HIS HB2  H  N N 173 
HIS HB3  H  N N 174 
HIS HD1  H  N N 175 
HIS HD2  H  N N 176 
HIS HE1  H  N N 177 
HIS HE2  H  N N 178 
HIS HXT  H  N N 179 
ILE N    N  N N 180 
ILE CA   C  N S 181 
ILE C    C  N N 182 
ILE O    O  N N 183 
ILE CB   C  N S 184 
ILE CG1  C  N N 185 
ILE CG2  C  N N 186 
ILE CD1  C  N N 187 
ILE OXT  O  N N 188 
ILE H    H  N N 189 
ILE H2   H  N N 190 
ILE HA   H  N N 191 
ILE HB   H  N N 192 
ILE HG12 H  N N 193 
ILE HG13 H  N N 194 
ILE HG21 H  N N 195 
ILE HG22 H  N N 196 
ILE HG23 H  N N 197 
ILE HD11 H  N N 198 
ILE HD12 H  N N 199 
ILE HD13 H  N N 200 
ILE HXT  H  N N 201 
LEU N    N  N N 202 
LEU CA   C  N S 203 
LEU C    C  N N 204 
LEU O    O  N N 205 
LEU CB   C  N N 206 
LEU CG   C  N N 207 
LEU CD1  C  N N 208 
LEU CD2  C  N N 209 
LEU OXT  O  N N 210 
LEU H    H  N N 211 
LEU H2   H  N N 212 
LEU HA   H  N N 213 
LEU HB2  H  N N 214 
LEU HB3  H  N N 215 
LEU HG   H  N N 216 
LEU HD11 H  N N 217 
LEU HD12 H  N N 218 
LEU HD13 H  N N 219 
LEU HD21 H  N N 220 
LEU HD22 H  N N 221 
LEU HD23 H  N N 222 
LEU HXT  H  N N 223 
LYS N    N  N N 224 
LYS CA   C  N S 225 
LYS C    C  N N 226 
LYS O    O  N N 227 
LYS CB   C  N N 228 
LYS CG   C  N N 229 
LYS CD   C  N N 230 
LYS CE   C  N N 231 
LYS NZ   N  N N 232 
LYS OXT  O  N N 233 
LYS H    H  N N 234 
LYS H2   H  N N 235 
LYS HA   H  N N 236 
LYS HB2  H  N N 237 
LYS HB3  H  N N 238 
LYS HG2  H  N N 239 
LYS HG3  H  N N 240 
LYS HD2  H  N N 241 
LYS HD3  H  N N 242 
LYS HE2  H  N N 243 
LYS HE3  H  N N 244 
LYS HZ1  H  N N 245 
LYS HZ2  H  N N 246 
LYS HZ3  H  N N 247 
LYS HXT  H  N N 248 
MET N    N  N N 249 
MET CA   C  N S 250 
MET C    C  N N 251 
MET O    O  N N 252 
MET CB   C  N N 253 
MET CG   C  N N 254 
MET SD   S  N N 255 
MET CE   C  N N 256 
MET OXT  O  N N 257 
MET H    H  N N 258 
MET H2   H  N N 259 
MET HA   H  N N 260 
MET HB2  H  N N 261 
MET HB3  H  N N 262 
MET HG2  H  N N 263 
MET HG3  H  N N 264 
MET HE1  H  N N 265 
MET HE2  H  N N 266 
MET HE3  H  N N 267 
MET HXT  H  N N 268 
PHE N    N  N N 269 
PHE CA   C  N S 270 
PHE C    C  N N 271 
PHE O    O  N N 272 
PHE CB   C  N N 273 
PHE CG   C  Y N 274 
PHE CD1  C  Y N 275 
PHE CD2  C  Y N 276 
PHE CE1  C  Y N 277 
PHE CE2  C  Y N 278 
PHE CZ   C  Y N 279 
PHE OXT  O  N N 280 
PHE H    H  N N 281 
PHE H2   H  N N 282 
PHE HA   H  N N 283 
PHE HB2  H  N N 284 
PHE HB3  H  N N 285 
PHE HD1  H  N N 286 
PHE HD2  H  N N 287 
PHE HE1  H  N N 288 
PHE HE2  H  N N 289 
PHE HZ   H  N N 290 
PHE HXT  H  N N 291 
PRO N    N  N N 292 
PRO CA   C  N S 293 
PRO C    C  N N 294 
PRO O    O  N N 295 
PRO CB   C  N N 296 
PRO CG   C  N N 297 
PRO CD   C  N N 298 
PRO OXT  O  N N 299 
PRO H    H  N N 300 
PRO HA   H  N N 301 
PRO HB2  H  N N 302 
PRO HB3  H  N N 303 
PRO HG2  H  N N 304 
PRO HG3  H  N N 305 
PRO HD2  H  N N 306 
PRO HD3  H  N N 307 
PRO HXT  H  N N 308 
SER N    N  N N 309 
SER CA   C  N S 310 
SER C    C  N N 311 
SER O    O  N N 312 
SER CB   C  N N 313 
SER OG   O  N N 314 
SER OXT  O  N N 315 
SER H    H  N N 316 
SER H2   H  N N 317 
SER HA   H  N N 318 
SER HB2  H  N N 319 
SER HB3  H  N N 320 
SER HG   H  N N 321 
SER HXT  H  N N 322 
THR N    N  N N 323 
THR CA   C  N S 324 
THR C    C  N N 325 
THR O    O  N N 326 
THR CB   C  N R 327 
THR OG1  O  N N 328 
THR CG2  C  N N 329 
THR OXT  O  N N 330 
THR H    H  N N 331 
THR H2   H  N N 332 
THR HA   H  N N 333 
THR HB   H  N N 334 
THR HG1  H  N N 335 
THR HG21 H  N N 336 
THR HG22 H  N N 337 
THR HG23 H  N N 338 
THR HXT  H  N N 339 
TRP N    N  N N 340 
TRP CA   C  N S 341 
TRP C    C  N N 342 
TRP O    O  N N 343 
TRP CB   C  N N 344 
TRP CG   C  Y N 345 
TRP CD1  C  Y N 346 
TRP CD2  C  Y N 347 
TRP NE1  N  Y N 348 
TRP CE2  C  Y N 349 
TRP CE3  C  Y N 350 
TRP CZ2  C  Y N 351 
TRP CZ3  C  Y N 352 
TRP CH2  C  Y N 353 
TRP OXT  O  N N 354 
TRP H    H  N N 355 
TRP H2   H  N N 356 
TRP HA   H  N N 357 
TRP HB2  H  N N 358 
TRP HB3  H  N N 359 
TRP HD1  H  N N 360 
TRP HE1  H  N N 361 
TRP HE3  H  N N 362 
TRP HZ2  H  N N 363 
TRP HZ3  H  N N 364 
TRP HH2  H  N N 365 
TRP HXT  H  N N 366 
TYR N    N  N N 367 
TYR CA   C  N S 368 
TYR C    C  N N 369 
TYR O    O  N N 370 
TYR CB   C  N N 371 
TYR CG   C  Y N 372 
TYR CD1  C  Y N 373 
TYR CD2  C  Y N 374 
TYR CE1  C  Y N 375 
TYR CE2  C  Y N 376 
TYR CZ   C  Y N 377 
TYR OH   O  N N 378 
TYR OXT  O  N N 379 
TYR H    H  N N 380 
TYR H2   H  N N 381 
TYR HA   H  N N 382 
TYR HB2  H  N N 383 
TYR HB3  H  N N 384 
TYR HD1  H  N N 385 
TYR HD2  H  N N 386 
TYR HE1  H  N N 387 
TYR HE2  H  N N 388 
TYR HH   H  N N 389 
TYR HXT  H  N N 390 
VAL N    N  N N 391 
VAL CA   C  N S 392 
VAL C    C  N N 393 
VAL O    O  N N 394 
VAL CB   C  N N 395 
VAL CG1  C  N N 396 
VAL CG2  C  N N 397 
VAL OXT  O  N N 398 
VAL H    H  N N 399 
VAL H2   H  N N 400 
VAL HA   H  N N 401 
VAL HB   H  N N 402 
VAL HG11 H  N N 403 
VAL HG12 H  N N 404 
VAL HG13 H  N N 405 
VAL HG21 H  N N 406 
VAL HG22 H  N N 407 
VAL HG23 H  N N 408 
VAL HXT  H  N N 409 
# 
loop_
_chem_comp_bond.comp_id 
_chem_comp_bond.atom_id_1 
_chem_comp_bond.atom_id_2 
_chem_comp_bond.value_order 
_chem_comp_bond.pdbx_aromatic_flag 
_chem_comp_bond.pdbx_stereo_config 
_chem_comp_bond.pdbx_ordinal 
ALA N   CA   sing N N 1   
ALA N   H    sing N N 2   
ALA N   H2   sing N N 3   
ALA CA  C    sing N N 4   
ALA CA  CB   sing N N 5   
ALA CA  HA   sing N N 6   
ALA C   O    doub N N 7   
ALA C   OXT  sing N N 8   
ALA CB  HB1  sing N N 9   
ALA CB  HB2  sing N N 10  
ALA CB  HB3  sing N N 11  
ALA OXT HXT  sing N N 12  
ARG N   CA   sing N N 13  
ARG N   H    sing N N 14  
ARG N   H2   sing N N 15  
ARG CA  C    sing N N 16  
ARG CA  CB   sing N N 17  
ARG CA  HA   sing N N 18  
ARG C   O    doub N N 19  
ARG C   OXT  sing N N 20  
ARG CB  CG   sing N N 21  
ARG CB  HB2  sing N N 22  
ARG CB  HB3  sing N N 23  
ARG CG  CD   sing N N 24  
ARG CG  HG2  sing N N 25  
ARG CG  HG3  sing N N 26  
ARG CD  NE   sing N N 27  
ARG CD  HD2  sing N N 28  
ARG CD  HD3  sing N N 29  
ARG NE  CZ   sing N N 30  
ARG NE  HE   sing N N 31  
ARG CZ  NH1  sing N N 32  
ARG CZ  NH2  doub N N 33  
ARG NH1 HH11 sing N N 34  
ARG NH1 HH12 sing N N 35  
ARG NH2 HH21 sing N N 36  
ARG NH2 HH22 sing N N 37  
ARG OXT HXT  sing N N 38  
ASN N   CA   sing N N 39  
ASN N   H    sing N N 40  
ASN N   H2   sing N N 41  
ASN CA  C    sing N N 42  
ASN CA  CB   sing N N 43  
ASN CA  HA   sing N N 44  
ASN C   O    doub N N 45  
ASN C   OXT  sing N N 46  
ASN CB  CG   sing N N 47  
ASN CB  HB2  sing N N 48  
ASN CB  HB3  sing N N 49  
ASN CG  OD1  doub N N 50  
ASN CG  ND2  sing N N 51  
ASN ND2 HD21 sing N N 52  
ASN ND2 HD22 sing N N 53  
ASN OXT HXT  sing N N 54  
ASP N   CA   sing N N 55  
ASP N   H    sing N N 56  
ASP N   H2   sing N N 57  
ASP CA  C    sing N N 58  
ASP CA  CB   sing N N 59  
ASP CA  HA   sing N N 60  
ASP C   O    doub N N 61  
ASP C   OXT  sing N N 62  
ASP CB  CG   sing N N 63  
ASP CB  HB2  sing N N 64  
ASP CB  HB3  sing N N 65  
ASP CG  OD1  doub N N 66  
ASP CG  OD2  sing N N 67  
ASP OD2 HD2  sing N N 68  
ASP OXT HXT  sing N N 69  
CYS N   CA   sing N N 70  
CYS N   H    sing N N 71  
CYS N   H2   sing N N 72  
CYS CA  C    sing N N 73  
CYS CA  CB   sing N N 74  
CYS CA  HA   sing N N 75  
CYS C   O    doub N N 76  
CYS C   OXT  sing N N 77  
CYS CB  SG   sing N N 78  
CYS CB  HB2  sing N N 79  
CYS CB  HB3  sing N N 80  
CYS SG  HG   sing N N 81  
CYS OXT HXT  sing N N 82  
DTT S1  C1   sing N N 83  
DTT S1  HS1  sing N N 84  
DTT C1  C2   sing N N 85  
DTT C1  H11  sing N N 86  
DTT C1  H12  sing N N 87  
DTT C2  O2   sing N N 88  
DTT C2  C3   sing N N 89  
DTT C2  H2   sing N N 90  
DTT O2  HO2  sing N N 91  
DTT C3  O3   sing N N 92  
DTT C3  C4   sing N N 93  
DTT C3  H3   sing N N 94  
DTT O3  HO3  sing N N 95  
DTT C4  S4   sing N N 96  
DTT C4  H41  sing N N 97  
DTT C4  H42  sing N N 98  
DTT S4  HS2  sing N N 99  
FES FE1 S1   sing N N 100 
FES FE1 S2   sing N N 101 
FES FE2 S1   sing N N 102 
FES FE2 S2   sing N N 103 
GLN N   CA   sing N N 104 
GLN N   H    sing N N 105 
GLN N   H2   sing N N 106 
GLN CA  C    sing N N 107 
GLN CA  CB   sing N N 108 
GLN CA  HA   sing N N 109 
GLN C   O    doub N N 110 
GLN C   OXT  sing N N 111 
GLN CB  CG   sing N N 112 
GLN CB  HB2  sing N N 113 
GLN CB  HB3  sing N N 114 
GLN CG  CD   sing N N 115 
GLN CG  HG2  sing N N 116 
GLN CG  HG3  sing N N 117 
GLN CD  OE1  doub N N 118 
GLN CD  NE2  sing N N 119 
GLN NE2 HE21 sing N N 120 
GLN NE2 HE22 sing N N 121 
GLN OXT HXT  sing N N 122 
GLU N   CA   sing N N 123 
GLU N   H    sing N N 124 
GLU N   H2   sing N N 125 
GLU CA  C    sing N N 126 
GLU CA  CB   sing N N 127 
GLU CA  HA   sing N N 128 
GLU C   O    doub N N 129 
GLU C   OXT  sing N N 130 
GLU CB  CG   sing N N 131 
GLU CB  HB2  sing N N 132 
GLU CB  HB3  sing N N 133 
GLU CG  CD   sing N N 134 
GLU CG  HG2  sing N N 135 
GLU CG  HG3  sing N N 136 
GLU CD  OE1  doub N N 137 
GLU CD  OE2  sing N N 138 
GLU OE2 HE2  sing N N 139 
GLU OXT HXT  sing N N 140 
GLY N   CA   sing N N 141 
GLY N   H    sing N N 142 
GLY N   H2   sing N N 143 
GLY CA  C    sing N N 144 
GLY CA  HA2  sing N N 145 
GLY CA  HA3  sing N N 146 
GLY C   O    doub N N 147 
GLY C   OXT  sing N N 148 
GLY OXT HXT  sing N N 149 
HIS N   CA   sing N N 150 
HIS N   H    sing N N 151 
HIS N   H2   sing N N 152 
HIS CA  C    sing N N 153 
HIS CA  CB   sing N N 154 
HIS CA  HA   sing N N 155 
HIS C   O    doub N N 156 
HIS C   OXT  sing N N 157 
HIS CB  CG   sing N N 158 
HIS CB  HB2  sing N N 159 
HIS CB  HB3  sing N N 160 
HIS CG  ND1  sing Y N 161 
HIS CG  CD2  doub Y N 162 
HIS ND1 CE1  doub Y N 163 
HIS ND1 HD1  sing N N 164 
HIS CD2 NE2  sing Y N 165 
HIS CD2 HD2  sing N N 166 
HIS CE1 NE2  sing Y N 167 
HIS CE1 HE1  sing N N 168 
HIS NE2 HE2  sing N N 169 
HIS OXT HXT  sing N N 170 
ILE N   CA   sing N N 171 
ILE N   H    sing N N 172 
ILE N   H2   sing N N 173 
ILE CA  C    sing N N 174 
ILE CA  CB   sing N N 175 
ILE CA  HA   sing N N 176 
ILE C   O    doub N N 177 
ILE C   OXT  sing N N 178 
ILE CB  CG1  sing N N 179 
ILE CB  CG2  sing N N 180 
ILE CB  HB   sing N N 181 
ILE CG1 CD1  sing N N 182 
ILE CG1 HG12 sing N N 183 
ILE CG1 HG13 sing N N 184 
ILE CG2 HG21 sing N N 185 
ILE CG2 HG22 sing N N 186 
ILE CG2 HG23 sing N N 187 
ILE CD1 HD11 sing N N 188 
ILE CD1 HD12 sing N N 189 
ILE CD1 HD13 sing N N 190 
ILE OXT HXT  sing N N 191 
LEU N   CA   sing N N 192 
LEU N   H    sing N N 193 
LEU N   H2   sing N N 194 
LEU CA  C    sing N N 195 
LEU CA  CB   sing N N 196 
LEU CA  HA   sing N N 197 
LEU C   O    doub N N 198 
LEU C   OXT  sing N N 199 
LEU CB  CG   sing N N 200 
LEU CB  HB2  sing N N 201 
LEU CB  HB3  sing N N 202 
LEU CG  CD1  sing N N 203 
LEU CG  CD2  sing N N 204 
LEU CG  HG   sing N N 205 
LEU CD1 HD11 sing N N 206 
LEU CD1 HD12 sing N N 207 
LEU CD1 HD13 sing N N 208 
LEU CD2 HD21 sing N N 209 
LEU CD2 HD22 sing N N 210 
LEU CD2 HD23 sing N N 211 
LEU OXT HXT  sing N N 212 
LYS N   CA   sing N N 213 
LYS N   H    sing N N 214 
LYS N   H2   sing N N 215 
LYS CA  C    sing N N 216 
LYS CA  CB   sing N N 217 
LYS CA  HA   sing N N 218 
LYS C   O    doub N N 219 
LYS C   OXT  sing N N 220 
LYS CB  CG   sing N N 221 
LYS CB  HB2  sing N N 222 
LYS CB  HB3  sing N N 223 
LYS CG  CD   sing N N 224 
LYS CG  HG2  sing N N 225 
LYS CG  HG3  sing N N 226 
LYS CD  CE   sing N N 227 
LYS CD  HD2  sing N N 228 
LYS CD  HD3  sing N N 229 
LYS CE  NZ   sing N N 230 
LYS CE  HE2  sing N N 231 
LYS CE  HE3  sing N N 232 
LYS NZ  HZ1  sing N N 233 
LYS NZ  HZ2  sing N N 234 
LYS NZ  HZ3  sing N N 235 
LYS OXT HXT  sing N N 236 
MET N   CA   sing N N 237 
MET N   H    sing N N 238 
MET N   H2   sing N N 239 
MET CA  C    sing N N 240 
MET CA  CB   sing N N 241 
MET CA  HA   sing N N 242 
MET C   O    doub N N 243 
MET C   OXT  sing N N 244 
MET CB  CG   sing N N 245 
MET CB  HB2  sing N N 246 
MET CB  HB3  sing N N 247 
MET CG  SD   sing N N 248 
MET CG  HG2  sing N N 249 
MET CG  HG3  sing N N 250 
MET SD  CE   sing N N 251 
MET CE  HE1  sing N N 252 
MET CE  HE2  sing N N 253 
MET CE  HE3  sing N N 254 
MET OXT HXT  sing N N 255 
PHE N   CA   sing N N 256 
PHE N   H    sing N N 257 
PHE N   H2   sing N N 258 
PHE CA  C    sing N N 259 
PHE CA  CB   sing N N 260 
PHE CA  HA   sing N N 261 
PHE C   O    doub N N 262 
PHE C   OXT  sing N N 263 
PHE CB  CG   sing N N 264 
PHE CB  HB2  sing N N 265 
PHE CB  HB3  sing N N 266 
PHE CG  CD1  doub Y N 267 
PHE CG  CD2  sing Y N 268 
PHE CD1 CE1  sing Y N 269 
PHE CD1 HD1  sing N N 270 
PHE CD2 CE2  doub Y N 271 
PHE CD2 HD2  sing N N 272 
PHE CE1 CZ   doub Y N 273 
PHE CE1 HE1  sing N N 274 
PHE CE2 CZ   sing Y N 275 
PHE CE2 HE2  sing N N 276 
PHE CZ  HZ   sing N N 277 
PHE OXT HXT  sing N N 278 
PRO N   CA   sing N N 279 
PRO N   CD   sing N N 280 
PRO N   H    sing N N 281 
PRO CA  C    sing N N 282 
PRO CA  CB   sing N N 283 
PRO CA  HA   sing N N 284 
PRO C   O    doub N N 285 
PRO C   OXT  sing N N 286 
PRO CB  CG   sing N N 287 
PRO CB  HB2  sing N N 288 
PRO CB  HB3  sing N N 289 
PRO CG  CD   sing N N 290 
PRO CG  HG2  sing N N 291 
PRO CG  HG3  sing N N 292 
PRO CD  HD2  sing N N 293 
PRO CD  HD3  sing N N 294 
PRO OXT HXT  sing N N 295 
SER N   CA   sing N N 296 
SER N   H    sing N N 297 
SER N   H2   sing N N 298 
SER CA  C    sing N N 299 
SER CA  CB   sing N N 300 
SER CA  HA   sing N N 301 
SER C   O    doub N N 302 
SER C   OXT  sing N N 303 
SER CB  OG   sing N N 304 
SER CB  HB2  sing N N 305 
SER CB  HB3  sing N N 306 
SER OG  HG   sing N N 307 
SER OXT HXT  sing N N 308 
THR N   CA   sing N N 309 
THR N   H    sing N N 310 
THR N   H2   sing N N 311 
THR CA  C    sing N N 312 
THR CA  CB   sing N N 313 
THR CA  HA   sing N N 314 
THR C   O    doub N N 315 
THR C   OXT  sing N N 316 
THR CB  OG1  sing N N 317 
THR CB  CG2  sing N N 318 
THR CB  HB   sing N N 319 
THR OG1 HG1  sing N N 320 
THR CG2 HG21 sing N N 321 
THR CG2 HG22 sing N N 322 
THR CG2 HG23 sing N N 323 
THR OXT HXT  sing N N 324 
TRP N   CA   sing N N 325 
TRP N   H    sing N N 326 
TRP N   H2   sing N N 327 
TRP CA  C    sing N N 328 
TRP CA  CB   sing N N 329 
TRP CA  HA   sing N N 330 
TRP C   O    doub N N 331 
TRP C   OXT  sing N N 332 
TRP CB  CG   sing N N 333 
TRP CB  HB2  sing N N 334 
TRP CB  HB3  sing N N 335 
TRP CG  CD1  doub Y N 336 
TRP CG  CD2  sing Y N 337 
TRP CD1 NE1  sing Y N 338 
TRP CD1 HD1  sing N N 339 
TRP CD2 CE2  doub Y N 340 
TRP CD2 CE3  sing Y N 341 
TRP NE1 CE2  sing Y N 342 
TRP NE1 HE1  sing N N 343 
TRP CE2 CZ2  sing Y N 344 
TRP CE3 CZ3  doub Y N 345 
TRP CE3 HE3  sing N N 346 
TRP CZ2 CH2  doub Y N 347 
TRP CZ2 HZ2  sing N N 348 
TRP CZ3 CH2  sing Y N 349 
TRP CZ3 HZ3  sing N N 350 
TRP CH2 HH2  sing N N 351 
TRP OXT HXT  sing N N 352 
TYR N   CA   sing N N 353 
TYR N   H    sing N N 354 
TYR N   H2   sing N N 355 
TYR CA  C    sing N N 356 
TYR CA  CB   sing N N 357 
TYR CA  HA   sing N N 358 
TYR C   O    doub N N 359 
TYR C   OXT  sing N N 360 
TYR CB  CG   sing N N 361 
TYR CB  HB2  sing N N 362 
TYR CB  HB3  sing N N 363 
TYR CG  CD1  doub Y N 364 
TYR CG  CD2  sing Y N 365 
TYR CD1 CE1  sing Y N 366 
TYR CD1 HD1  sing N N 367 
TYR CD2 CE2  doub Y N 368 
TYR CD2 HD2  sing N N 369 
TYR CE1 CZ   doub Y N 370 
TYR CE1 HE1  sing N N 371 
TYR CE2 CZ   sing Y N 372 
TYR CE2 HE2  sing N N 373 
TYR CZ  OH   sing N N 374 
TYR OH  HH   sing N N 375 
TYR OXT HXT  sing N N 376 
VAL N   CA   sing N N 377 
VAL N   H    sing N N 378 
VAL N   H2   sing N N 379 
VAL CA  C    sing N N 380 
VAL CA  CB   sing N N 381 
VAL CA  HA   sing N N 382 
VAL C   O    doub N N 383 
VAL C   OXT  sing N N 384 
VAL CB  CG1  sing N N 385 
VAL CB  CG2  sing N N 386 
VAL CB  HB   sing N N 387 
VAL CG1 HG11 sing N N 388 
VAL CG1 HG12 sing N N 389 
VAL CG1 HG13 sing N N 390 
VAL CG2 HG21 sing N N 391 
VAL CG2 HG22 sing N N 392 
VAL CG2 HG23 sing N N 393 
VAL OXT HXT  sing N N 394 
# 
loop_
_pdbx_entity_nonpoly.entity_id 
_pdbx_entity_nonpoly.name 
_pdbx_entity_nonpoly.comp_id 
2 'FE2/S2 (INORGANIC) CLUSTER'   FES 
3 2,3-DIHYDROXY-1,4-DITHIOBUTANE DTT 
# 
_pdbx_initial_refinement_model.id               1 
_pdbx_initial_refinement_model.entity_id_list   ? 
_pdbx_initial_refinement_model.type             'experimental model' 
_pdbx_initial_refinement_model.source_name      PDB 
_pdbx_initial_refinement_model.accession_code   2ZHG 
_pdbx_initial_refinement_model.details          'PDB ENTRY 2ZHG' 
# 
